data_9CB1
#
_entry.id   9CB1
#
_cell.length_a   1.00
_cell.length_b   1.00
_cell.length_c   1.00
_cell.angle_alpha   90.00
_cell.angle_beta   90.00
_cell.angle_gamma   90.00
#
_symmetry.space_group_name_H-M   'P 1'
#
loop_
_entity.id
_entity.type
_entity.pdbx_description
1 polymer '5-1 Fab Heavy Chain Variable Domain'
2 polymer '5-1 Fab Light Chain Variable Domain'
3 polymer 'Fusion glycoprotein F0'
4 branched 2-acetamido-2-deoxy-beta-D-glucopyranose-(1-4)-2-acetamido-2-deoxy-beta-D-glucopyranose
#
loop_
_entity_poly.entity_id
_entity_poly.type
_entity_poly.pdbx_seq_one_letter_code
_entity_poly.pdbx_strand_id
1 'polypeptide(L)'
;QGQLVQSGPEVKKPGATVKVSCRASAYPFGNYGITWVRQVPGQGLEWVGWISAYTGHTKFPQNFQGRVTLTADTSTSTGY
MELRSLTSDDTAVYYCARGPCCSSPRPYDIWGQGTMVTVSSASTKGPSVFPLAPSSKSTSGGTAALGCLVKDYFPEPVTV
SWNSGALTSGVHTFPAVLQSSGLYSLSSVVTVPSSSLGTQTYICNVNHKPSNTKVDKKV
;
A,B,C
2 'polypeptide(L)'
;DIQMTQSPSTLSASVGDRVTITCRASQSIDDWLAWYQHSPGKAPKLLIYRASRLESGVPSRFSGSGSGTEFTLTISSLQP
DDFASYYCQQCYTYSQTFGQGTRVEIKRTVAAPSVFIFPPSDEQLKSGTASVVCLLNNFYPREAKVQWKVDNALQSGNSQ
ESVTEQDSKDSTYSLSSTLTLSKADYEKHKVYACEVTHQGLSSPVTKSFNRGEC
;
D,E,F
3 'polypeptide(L)'
;MSWKVVIIFSLLITPQHGLKESYLEESCSTITEGYLSVLRTGWYTNVFTLEVGDVENLTCADGPSLIKTELDLTKSALRE
LRTCSADQLAREEQIENPRRRRFVLGAIACGVATAAAVTAGVAIAKCIRLESEVTAIKNCLKKTNECVSTLGCGVRVLAT
AVRELKDFVSKNLTRAINKNKCDIPDLKMAVSFSQFNRRFLNVVRQFSDNAGITPAISKDLMTDAELARAISNMPTSAGQ
IKLMLENRCMVRRKGFGILIGVYGSSVIYMVQLPIFGVIDTPCWIVKAAPSCSEKKGNYACLLREDQGWYCQNAGSTVYY
PCEKDCETRGDHVFCDTAAGINVAEQSKECNINISTTNYPCKVSCGRHPISMVALSPLGALVACYKGVSCSIGSNRVGII
KQLNKGCSYITNQDADTVTIDNTVYQLSKVEGEQHVIKGRPVSSSFDPVKFPQDQFNVALDQCFESIENSQALVDQSNRI
LSSAEKGNTGGGGSGYIPEAPRDGQAYVRKDGEWVLLSTFLGRSLEVLFQGPGHHHHHHHHSAWSHPQFEK
;
G,H,I
#
# COMPACT_ATOMS: atom_id res chain seq x y z
N GLN A 1 22.76 28.50 32.70
CA GLN A 1 21.30 28.59 32.70
C GLN A 1 20.86 29.98 32.24
N GLY A 2 19.77 30.03 31.46
CA GLY A 2 19.29 31.30 30.96
C GLY A 2 18.83 32.23 32.07
N GLN A 3 18.88 33.52 31.77
CA GLN A 3 18.50 34.56 32.72
C GLN A 3 17.58 35.57 32.01
N LEU A 4 16.71 36.19 32.78
CA LEU A 4 15.80 37.23 32.29
C LEU A 4 15.98 38.49 33.11
N VAL A 5 16.18 39.62 32.44
CA VAL A 5 16.32 40.91 33.10
C VAL A 5 15.20 41.81 32.63
N GLN A 6 14.37 42.25 33.58
CA GLN A 6 13.24 43.12 33.33
C GLN A 6 13.61 44.57 33.61
N SER A 7 12.81 45.49 33.08
CA SER A 7 12.99 46.91 33.36
C SER A 7 12.68 47.22 34.83
N GLY A 8 13.15 48.40 35.26
CA GLY A 8 12.93 48.89 36.60
C GLY A 8 11.50 49.33 36.85
N PRO A 9 11.18 49.63 38.11
CA PRO A 9 9.82 50.04 38.45
C PRO A 9 9.42 51.35 37.78
N GLU A 10 8.16 51.42 37.35
CA GLU A 10 7.62 52.60 36.68
C GLU A 10 6.34 53.06 37.35
N VAL A 11 6.20 54.38 37.50
CA VAL A 11 4.98 54.98 38.03
C VAL A 11 4.37 55.83 36.92
N LYS A 12 3.11 55.57 36.59
CA LYS A 12 2.43 56.29 35.53
C LYS A 12 1.05 56.76 36.00
N LYS A 13 0.56 57.81 35.34
CA LYS A 13 -0.76 58.35 35.67
C LYS A 13 -1.86 57.54 34.97
N PRO A 14 -3.06 57.51 35.55
CA PRO A 14 -4.18 56.79 34.94
C PRO A 14 -4.43 57.17 33.48
N GLY A 15 -4.81 56.17 32.69
CA GLY A 15 -5.10 56.33 31.28
C GLY A 15 -3.91 56.32 30.34
N ALA A 16 -2.69 56.44 30.85
CA ALA A 16 -1.52 56.43 29.99
C ALA A 16 -1.26 55.01 29.47
N THR A 17 -0.30 54.90 28.56
CA THR A 17 0.15 53.62 28.06
C THR A 17 1.57 53.38 28.53
N VAL A 18 1.85 52.17 29.02
CA VAL A 18 3.17 51.78 29.51
C VAL A 18 3.71 50.65 28.65
N LYS A 19 5.02 50.68 28.42
CA LYS A 19 5.74 49.65 27.66
C LYS A 19 6.81 49.05 28.56
N VAL A 20 6.71 47.75 28.81
CA VAL A 20 7.63 47.01 29.68
C VAL A 20 8.54 46.16 28.82
N SER A 21 9.83 46.12 29.18
CA SER A 21 10.84 45.36 28.47
C SER A 21 11.22 44.10 29.24
N CYS A 22 11.67 43.09 28.48
CA CYS A 22 12.12 41.81 29.03
C CYS A 22 13.30 41.31 28.18
N ARG A 23 14.51 41.43 28.72
CA ARG A 23 15.72 41.00 28.01
C ARG A 23 16.11 39.58 28.41
N ALA A 24 16.23 38.71 27.40
CA ALA A 24 16.63 37.32 27.62
C ALA A 24 18.14 37.20 27.48
N SER A 25 18.72 36.30 28.26
CA SER A 25 20.15 36.05 28.18
C SER A 25 20.49 34.60 28.50
N ALA A 26 21.70 34.20 28.06
CA ALA A 26 22.27 32.87 28.26
C ALA A 26 21.43 31.71 27.73
N TYR A 27 20.52 31.93 26.78
CA TYR A 27 19.80 30.79 26.23
C TYR A 27 19.35 31.11 24.82
N PRO A 28 19.07 30.10 23.99
CA PRO A 28 18.62 30.36 22.61
C PRO A 28 17.18 30.85 22.57
N PHE A 29 17.05 32.17 22.71
CA PHE A 29 15.77 32.87 22.71
C PHE A 29 14.86 32.42 21.57
N GLY A 30 15.38 32.31 20.36
CA GLY A 30 14.54 31.98 19.21
C GLY A 30 13.90 30.62 19.23
N ASN A 31 14.23 29.77 20.21
CA ASN A 31 13.63 28.45 20.31
C ASN A 31 12.50 28.36 21.32
N TYR A 32 12.15 29.46 21.98
CA TYR A 32 11.10 29.44 22.99
C TYR A 32 10.08 30.56 22.79
N GLY A 33 9.15 30.70 23.72
CA GLY A 33 8.20 31.80 23.74
C GLY A 33 8.30 32.54 25.06
N ILE A 34 7.70 33.73 25.09
CA ILE A 34 7.65 34.54 26.30
C ILE A 34 6.20 34.67 26.77
N THR A 35 5.95 34.24 28.00
CA THR A 35 4.64 34.39 28.64
C THR A 35 4.72 35.53 29.66
N TRP A 36 3.66 36.30 29.77
CA TRP A 36 3.59 37.39 30.73
C TRP A 36 2.57 37.10 31.81
N VAL A 37 3.00 37.22 33.08
CA VAL A 37 2.17 36.96 34.24
C VAL A 37 2.30 38.15 35.18
N ARG A 38 1.19 38.58 35.78
CA ARG A 38 1.21 39.68 36.73
C ARG A 38 0.69 39.20 38.08
N GLN A 39 1.07 39.92 39.13
CA GLN A 39 0.59 39.69 40.48
C GLN A 39 0.07 41.01 41.05
N VAL A 40 -1.24 41.15 41.14
CA VAL A 40 -1.83 42.33 41.77
C VAL A 40 -1.63 42.24 43.27
N PRO A 41 -1.28 43.33 43.96
CA PRO A 41 -1.10 43.27 45.41
C PRO A 41 -2.30 42.63 46.09
N GLY A 42 -2.02 41.63 46.91
CA GLY A 42 -3.06 40.89 47.61
C GLY A 42 -3.78 39.87 46.76
N GLN A 43 -3.47 39.78 45.46
CA GLN A 43 -4.09 38.80 44.59
C GLN A 43 -3.09 37.73 44.18
N GLY A 44 -3.59 36.71 43.48
CA GLY A 44 -2.79 35.62 42.99
C GLY A 44 -2.12 35.92 41.67
N LEU A 45 -1.57 34.87 41.07
CA LEU A 45 -0.89 34.96 39.79
C LEU A 45 -1.94 34.96 38.67
N GLU A 46 -1.82 35.91 37.74
CA GLU A 46 -2.75 36.04 36.63
C GLU A 46 -1.99 36.04 35.32
N TRP A 47 -2.43 35.21 34.37
CA TRP A 47 -1.80 35.18 33.07
C TRP A 47 -2.16 36.44 32.28
N VAL A 48 -1.14 37.08 31.70
CA VAL A 48 -1.32 38.30 30.94
C VAL A 48 -1.31 38.04 29.43
N GLY A 49 -0.45 37.14 28.97
CA GLY A 49 -0.37 36.85 27.55
C GLY A 49 0.86 36.03 27.24
N TRP A 50 0.92 35.58 25.99
CA TRP A 50 2.04 34.78 25.52
C TRP A 50 2.37 35.16 24.09
N ILE A 51 3.67 35.13 23.76
CA ILE A 51 4.14 35.37 22.40
C ILE A 51 5.17 34.30 22.04
N SER A 52 5.02 33.71 20.86
CA SER A 52 6.01 32.77 20.34
C SER A 52 7.16 33.53 19.70
N ALA A 53 8.38 33.32 20.19
CA ALA A 53 9.48 34.00 19.52
C ALA A 53 9.83 33.34 18.18
N TYR A 54 9.32 32.14 17.93
CA TYR A 54 9.60 31.44 16.68
C TYR A 54 8.64 31.86 15.58
N THR A 55 7.33 31.91 15.89
CA THR A 55 6.31 32.27 14.92
C THR A 55 5.70 33.64 15.13
N GLY A 56 5.88 34.25 16.30
CA GLY A 56 5.24 35.52 16.54
C GLY A 56 3.76 35.47 16.85
N HIS A 57 3.14 34.28 16.86
CA HIS A 57 1.72 34.22 17.18
C HIS A 57 1.48 34.63 18.61
N THR A 58 0.31 35.25 18.85
CA THR A 58 -0.08 35.71 20.17
C THR A 58 -1.47 35.22 20.55
N LYS A 59 -1.67 35.06 21.84
CA LYS A 59 -2.94 34.70 22.46
C LYS A 59 -3.09 35.51 23.73
N PHE A 60 -4.31 35.94 24.03
CA PHE A 60 -4.53 36.76 25.21
C PHE A 60 -5.80 36.35 25.94
N PRO A 61 -5.82 36.48 27.26
CA PRO A 61 -7.05 36.27 28.01
C PRO A 61 -8.05 37.38 27.72
N GLN A 62 -9.31 37.10 28.06
CA GLN A 62 -10.40 38.02 27.75
C GLN A 62 -10.24 39.39 28.40
N ASN A 63 -9.68 39.46 29.61
CA ASN A 63 -9.55 40.78 30.23
C ASN A 63 -8.43 41.61 29.61
N PHE A 64 -7.49 40.98 28.91
CA PHE A 64 -6.41 41.67 28.23
C PHE A 64 -6.55 41.70 26.71
N GLN A 65 -7.53 41.01 26.15
CA GLN A 65 -7.78 41.03 24.71
C GLN A 65 -7.93 42.46 24.18
N GLY A 66 -7.12 42.77 23.17
CA GLY A 66 -7.11 44.08 22.56
C GLY A 66 -6.37 45.16 23.31
N ARG A 67 -6.12 44.96 24.61
CA ARG A 67 -5.40 45.96 25.40
C ARG A 67 -3.89 45.81 25.36
N VAL A 68 -3.38 44.59 25.25
CA VAL A 68 -1.94 44.32 25.25
C VAL A 68 -1.43 44.05 23.85
N THR A 69 -0.28 44.64 23.54
CA THR A 69 0.45 44.38 22.29
C THR A 69 1.81 43.79 22.68
N LEU A 70 2.10 42.62 22.15
CA LEU A 70 3.36 41.92 22.41
C LEU A 70 4.25 41.88 21.18
N THR A 71 5.54 42.07 21.40
CA THR A 71 6.56 42.00 20.35
C THR A 71 7.73 41.20 20.88
N ALA A 72 8.40 40.49 19.99
CA ALA A 72 9.56 39.68 20.34
C ALA A 72 10.65 39.87 19.30
N ASP A 73 11.74 40.52 19.69
CA ASP A 73 12.88 40.74 18.80
C ASP A 73 13.87 39.60 19.00
N THR A 74 13.94 38.71 18.01
CA THR A 74 14.86 37.58 18.05
C THR A 74 16.31 37.99 17.84
N SER A 75 16.54 39.14 17.20
CA SER A 75 17.89 39.61 16.96
C SER A 75 18.55 40.08 18.24
N THR A 76 17.80 40.75 19.12
CA THR A 76 18.31 41.21 20.40
C THR A 76 17.87 40.34 21.56
N SER A 77 17.09 39.29 21.31
CA SER A 77 16.58 38.41 22.37
C SER A 77 15.88 39.21 23.47
N THR A 78 15.12 40.23 23.07
CA THR A 78 14.43 41.08 24.03
C THR A 78 12.95 41.17 23.68
N GLY A 79 12.11 40.85 24.66
CA GLY A 79 10.67 40.95 24.53
C GLY A 79 10.18 42.24 25.15
N TYR A 80 9.09 42.79 24.60
CA TYR A 80 8.45 43.96 25.18
C TYR A 80 6.95 43.75 25.31
N MET A 81 6.41 44.19 26.43
CA MET A 81 4.97 44.13 26.71
C MET A 81 4.46 45.55 26.88
N GLU A 82 3.46 45.93 26.08
CA GLU A 82 2.85 47.25 26.15
C GLU A 82 1.40 47.12 26.57
N LEU A 83 1.07 47.68 27.73
CA LEU A 83 -0.28 47.62 28.29
C LEU A 83 -0.95 48.98 28.12
N ARG A 84 -2.11 48.97 27.48
CA ARG A 84 -2.89 50.17 27.18
C ARG A 84 -4.06 50.35 28.14
N SER A 85 -4.57 51.57 28.17
CA SER A 85 -5.72 51.97 29.00
C SER A 85 -5.51 51.61 30.46
N LEU A 86 -4.36 52.02 30.99
CA LEU A 86 -4.00 51.75 32.37
C LEU A 86 -5.01 52.37 33.35
N THR A 87 -5.34 51.62 34.40
CA THR A 87 -6.19 52.11 35.47
C THR A 87 -5.42 52.01 36.78
N SER A 88 -5.91 52.71 37.80
CA SER A 88 -5.26 52.65 39.12
C SER A 88 -5.17 51.21 39.63
N ASP A 89 -6.16 50.39 39.32
CA ASP A 89 -6.24 49.01 39.78
C ASP A 89 -5.24 48.10 39.07
N ASP A 90 -4.63 48.58 37.99
CA ASP A 90 -3.62 47.82 37.26
C ASP A 90 -2.23 47.92 37.89
N THR A 91 -2.09 48.62 39.01
CA THR A 91 -0.81 48.70 39.71
C THR A 91 -0.43 47.33 40.23
N ALA A 92 0.60 46.72 39.64
CA ALA A 92 0.98 45.35 39.98
C ALA A 92 2.38 45.07 39.43
N VAL A 93 2.96 43.97 39.91
CA VAL A 93 4.23 43.48 39.40
C VAL A 93 3.96 42.58 38.19
N TYR A 94 4.54 42.93 37.04
CA TYR A 94 4.39 42.17 35.82
C TYR A 94 5.67 41.36 35.60
N TYR A 95 5.52 40.03 35.46
CA TYR A 95 6.65 39.15 35.22
C TYR A 95 6.61 38.56 33.83
N CYS A 96 7.75 38.57 33.16
CA CYS A 96 7.94 37.84 31.90
C CYS A 96 8.57 36.49 32.21
N ALA A 97 8.15 35.46 31.50
CA ALA A 97 8.69 34.12 31.71
C ALA A 97 8.82 33.38 30.40
N ARG A 98 9.75 32.42 30.36
CA ARG A 98 10.00 31.62 29.17
C ARG A 98 8.84 30.65 29.01
N GLY A 99 7.95 30.95 28.06
CA GLY A 99 6.81 30.10 27.79
C GLY A 99 7.08 29.10 26.70
N PRO A 100 6.05 28.36 26.31
CA PRO A 100 6.21 27.36 25.24
C PRO A 100 6.42 27.99 23.88
N CYS A 101 7.07 27.22 23.01
CA CYS A 101 7.27 27.67 21.63
C CYS A 101 5.98 27.64 20.87
N CYS A 102 5.07 26.76 21.28
CA CYS A 102 3.99 26.39 20.40
C CYS A 102 2.70 26.24 21.20
N SER A 103 1.75 25.44 20.70
CA SER A 103 0.47 25.32 21.39
C SER A 103 0.53 24.41 22.61
N SER A 104 1.57 23.58 22.74
CA SER A 104 1.63 22.69 23.90
C SER A 104 2.03 23.47 25.15
N PRO A 105 1.24 23.41 26.21
CA PRO A 105 1.60 24.11 27.45
C PRO A 105 2.81 23.48 28.12
N ARG A 106 3.50 24.28 28.91
CA ARG A 106 4.66 23.80 29.65
C ARG A 106 4.84 24.67 30.89
N PRO A 107 5.49 24.14 31.93
CA PRO A 107 5.88 24.98 33.06
C PRO A 107 6.94 26.01 32.66
N TYR A 108 6.92 27.14 33.36
CA TYR A 108 7.85 28.25 33.14
C TYR A 108 9.07 28.06 34.01
N ASP A 109 10.21 27.74 33.38
CA ASP A 109 11.44 27.39 34.08
C ASP A 109 12.43 28.55 34.23
N ILE A 110 12.22 29.68 33.58
CA ILE A 110 13.07 30.85 33.73
C ILE A 110 12.18 32.07 34.01
N TRP A 111 12.54 32.82 35.06
CA TRP A 111 11.76 33.99 35.44
C TRP A 111 12.62 35.24 35.53
N GLY A 112 12.02 36.37 35.16
CA GLY A 112 12.65 37.67 35.31
C GLY A 112 12.61 38.16 36.75
N GLN A 113 13.41 39.17 37.05
CA GLN A 113 13.41 39.70 38.42
C GLN A 113 12.12 40.43 38.77
N GLY A 114 11.27 40.71 37.80
CA GLY A 114 10.00 41.38 38.02
C GLY A 114 10.08 42.89 37.94
N THR A 115 9.02 43.50 37.42
CA THR A 115 8.91 44.95 37.26
C THR A 115 7.67 45.45 37.98
N MET A 116 7.88 46.31 38.98
CA MET A 116 6.80 46.95 39.69
C MET A 116 6.21 48.08 38.85
N VAL A 117 4.95 47.96 38.48
CA VAL A 117 4.27 48.99 37.69
C VAL A 117 3.24 49.66 38.59
N THR A 118 3.41 50.95 38.82
CA THR A 118 2.53 51.72 39.69
C THR A 118 1.70 52.70 38.87
N VAL A 119 0.39 52.65 39.04
CA VAL A 119 -0.48 53.56 38.29
C VAL A 119 -0.95 54.67 39.22
N GLN B 1 10.95 -47.49 0.44
CA GLN B 1 11.35 -46.87 1.69
C GLN B 1 12.88 -46.89 1.82
N GLY B 2 13.44 -45.80 2.33
CA GLY B 2 14.87 -45.73 2.51
C GLY B 2 15.40 -46.71 3.55
N GLN B 3 16.69 -47.01 3.41
CA GLN B 3 17.38 -47.92 4.32
C GLN B 3 18.69 -47.29 4.78
N LEU B 4 19.10 -47.64 5.99
CA LEU B 4 20.35 -47.18 6.57
C LEU B 4 21.21 -48.37 6.97
N VAL B 5 22.46 -48.38 6.53
CA VAL B 5 23.39 -49.46 6.86
C VAL B 5 24.55 -48.86 7.63
N GLN B 6 24.74 -49.32 8.85
CA GLN B 6 25.80 -48.88 9.75
C GLN B 6 26.98 -49.85 9.71
N SER B 7 28.14 -49.37 10.16
CA SER B 7 29.31 -50.22 10.23
C SER B 7 29.16 -51.29 11.31
N GLY B 8 30.02 -52.31 11.21
CA GLY B 8 30.05 -53.41 12.15
C GLY B 8 30.56 -53.04 13.53
N PRO B 9 30.45 -53.97 14.48
CA PRO B 9 30.91 -53.70 15.85
C PRO B 9 32.41 -53.42 15.91
N GLU B 10 32.79 -52.49 16.78
CA GLU B 10 34.18 -52.08 16.94
C GLU B 10 34.60 -52.14 18.40
N VAL B 11 35.80 -52.64 18.65
CA VAL B 11 36.37 -52.68 20.00
C VAL B 11 37.62 -51.80 19.98
N LYS B 12 37.67 -50.82 20.87
CA LYS B 12 38.80 -49.89 20.94
C LYS B 12 39.29 -49.75 22.37
N LYS B 13 40.56 -49.35 22.49
CA LYS B 13 41.17 -49.11 23.78
C LYS B 13 40.80 -47.72 24.31
N PRO B 14 40.78 -47.55 25.64
CA PRO B 14 40.48 -46.23 26.21
C PRO B 14 41.34 -45.11 25.66
N GLY B 15 40.72 -43.94 25.49
CA GLY B 15 41.37 -42.75 24.99
C GLY B 15 41.53 -42.66 23.49
N ALA B 16 41.32 -43.75 22.76
CA ALA B 16 41.45 -43.72 21.31
C ALA B 16 40.28 -42.93 20.69
N THR B 17 40.38 -42.71 19.39
CA THR B 17 39.33 -42.06 18.62
C THR B 17 38.73 -43.07 17.66
N VAL B 18 37.40 -43.12 17.59
CA VAL B 18 36.68 -44.02 16.71
C VAL B 18 35.88 -43.21 15.70
N LYS B 19 35.79 -43.72 14.47
CA LYS B 19 35.00 -43.12 13.40
C LYS B 19 33.97 -44.14 12.94
N VAL B 20 32.69 -43.79 13.08
CA VAL B 20 31.58 -44.66 12.73
C VAL B 20 30.93 -44.15 11.45
N SER B 21 30.59 -45.07 10.55
CA SER B 21 29.96 -44.76 9.28
C SER B 21 28.46 -45.09 9.30
N CYS B 22 27.72 -44.37 8.46
CA CYS B 22 26.28 -44.53 8.28
C CYS B 22 25.93 -44.29 6.81
N ARG B 23 25.68 -45.36 6.06
CA ARG B 23 25.36 -45.26 4.64
C ARG B 23 23.85 -45.21 4.43
N ALA B 24 23.38 -44.17 3.75
CA ALA B 24 21.98 -44.00 3.41
C ALA B 24 21.69 -44.60 2.04
N SER B 25 20.50 -45.17 1.90
CA SER B 25 20.11 -45.75 0.62
C SER B 25 18.60 -45.64 0.42
N ALA B 26 18.19 -45.78 -0.85
CA ALA B 26 16.80 -45.75 -1.30
C ALA B 26 16.03 -44.48 -0.94
N TYR B 27 16.70 -43.35 -0.67
CA TYR B 27 15.94 -42.13 -0.45
C TYR B 27 16.82 -40.94 -0.81
N PRO B 28 16.22 -39.78 -1.11
CA PRO B 28 17.02 -38.59 -1.45
C PRO B 28 17.70 -37.99 -0.24
N PHE B 29 18.89 -38.52 0.02
CA PHE B 29 19.73 -38.13 1.14
C PHE B 29 19.86 -36.63 1.30
N GLY B 30 20.10 -35.91 0.20
CA GLY B 30 20.32 -34.47 0.30
C GLY B 30 19.14 -33.65 0.77
N ASN B 31 17.96 -34.25 0.93
CA ASN B 31 16.79 -33.52 1.40
C ASN B 31 16.53 -33.68 2.89
N TYR B 32 17.38 -34.40 3.62
CA TYR B 32 17.16 -34.60 5.05
C TYR B 32 18.42 -34.35 5.87
N GLY B 33 18.35 -34.62 7.18
CA GLY B 33 19.50 -34.56 8.05
C GLY B 33 19.73 -35.91 8.71
N ILE B 34 20.90 -36.06 9.32
CA ILE B 34 21.24 -37.27 10.06
C ILE B 34 21.41 -36.95 11.54
N THR B 35 20.63 -37.63 12.38
CA THR B 35 20.73 -37.50 13.83
C THR B 35 21.41 -38.75 14.37
N TRP B 36 22.25 -38.58 15.39
CA TRP B 36 22.92 -39.70 16.05
C TRP B 36 22.40 -39.88 17.47
N VAL B 37 22.00 -41.12 17.79
CA VAL B 37 21.47 -41.48 19.09
C VAL B 37 22.21 -42.72 19.57
N ARG B 38 22.55 -42.75 20.86
CA ARG B 38 23.23 -43.90 21.43
C ARG B 38 22.40 -44.50 22.57
N GLN B 39 22.65 -45.77 22.85
CA GLN B 39 22.05 -46.47 23.98
C GLN B 39 23.15 -47.15 24.78
N VAL B 40 23.43 -46.60 25.95
CA VAL B 40 24.39 -47.24 26.87
C VAL B 40 23.73 -48.47 27.48
N PRO B 41 24.43 -49.60 27.61
CA PRO B 41 23.83 -50.79 28.22
C PRO B 41 23.15 -50.46 29.54
N GLY B 42 21.89 -50.85 29.65
CA GLY B 42 21.10 -50.58 30.84
C GLY B 42 20.55 -49.17 30.92
N GLN B 43 20.88 -48.29 29.98
CA GLN B 43 20.37 -46.94 29.97
C GLN B 43 19.38 -46.75 28.82
N GLY B 44 18.76 -45.57 28.81
CA GLY B 44 17.81 -45.20 27.77
C GLY B 44 18.49 -44.65 26.53
N LEU B 45 17.66 -44.08 25.67
CA LEU B 45 18.15 -43.47 24.43
C LEU B 45 18.67 -42.07 24.73
N GLU B 46 19.88 -41.77 24.25
CA GLU B 46 20.50 -40.47 24.45
C GLU B 46 20.85 -39.85 23.10
N TRP B 47 20.46 -38.60 22.89
CA TRP B 47 20.81 -37.90 21.67
C TRP B 47 22.29 -37.57 21.65
N VAL B 48 22.95 -37.88 20.54
CA VAL B 48 24.37 -37.63 20.38
C VAL B 48 24.65 -36.39 19.56
N GLY B 49 23.87 -36.14 18.51
CA GLY B 49 24.10 -34.98 17.67
C GLY B 49 23.28 -35.08 16.41
N TRP B 50 23.31 -33.99 15.65
CA TRP B 50 22.58 -33.90 14.39
C TRP B 50 23.41 -33.13 13.37
N ILE B 51 23.30 -33.54 12.11
CA ILE B 51 23.92 -32.82 11.00
C ILE B 51 22.91 -32.66 9.88
N SER B 52 22.83 -31.45 9.32
CA SER B 52 21.99 -31.20 8.16
C SER B 52 22.74 -31.62 6.90
N ALA B 53 22.19 -32.58 6.15
CA ALA B 53 22.86 -32.90 4.91
C ALA B 53 22.69 -31.83 3.84
N TYR B 54 21.75 -30.90 4.04
CA TYR B 54 21.53 -29.84 3.07
C TYR B 54 22.48 -28.67 3.32
N THR B 55 22.60 -28.23 4.58
CA THR B 55 23.43 -27.10 4.92
C THR B 55 24.71 -27.45 5.65
N GLY B 56 24.85 -28.68 6.15
CA GLY B 56 26.03 -29.00 6.92
C GLY B 56 26.08 -28.47 8.32
N HIS B 57 25.07 -27.72 8.77
CA HIS B 57 25.10 -27.20 10.13
C HIS B 57 25.01 -28.34 11.14
N THR B 58 25.66 -28.14 12.28
CA THR B 58 25.66 -29.11 13.37
C THR B 58 25.29 -28.48 14.69
N LYS B 59 24.71 -29.30 15.55
CA LYS B 59 24.35 -28.96 16.93
C LYS B 59 24.67 -30.17 17.79
N PHE B 60 25.17 -29.93 18.99
CA PHE B 60 25.52 -31.03 19.88
C PHE B 60 25.08 -30.75 21.31
N PRO B 61 24.72 -31.80 22.05
CA PRO B 61 24.44 -31.63 23.48
C PRO B 61 25.73 -31.34 24.23
N GLN B 62 25.57 -30.82 25.45
CA GLN B 62 26.72 -30.39 26.22
C GLN B 62 27.70 -31.51 26.55
N ASN B 63 27.22 -32.75 26.73
CA ASN B 63 28.17 -33.82 27.03
C ASN B 63 29.00 -34.24 25.82
N PHE B 64 28.55 -33.92 24.60
CA PHE B 64 29.29 -34.22 23.38
C PHE B 64 29.89 -32.99 22.71
N GLN B 65 29.57 -31.78 23.18
CA GLN B 65 30.14 -30.57 22.61
C GLN B 65 31.67 -30.61 22.58
N GLY B 66 32.22 -30.38 21.38
CA GLY B 66 33.64 -30.44 21.16
C GLY B 66 34.24 -31.82 21.00
N ARG B 67 33.56 -32.86 21.46
CA ARG B 67 34.07 -34.23 21.36
C ARG B 67 33.72 -34.91 20.05
N VAL B 68 32.57 -34.62 19.47
CA VAL B 68 32.10 -35.27 18.24
C VAL B 68 32.25 -34.35 17.04
N THR B 69 32.73 -34.90 15.94
CA THR B 69 32.80 -34.22 14.64
C THR B 69 31.94 -35.01 13.67
N LEU B 70 30.97 -34.34 13.06
CA LEU B 70 30.06 -34.94 12.09
C LEU B 70 30.32 -34.42 10.68
N THR B 71 30.25 -35.33 9.71
CA THR B 71 30.41 -35.01 8.31
C THR B 71 29.33 -35.76 7.54
N ALA B 72 28.89 -35.16 6.43
CA ALA B 72 27.85 -35.74 5.58
C ALA B 72 28.29 -35.67 4.12
N ASP B 73 28.56 -36.82 3.52
CA ASP B 73 28.95 -36.89 2.12
C ASP B 73 27.68 -37.08 1.30
N THR B 74 27.25 -36.01 0.63
CA THR B 74 26.06 -36.05 -0.22
C THR B 74 26.31 -36.81 -1.51
N SER B 75 27.57 -36.93 -1.95
CA SER B 75 27.86 -37.64 -3.19
C SER B 75 27.67 -39.15 -3.02
N THR B 76 28.04 -39.69 -1.86
CA THR B 76 27.84 -41.11 -1.58
C THR B 76 26.67 -41.38 -0.65
N SER B 77 25.98 -40.33 -0.20
CA SER B 77 24.87 -40.47 0.75
C SER B 77 25.30 -41.24 1.99
N THR B 78 26.49 -40.95 2.50
CA THR B 78 27.02 -41.65 3.66
C THR B 78 27.41 -40.65 4.74
N GLY B 79 26.86 -40.86 5.94
CA GLY B 79 27.20 -40.06 7.10
C GLY B 79 28.27 -40.75 7.93
N TYR B 80 29.12 -39.95 8.57
CA TYR B 80 30.12 -40.49 9.48
C TYR B 80 30.11 -39.74 10.81
N MET B 81 30.25 -40.50 11.89
CA MET B 81 30.32 -39.95 13.24
C MET B 81 31.67 -40.32 13.84
N GLU B 82 32.43 -39.32 14.26
CA GLU B 82 33.74 -39.53 14.89
C GLU B 82 33.67 -39.05 16.33
N LEU B 83 33.82 -39.98 17.27
CA LEU B 83 33.79 -39.70 18.70
C LEU B 83 35.21 -39.76 19.26
N ARG B 84 35.64 -38.67 19.89
CA ARG B 84 36.97 -38.52 20.45
C ARG B 84 36.98 -38.73 21.96
N SER B 85 38.19 -38.98 22.48
CA SER B 85 38.44 -39.18 23.91
C SER B 85 37.54 -40.25 24.51
N LEU B 86 37.51 -41.41 23.85
CA LEU B 86 36.70 -42.53 24.29
C LEU B 86 37.08 -42.98 25.70
N THR B 87 36.07 -43.31 26.49
CA THR B 87 36.27 -43.85 27.83
C THR B 87 35.60 -45.22 27.90
N SER B 88 35.93 -46.00 28.93
CA SER B 88 35.33 -47.31 29.10
C SER B 88 33.80 -47.22 29.17
N ASP B 89 33.30 -46.14 29.77
CA ASP B 89 31.87 -45.92 29.95
C ASP B 89 31.16 -45.57 28.66
N ASP B 90 31.89 -45.24 27.60
CA ASP B 90 31.31 -44.94 26.29
C ASP B 90 30.97 -46.18 25.48
N THR B 91 31.20 -47.37 26.02
CA THR B 91 30.85 -48.61 25.33
C THR B 91 29.33 -48.69 25.19
N ALA B 92 28.82 -48.51 23.96
CA ALA B 92 27.38 -48.45 23.75
C ALA B 92 27.08 -48.64 22.28
N VAL B 93 25.80 -48.89 21.99
CA VAL B 93 25.29 -48.98 20.63
C VAL B 93 24.94 -47.58 20.14
N TYR B 94 25.58 -47.15 19.06
CA TYR B 94 25.33 -45.84 18.46
C TYR B 94 24.47 -46.03 17.21
N TYR B 95 23.33 -45.35 17.17
CA TYR B 95 22.43 -45.40 16.03
C TYR B 95 22.40 -44.09 15.28
N CYS B 96 22.46 -44.17 13.95
CA CYS B 96 22.23 -43.02 13.08
C CYS B 96 20.78 -43.07 12.60
N ALA B 97 20.15 -41.90 12.48
CA ALA B 97 18.77 -41.83 12.04
C ALA B 97 18.56 -40.61 11.16
N ARG B 98 17.54 -40.70 10.30
CA ARG B 98 17.18 -39.60 9.40
C ARG B 98 16.52 -38.51 10.22
N GLY B 99 17.28 -37.45 10.48
CA GLY B 99 16.77 -36.33 11.25
C GLY B 99 16.20 -35.22 10.39
N PRO B 100 15.84 -34.12 11.04
CA PRO B 100 15.26 -32.99 10.31
C PRO B 100 16.28 -32.29 9.42
N CYS B 101 15.76 -31.66 8.36
CA CYS B 101 16.61 -30.89 7.46
C CYS B 101 17.06 -29.61 8.12
N CYS B 102 16.26 -29.10 9.04
CA CYS B 102 16.41 -27.72 9.44
C CYS B 102 16.17 -27.64 10.95
N SER B 103 15.79 -26.45 11.42
CA SER B 103 15.58 -26.26 12.86
C SER B 103 14.28 -26.87 13.37
N SER B 104 13.35 -27.20 12.49
CA SER B 104 12.09 -27.80 12.95
C SER B 104 12.29 -29.26 13.31
N PRO B 105 11.97 -29.68 14.53
CA PRO B 105 12.14 -31.09 14.90
C PRO B 105 11.16 -31.98 14.17
N ARG B 106 11.52 -33.25 14.07
CA ARG B 106 10.65 -34.26 13.46
C ARG B 106 10.97 -35.62 14.05
N PRO B 107 10.01 -36.53 14.07
CA PRO B 107 10.31 -37.92 14.45
C PRO B 107 11.21 -38.59 13.42
N TYR B 108 11.99 -39.55 13.90
CA TYR B 108 12.92 -40.33 13.08
C TYR B 108 12.21 -41.55 12.51
N ASP B 109 11.97 -41.53 11.20
CA ASP B 109 11.23 -42.58 10.50
C ASP B 109 12.11 -43.62 9.82
N ILE B 110 13.42 -43.42 9.74
CA ILE B 110 14.35 -44.42 9.20
C ILE B 110 15.49 -44.61 10.17
N TRP B 111 15.80 -45.88 10.50
CA TRP B 111 16.85 -46.20 11.45
C TRP B 111 17.84 -47.20 10.86
N GLY B 112 19.12 -47.02 11.22
CA GLY B 112 20.17 -47.95 10.87
C GLY B 112 20.12 -49.21 11.72
N GLN B 113 20.83 -50.26 11.27
CA GLN B 113 20.79 -51.50 12.03
C GLN B 113 21.54 -51.40 13.36
N GLY B 114 22.29 -50.32 13.58
CA GLY B 114 23.02 -50.11 14.83
C GLY B 114 24.42 -50.68 14.81
N THR B 115 25.33 -49.96 15.48
CA THR B 115 26.73 -50.34 15.59
C THR B 115 27.13 -50.43 17.05
N MET B 116 27.54 -51.62 17.48
CA MET B 116 28.05 -51.85 18.83
C MET B 116 29.48 -51.34 18.93
N VAL B 117 29.71 -50.36 19.79
CA VAL B 117 31.05 -49.80 20.00
C VAL B 117 31.50 -50.21 21.39
N THR B 118 32.60 -50.98 21.45
CA THR B 118 33.14 -51.48 22.70
C THR B 118 34.45 -50.79 23.03
N VAL B 119 34.53 -50.21 24.23
CA VAL B 119 35.75 -49.53 24.63
C VAL B 119 36.53 -50.40 25.61
N GLN C 1 -45.79 12.25 -12.52
CA GLN C 1 -45.61 10.87 -12.08
C GLN C 1 -45.89 9.90 -13.22
N GLY C 2 -45.11 8.83 -13.28
CA GLY C 2 -45.28 7.85 -14.34
C GLY C 2 -46.63 7.17 -14.29
N GLN C 3 -47.05 6.66 -15.46
CA GLN C 3 -48.31 5.96 -15.61
C GLN C 3 -48.08 4.69 -16.42
N LEU C 4 -48.91 3.68 -16.14
CA LEU C 4 -48.89 2.42 -16.86
C LEU C 4 -50.26 2.14 -17.47
N VAL C 5 -50.29 1.85 -18.77
CA VAL C 5 -51.54 1.55 -19.46
C VAL C 5 -51.45 0.12 -19.99
N GLN C 6 -52.36 -0.73 -19.53
CA GLN C 6 -52.43 -2.13 -19.91
C GLN C 6 -53.46 -2.35 -21.01
N SER C 7 -53.34 -3.48 -21.70
CA SER C 7 -54.31 -3.85 -22.72
C SER C 7 -55.67 -4.17 -22.10
N GLY C 8 -56.69 -4.17 -22.96
CA GLY C 8 -58.05 -4.47 -22.57
C GLY C 8 -58.28 -5.94 -22.23
N PRO C 9 -59.47 -6.24 -21.70
CA PRO C 9 -59.78 -7.62 -21.31
C PRO C 9 -59.75 -8.57 -22.50
N GLU C 10 -59.27 -9.80 -22.26
CA GLU C 10 -59.16 -10.81 -23.29
C GLU C 10 -59.83 -12.11 -22.87
N VAL C 11 -60.52 -12.75 -23.81
CA VAL C 11 -61.14 -14.05 -23.60
C VAL C 11 -60.49 -15.03 -24.57
N LYS C 12 -59.93 -16.12 -24.06
CA LYS C 12 -59.28 -17.11 -24.88
C LYS C 12 -59.75 -18.51 -24.52
N LYS C 13 -59.65 -19.42 -25.49
CA LYS C 13 -60.00 -20.82 -25.27
C LYS C 13 -58.83 -21.55 -24.61
N PRO C 14 -59.13 -22.63 -23.86
CA PRO C 14 -58.06 -23.41 -23.21
C PRO C 14 -56.97 -23.85 -24.17
N GLY C 15 -55.73 -23.84 -23.67
CA GLY C 15 -54.56 -24.23 -24.43
C GLY C 15 -53.98 -23.19 -25.36
N ALA C 16 -54.69 -22.10 -25.62
CA ALA C 16 -54.17 -21.06 -26.50
C ALA C 16 -53.05 -20.29 -25.79
N THR C 17 -52.40 -19.41 -26.55
CA THR C 17 -51.37 -18.53 -26.03
C THR C 17 -51.88 -17.10 -26.09
N VAL C 18 -51.68 -16.35 -25.00
CA VAL C 18 -52.09 -14.96 -24.91
C VAL C 18 -50.86 -14.09 -24.72
N LYS C 19 -50.88 -12.90 -25.35
CA LYS C 19 -49.83 -11.91 -25.22
C LYS C 19 -50.44 -10.62 -24.70
N VAL C 20 -49.99 -10.19 -23.53
CA VAL C 20 -50.49 -9.00 -22.84
C VAL C 20 -49.46 -7.89 -22.95
N SER C 21 -49.93 -6.67 -23.22
CA SER C 21 -49.08 -5.50 -23.36
C SER C 21 -49.17 -4.60 -22.12
N CYS C 22 -48.08 -3.86 -21.88
CA CYS C 22 -47.97 -2.91 -20.77
C CYS C 22 -47.15 -1.71 -21.25
N ARG C 23 -47.83 -0.60 -21.52
CA ARG C 23 -47.18 0.61 -22.00
C ARG C 23 -46.86 1.55 -20.83
N ALA C 24 -45.57 1.92 -20.71
CA ALA C 24 -45.11 2.85 -19.70
C ALA C 24 -45.15 4.28 -20.24
N SER C 25 -45.46 5.23 -19.37
CA SER C 25 -45.48 6.63 -19.75
C SER C 25 -45.06 7.53 -18.59
N ALA C 26 -44.66 8.75 -18.94
CA ALA C 26 -44.23 9.80 -18.02
C ALA C 26 -43.07 9.43 -17.11
N TYR C 27 -42.24 8.46 -17.45
CA TYR C 27 -41.07 8.21 -16.61
C TYR C 27 -39.97 7.58 -17.47
N PRO C 28 -38.70 7.65 -17.03
CA PRO C 28 -37.62 7.04 -17.80
C PRO C 28 -37.60 5.52 -17.68
N PHE C 29 -38.36 4.92 -18.60
CA PHE C 29 -38.53 3.47 -18.69
C PHE C 29 -37.22 2.71 -18.59
N GLY C 30 -36.20 3.15 -19.33
CA GLY C 30 -34.94 2.43 -19.36
C GLY C 30 -34.17 2.38 -18.05
N ASN C 31 -34.61 3.08 -17.02
CA ASN C 31 -33.94 3.06 -15.73
C ASN C 31 -34.58 2.13 -14.72
N TYR C 32 -35.65 1.42 -15.08
CA TYR C 32 -36.30 0.52 -14.13
C TYR C 32 -36.55 -0.87 -14.72
N GLY C 33 -37.25 -1.72 -13.97
CA GLY C 33 -37.67 -3.02 -14.47
C GLY C 33 -39.19 -3.11 -14.42
N ILE C 34 -39.72 -4.12 -15.10
CA ILE C 34 -41.15 -4.41 -15.10
C ILE C 34 -41.41 -5.75 -14.42
N THR C 35 -42.22 -5.73 -13.36
CA THR C 35 -42.62 -6.93 -12.65
C THR C 35 -44.08 -7.23 -12.99
N TRP C 36 -44.42 -8.51 -13.13
CA TRP C 36 -45.79 -8.92 -13.41
C TRP C 36 -46.38 -9.66 -12.21
N VAL C 37 -47.57 -9.21 -11.79
CA VAL C 37 -48.28 -9.81 -10.67
C VAL C 37 -49.71 -10.07 -11.12
N ARG C 38 -50.25 -11.24 -10.75
CA ARG C 38 -51.61 -11.59 -11.10
C ARG C 38 -52.44 -11.82 -9.85
N GLN C 39 -53.75 -11.69 -10.00
CA GLN C 39 -54.71 -11.98 -8.93
C GLN C 39 -55.79 -12.90 -9.48
N VAL C 40 -55.76 -14.16 -9.07
CA VAL C 40 -56.83 -15.09 -9.42
C VAL C 40 -58.08 -14.74 -8.62
N PRO C 41 -59.27 -14.77 -9.21
CA PRO C 41 -60.48 -14.44 -8.46
C PRO C 41 -60.57 -15.24 -7.16
N GLY C 42 -60.76 -14.51 -6.06
CA GLY C 42 -60.82 -15.11 -4.75
C GLY C 42 -59.48 -15.44 -4.14
N GLN C 43 -58.39 -15.26 -4.87
CA GLN C 43 -57.05 -15.53 -4.36
C GLN C 43 -56.29 -14.22 -4.12
N GLY C 44 -55.10 -14.37 -3.54
CA GLY C 44 -54.23 -13.26 -3.25
C GLY C 44 -53.39 -12.84 -4.44
N LEU C 45 -52.41 -11.99 -4.14
CA LEU C 45 -51.48 -11.49 -5.16
C LEU C 45 -50.38 -12.50 -5.36
N GLU C 46 -50.11 -12.84 -6.62
CA GLU C 46 -49.08 -13.81 -6.97
C GLU C 46 -48.09 -13.20 -7.96
N TRP C 47 -46.80 -13.34 -7.66
CA TRP C 47 -45.78 -12.83 -8.56
C TRP C 47 -45.70 -13.71 -9.81
N VAL C 48 -45.67 -13.06 -10.97
CA VAL C 48 -45.62 -13.76 -12.25
C VAL C 48 -44.22 -13.75 -12.84
N GLY C 49 -43.51 -12.64 -12.72
CA GLY C 49 -42.17 -12.57 -13.28
C GLY C 49 -41.67 -11.14 -13.27
N TRP C 50 -40.40 -10.99 -13.63
CA TRP C 50 -39.76 -9.69 -13.68
C TRP C 50 -38.82 -9.62 -14.87
N ILE C 51 -38.72 -8.44 -15.48
CA ILE C 51 -37.77 -8.18 -16.55
C ILE C 51 -37.07 -6.85 -16.30
N SER C 52 -35.75 -6.83 -16.43
CA SER C 52 -34.99 -5.60 -16.32
C SER C 52 -35.03 -4.87 -17.65
N ALA C 53 -35.54 -3.65 -17.66
CA ALA C 53 -35.50 -2.90 -18.92
C ALA C 53 -34.09 -2.41 -19.25
N TYR C 54 -33.17 -2.44 -18.29
CA TYR C 54 -31.81 -2.01 -18.54
C TYR C 54 -30.97 -3.14 -19.12
N THR C 55 -31.05 -4.34 -18.53
CA THR C 55 -30.26 -5.48 -18.96
C THR C 55 -31.06 -6.55 -19.67
N GLY C 56 -32.39 -6.55 -19.60
CA GLY C 56 -33.14 -7.61 -20.20
C GLY C 56 -33.15 -8.93 -19.45
N HIS C 57 -32.46 -9.03 -18.32
CA HIS C 57 -32.46 -10.30 -17.59
C HIS C 57 -33.85 -10.59 -17.05
N THR C 58 -34.17 -11.89 -16.98
CA THR C 58 -35.46 -12.36 -16.49
C THR C 58 -35.28 -13.43 -15.43
N LYS C 59 -36.26 -13.47 -14.53
CA LYS C 59 -36.36 -14.47 -13.47
C LYS C 59 -37.84 -14.81 -13.34
N PHE C 60 -38.13 -16.08 -13.07
CA PHE C 60 -39.51 -16.53 -12.99
C PHE C 60 -39.74 -17.48 -11.82
N PRO C 61 -40.92 -17.44 -11.22
CA PRO C 61 -41.27 -18.44 -10.20
C PRO C 61 -41.45 -19.80 -10.84
N GLN C 62 -41.40 -20.83 -9.99
CA GLN C 62 -41.44 -22.20 -10.47
C GLN C 62 -42.71 -22.55 -11.23
N ASN C 63 -43.86 -21.98 -10.85
CA ASN C 63 -45.07 -22.33 -11.60
C ASN C 63 -45.14 -21.67 -12.97
N PHE C 64 -44.36 -20.61 -13.20
CA PHE C 64 -44.31 -19.93 -14.49
C PHE C 64 -43.03 -20.19 -15.27
N GLN C 65 -42.04 -20.84 -14.66
CA GLN C 65 -40.79 -21.18 -15.34
C GLN C 65 -41.05 -21.93 -16.65
N GLY C 66 -40.48 -21.40 -17.74
CA GLY C 66 -40.65 -21.96 -19.06
C GLY C 66 -41.95 -21.64 -19.75
N ARG C 67 -42.99 -21.25 -19.01
CA ARG C 67 -44.28 -20.93 -19.61
C ARG C 67 -44.41 -19.49 -20.07
N VAL C 68 -43.77 -18.56 -19.37
CA VAL C 68 -43.87 -17.13 -19.68
C VAL C 68 -42.62 -16.63 -20.38
N THR C 69 -42.82 -15.81 -21.42
CA THR C 69 -41.75 -15.11 -22.13
C THR C 69 -42.01 -13.62 -21.97
N LEU C 70 -41.02 -12.91 -21.44
CA LEU C 70 -41.09 -11.47 -21.24
C LEU C 70 -40.15 -10.73 -22.17
N THR C 71 -40.61 -9.59 -22.68
CA THR C 71 -39.83 -8.71 -23.53
C THR C 71 -40.08 -7.28 -23.07
N ALA C 72 -39.07 -6.43 -23.27
CA ALA C 72 -39.13 -5.03 -22.89
C ALA C 72 -38.61 -4.17 -24.03
N ASP C 73 -39.50 -3.41 -24.66
CA ASP C 73 -39.13 -2.52 -25.75
C ASP C 73 -38.82 -1.14 -25.16
N THR C 74 -37.53 -0.81 -25.09
CA THR C 74 -37.10 0.48 -24.58
C THR C 74 -37.39 1.63 -25.54
N SER C 75 -37.54 1.33 -26.83
CA SER C 75 -37.82 2.39 -27.80
C SER C 75 -39.24 2.92 -27.65
N THR C 76 -40.20 2.05 -27.35
CA THR C 76 -41.58 2.47 -27.13
C THR C 76 -41.97 2.48 -25.67
N SER C 77 -41.04 2.13 -24.76
CA SER C 77 -41.33 2.05 -23.33
C SER C 77 -42.53 1.17 -23.04
N THR C 78 -42.62 0.04 -23.75
CA THR C 78 -43.76 -0.86 -23.62
C THR C 78 -43.29 -2.27 -23.30
N GLY C 79 -43.82 -2.83 -22.22
CA GLY C 79 -43.56 -4.20 -21.84
C GLY C 79 -44.66 -5.12 -22.34
N TYR C 80 -44.28 -6.36 -22.67
CA TYR C 80 -45.25 -7.36 -23.10
C TYR C 80 -45.04 -8.65 -22.33
N MET C 81 -46.15 -9.27 -21.93
CA MET C 81 -46.14 -10.55 -21.21
C MET C 81 -46.90 -11.57 -22.05
N GLU C 82 -46.24 -12.67 -22.39
CA GLU C 82 -46.86 -13.75 -23.15
C GLU C 82 -46.92 -15.01 -22.28
N LEU C 83 -48.14 -15.44 -21.97
CA LEU C 83 -48.38 -16.63 -21.15
C LEU C 83 -48.84 -17.77 -22.04
N ARG C 84 -48.11 -18.88 -22.00
CA ARG C 84 -48.36 -20.07 -22.78
C ARG C 84 -49.07 -21.15 -21.98
N SER C 85 -49.66 -22.10 -22.73
CA SER C 85 -50.38 -23.24 -22.17
C SER C 85 -51.45 -22.82 -21.16
N LEU C 86 -52.28 -21.88 -21.61
CA LEU C 86 -53.36 -21.37 -20.78
C LEU C 86 -54.34 -22.48 -20.39
N THR C 87 -54.80 -22.44 -19.14
CA THR C 87 -55.80 -23.36 -18.64
C THR C 87 -57.00 -22.55 -18.17
N SER C 88 -58.14 -23.22 -17.98
CA SER C 88 -59.34 -22.53 -17.50
C SER C 88 -59.07 -21.83 -16.17
N ASP C 89 -58.24 -22.43 -15.33
CA ASP C 89 -57.92 -21.92 -14.00
C ASP C 89 -57.01 -20.70 -14.05
N ASP C 90 -56.42 -20.40 -15.19
CA ASP C 90 -55.57 -19.22 -15.35
C ASP C 90 -56.36 -17.94 -15.59
N THR C 91 -57.69 -18.00 -15.59
CA THR C 91 -58.50 -16.80 -15.73
C THR C 91 -58.29 -15.87 -14.54
N ALA C 92 -57.63 -14.73 -14.76
CA ALA C 92 -57.27 -13.85 -13.66
C ALA C 92 -56.91 -12.48 -14.21
N VAL C 93 -56.83 -11.51 -13.31
CA VAL C 93 -56.35 -10.17 -13.60
C VAL C 93 -54.83 -10.15 -13.48
N TYR C 94 -54.16 -9.81 -14.58
CA TYR C 94 -52.70 -9.71 -14.62
C TYR C 94 -52.30 -8.23 -14.58
N TYR C 95 -51.49 -7.87 -13.59
CA TYR C 95 -51.00 -6.51 -13.45
C TYR C 95 -49.51 -6.42 -13.72
N CYS C 96 -49.11 -5.41 -14.49
CA CYS C 96 -47.72 -5.05 -14.68
C CYS C 96 -47.36 -3.92 -13.72
N ALA C 97 -46.16 -3.95 -13.18
CA ALA C 97 -45.72 -2.93 -12.24
C ALA C 97 -44.25 -2.61 -12.45
N ARG C 98 -43.86 -1.40 -12.06
CA ARG C 98 -42.48 -0.94 -12.17
C ARG C 98 -41.67 -1.64 -11.10
N GLY C 99 -40.87 -2.63 -11.51
CA GLY C 99 -40.05 -3.38 -10.60
C GLY C 99 -38.64 -2.84 -10.50
N PRO C 100 -37.79 -3.56 -9.77
CA PRO C 100 -36.40 -3.12 -9.60
C PRO C 100 -35.60 -3.23 -10.88
N CYS C 101 -34.58 -2.38 -10.98
CA CYS C 101 -33.68 -2.43 -12.14
C CYS C 101 -32.80 -3.65 -12.09
N CYS C 102 -32.52 -4.13 -10.88
CA CYS C 102 -31.41 -5.03 -10.70
C CYS C 102 -31.83 -6.11 -9.70
N SER C 103 -30.86 -6.71 -9.02
CA SER C 103 -31.19 -7.78 -8.10
C SER C 103 -31.74 -7.30 -6.76
N SER C 104 -31.60 -6.02 -6.43
CA SER C 104 -32.11 -5.53 -5.17
C SER C 104 -33.63 -5.35 -5.23
N PRO C 105 -34.39 -5.99 -4.35
CA PRO C 105 -35.85 -5.82 -4.38
C PRO C 105 -36.27 -4.42 -3.98
N ARG C 106 -37.46 -4.03 -4.44
CA ARG C 106 -38.02 -2.73 -4.10
C ARG C 106 -39.53 -2.81 -4.14
N PRO C 107 -40.23 -1.95 -3.41
CA PRO C 107 -41.68 -1.84 -3.58
C PRO C 107 -42.06 -1.30 -4.94
N TYR C 108 -43.24 -1.70 -5.40
CA TYR C 108 -43.80 -1.30 -6.69
C TYR C 108 -44.60 -0.02 -6.52
N ASP C 109 -44.07 1.09 -7.05
CA ASP C 109 -44.65 2.41 -6.88
C ASP C 109 -45.52 2.88 -8.03
N ILE C 110 -45.55 2.18 -9.16
CA ILE C 110 -46.43 2.51 -10.27
C ILE C 110 -47.15 1.25 -10.73
N TRP C 111 -48.48 1.35 -10.89
CA TRP C 111 -49.28 0.20 -11.28
C TRP C 111 -50.14 0.51 -12.50
N GLY C 112 -50.31 -0.50 -13.36
CA GLY C 112 -51.20 -0.43 -14.50
C GLY C 112 -52.66 -0.54 -14.07
N GLN C 113 -53.57 -0.19 -14.98
CA GLN C 113 -54.99 -0.29 -14.64
C GLN C 113 -55.47 -1.74 -14.56
N GLY C 114 -54.66 -2.70 -14.98
CA GLY C 114 -55.00 -4.12 -14.92
C GLY C 114 -55.70 -4.63 -16.16
N THR C 115 -55.40 -5.88 -16.49
CA THR C 115 -55.98 -6.56 -17.65
C THR C 115 -56.67 -7.84 -17.21
N MET C 116 -57.98 -7.91 -17.42
CA MET C 116 -58.75 -9.11 -17.14
C MET C 116 -58.54 -10.14 -18.25
N VAL C 117 -58.00 -11.29 -17.90
CA VAL C 117 -57.78 -12.37 -18.86
C VAL C 117 -58.74 -13.50 -18.50
N THR C 118 -59.62 -13.83 -19.44
CA THR C 118 -60.62 -14.88 -19.26
C THR C 118 -60.29 -16.07 -20.13
N VAL C 119 -60.19 -17.25 -19.53
CA VAL C 119 -59.87 -18.44 -20.29
C VAL C 119 -61.14 -19.26 -20.51
N ASP D 1 -12.95 27.35 30.89
CA ASP D 1 -11.59 27.09 31.36
C ASP D 1 -11.62 26.28 32.65
N ILE D 2 -10.53 25.55 32.92
CA ILE D 2 -10.41 24.77 34.13
C ILE D 2 -10.04 25.67 35.30
N GLN D 3 -10.88 25.69 36.32
CA GLN D 3 -10.63 26.46 37.52
C GLN D 3 -9.75 25.64 38.46
N MET D 4 -8.76 26.30 39.07
CA MET D 4 -7.82 25.61 39.95
C MET D 4 -8.00 26.15 41.36
N THR D 5 -8.33 25.26 42.29
CA THR D 5 -8.56 25.59 43.69
C THR D 5 -7.49 24.94 44.56
N GLN D 6 -6.71 25.76 45.25
CA GLN D 6 -5.71 25.26 46.19
C GLN D 6 -6.29 25.19 47.59
N SER D 7 -5.82 24.21 48.35
CA SER D 7 -6.23 24.06 49.74
C SER D 7 -5.12 23.41 50.55
N PRO D 8 -4.83 23.92 51.77
CA PRO D 8 -5.44 25.10 52.40
C PRO D 8 -4.87 26.40 51.84
N SER D 9 -5.40 27.56 52.24
CA SER D 9 -4.85 28.82 51.77
C SER D 9 -3.59 29.20 52.53
N THR D 10 -3.55 28.92 53.83
CA THR D 10 -2.39 29.21 54.66
C THR D 10 -2.15 28.04 55.60
N LEU D 11 -0.88 27.71 55.81
CA LEU D 11 -0.50 26.66 56.75
C LEU D 11 0.70 27.08 57.58
N SER D 12 0.56 27.02 58.89
CA SER D 12 1.63 27.39 59.82
C SER D 12 2.33 26.12 60.25
N ALA D 13 3.65 26.07 60.05
CA ALA D 13 4.42 24.87 60.39
C ALA D 13 5.77 25.26 60.95
N SER D 14 6.39 24.31 61.64
CA SER D 14 7.71 24.44 62.23
C SER D 14 8.75 23.75 61.37
N VAL D 15 10.01 24.14 61.55
CA VAL D 15 11.10 23.52 60.80
C VAL D 15 11.11 22.02 61.05
N GLY D 16 11.23 21.24 59.97
CA GLY D 16 11.23 19.81 60.03
C GLY D 16 9.86 19.16 59.86
N ASP D 17 8.79 19.94 60.01
CA ASP D 17 7.45 19.41 59.88
C ASP D 17 7.16 18.94 58.47
N ARG D 18 6.30 17.94 58.35
CA ARG D 18 5.87 17.44 57.04
C ARG D 18 4.71 18.31 56.58
N VAL D 19 4.88 18.94 55.42
CA VAL D 19 3.88 19.85 54.86
C VAL D 19 3.21 19.18 53.67
N THR D 20 1.89 19.33 53.59
CA THR D 20 1.08 18.78 52.52
C THR D 20 0.18 19.86 51.94
N ILE D 21 0.27 20.07 50.62
CA ILE D 21 -0.54 21.05 49.91
C ILE D 21 -1.32 20.31 48.81
N THR D 22 -2.61 20.62 48.71
CA THR D 22 -3.49 20.00 47.73
C THR D 22 -3.89 21.00 46.64
N CYS D 23 -4.10 20.47 45.43
CA CYS D 23 -4.55 21.26 44.30
C CYS D 23 -5.62 20.46 43.56
N ARG D 24 -6.75 21.10 43.24
CA ARG D 24 -7.87 20.43 42.60
C ARG D 24 -8.18 21.05 41.24
N ALA D 25 -8.26 20.20 40.21
CA ALA D 25 -8.65 20.63 38.89
C ALA D 25 -10.15 20.39 38.70
N SER D 26 -10.82 21.30 37.99
CA SER D 26 -12.25 21.13 37.80
C SER D 26 -12.58 19.97 36.87
N GLN D 27 -11.62 19.52 36.06
CA GLN D 27 -11.80 18.36 35.19
C GLN D 27 -10.45 17.65 35.10
N SER D 28 -10.49 16.41 34.61
CA SER D 28 -9.25 15.62 34.53
C SER D 28 -8.22 16.29 33.64
N ILE D 29 -7.00 16.41 34.17
CA ILE D 29 -5.85 16.96 33.48
C ILE D 29 -4.69 15.97 33.47
N ASP D 30 -4.99 14.69 33.67
CA ASP D 30 -4.01 13.62 33.70
C ASP D 30 -2.87 13.93 34.68
N ASP D 31 -1.65 14.11 34.17
CA ASP D 31 -0.50 14.47 35.01
C ASP D 31 0.10 15.82 34.66
N TRP D 32 -0.61 16.65 33.90
CA TRP D 32 -0.07 17.92 33.44
C TRP D 32 -0.19 19.04 34.47
N LEU D 33 0.28 18.82 35.70
CA LEU D 33 0.29 19.86 36.71
C LEU D 33 1.72 20.28 37.05
N ALA D 34 1.92 21.58 37.22
CA ALA D 34 3.19 22.17 37.61
C ALA D 34 3.06 22.89 38.95
N TRP D 35 4.16 22.94 39.70
CA TRP D 35 4.21 23.62 40.98
C TRP D 35 5.29 24.69 40.96
N TYR D 36 4.97 25.87 41.48
CA TYR D 36 5.90 26.98 41.55
C TYR D 36 6.05 27.49 42.97
N GLN D 37 7.27 27.88 43.32
CA GLN D 37 7.55 28.52 44.61
C GLN D 37 7.72 30.00 44.34
N HIS D 38 6.98 30.83 45.08
CA HIS D 38 7.05 32.28 44.91
C HIS D 38 7.30 33.00 46.25
N SER D 39 8.55 33.30 46.54
CA SER D 39 8.83 34.03 47.77
C SER D 39 8.50 35.50 47.59
N PRO D 40 7.96 36.16 48.63
CA PRO D 40 7.64 37.58 48.53
C PRO D 40 8.85 38.41 48.10
N GLY D 41 8.64 39.29 47.13
CA GLY D 41 9.69 40.14 46.62
C GLY D 41 10.73 39.42 45.79
N LYS D 42 10.57 38.13 45.56
CA LYS D 42 11.45 37.33 44.72
C LYS D 42 10.63 36.76 43.57
N ALA D 43 11.31 36.43 42.47
CA ALA D 43 10.60 35.86 41.35
C ALA D 43 10.15 34.43 41.64
N PRO D 44 9.05 33.99 41.03
CA PRO D 44 8.59 32.61 41.22
C PRO D 44 9.64 31.60 40.77
N LYS D 45 9.67 30.45 41.45
CA LYS D 45 10.59 29.38 41.12
C LYS D 45 9.81 28.09 40.88
N LEU D 46 10.07 27.44 39.74
CA LEU D 46 9.43 26.17 39.44
C LEU D 46 9.94 25.08 40.36
N LEU D 47 9.02 24.33 40.97
CA LEU D 47 9.40 23.22 41.84
C LEU D 47 9.19 21.84 41.22
N ILE D 48 7.99 21.56 40.73
CA ILE D 48 7.65 20.24 40.21
C ILE D 48 6.98 20.39 38.85
N TYR D 49 7.31 19.47 37.94
CA TYR D 49 6.67 19.43 36.64
C TYR D 49 6.11 18.01 36.43
N ARG D 50 5.08 17.94 35.59
CA ARG D 50 4.34 16.72 35.31
C ARG D 50 3.95 15.97 36.57
N ALA D 51 3.33 16.70 37.51
CA ALA D 51 2.83 16.17 38.77
C ALA D 51 3.82 15.50 39.71
N SER D 52 4.88 14.87 39.20
CA SER D 52 5.80 14.18 40.10
C SER D 52 7.28 14.29 39.81
N ARG D 53 7.70 14.90 38.70
CA ARG D 53 9.13 14.95 38.38
C ARG D 53 9.78 16.16 39.05
N LEU D 54 10.81 15.88 39.85
CA LEU D 54 11.54 16.93 40.54
C LEU D 54 12.41 17.73 39.58
N GLU D 55 12.33 19.05 39.69
CA GLU D 55 13.11 19.95 38.86
C GLU D 55 14.58 19.94 39.28
N SER D 56 15.45 20.19 38.30
CA SER D 56 16.89 20.24 38.53
C SER D 56 17.25 21.32 39.54
N GLY D 57 18.07 20.95 40.53
CA GLY D 57 18.47 21.84 41.59
C GLY D 57 17.47 22.01 42.71
N VAL D 58 16.32 21.36 42.64
CA VAL D 58 15.36 21.40 43.74
C VAL D 58 15.76 20.35 44.77
N PRO D 59 15.79 20.70 46.07
CA PRO D 59 16.18 19.71 47.07
C PRO D 59 15.24 18.50 47.04
N SER D 60 15.82 17.33 47.31
CA SER D 60 15.07 16.09 47.27
C SER D 60 13.97 16.02 48.32
N ARG D 61 13.94 16.94 49.29
CA ARG D 61 12.89 16.94 50.29
C ARG D 61 11.52 17.22 49.68
N PHE D 62 11.48 17.87 48.51
CA PHE D 62 10.24 18.15 47.80
C PHE D 62 9.83 16.95 46.95
N SER D 63 8.55 16.59 47.02
CA SER D 63 8.01 15.49 46.23
C SER D 63 6.59 15.83 45.78
N GLY D 64 6.24 15.42 44.58
CA GLY D 64 4.91 15.66 44.02
C GLY D 64 4.25 14.36 43.64
N SER D 65 2.93 14.29 43.86
CA SER D 65 2.16 13.10 43.54
C SER D 65 0.75 13.50 43.11
N GLY D 66 0.01 12.52 42.61
CA GLY D 66 -1.36 12.68 42.18
C GLY D 66 -1.51 12.61 40.66
N SER D 67 -2.77 12.46 40.24
CA SER D 67 -3.12 12.37 38.84
C SER D 67 -4.61 12.68 38.67
N GLY D 68 -4.98 13.01 37.43
CA GLY D 68 -6.36 13.32 37.08
C GLY D 68 -6.89 14.67 37.50
N THR D 69 -7.59 14.75 38.64
CA THR D 69 -8.17 16.00 39.09
C THR D 69 -7.65 16.47 40.43
N GLU D 70 -7.05 15.60 41.22
CA GLU D 70 -6.53 15.95 42.53
C GLU D 70 -5.04 15.70 42.55
N PHE D 71 -4.28 16.70 42.99
CA PHE D 71 -2.83 16.63 43.03
C PHE D 71 -2.36 17.18 44.36
N THR D 72 -1.25 16.64 44.85
CA THR D 72 -0.76 17.02 46.16
C THR D 72 0.74 17.24 46.14
N LEU D 73 1.15 18.36 46.73
CA LEU D 73 2.56 18.68 46.94
C LEU D 73 2.89 18.38 48.39
N THR D 74 3.93 17.58 48.60
CA THR D 74 4.35 17.19 49.94
C THR D 74 5.82 17.55 50.18
N ILE D 75 6.08 18.22 51.29
CA ILE D 75 7.43 18.56 51.73
C ILE D 75 7.77 17.65 52.90
N SER D 76 8.80 16.81 52.70
CA SER D 76 9.15 15.80 53.69
C SER D 76 9.68 16.41 54.98
N SER D 77 10.43 17.50 54.91
CA SER D 77 10.91 18.17 56.12
C SER D 77 11.13 19.65 55.80
N LEU D 78 10.21 20.47 56.28
CA LEU D 78 10.22 21.91 56.00
C LEU D 78 11.47 22.58 56.58
N GLN D 79 12.21 23.27 55.72
CA GLN D 79 13.39 24.03 56.08
C GLN D 79 13.06 25.51 56.19
N PRO D 80 13.89 26.31 56.86
CA PRO D 80 13.57 27.74 57.00
C PRO D 80 13.32 28.46 55.69
N ASP D 81 14.02 28.08 54.62
CA ASP D 81 13.88 28.70 53.31
C ASP D 81 12.62 28.27 52.57
N ASP D 82 11.83 27.36 53.13
CA ASP D 82 10.62 26.89 52.48
C ASP D 82 9.39 27.70 52.84
N PHE D 83 9.48 28.63 53.80
CA PHE D 83 8.35 29.48 54.15
C PHE D 83 8.11 30.48 53.03
N ALA D 84 7.15 30.18 52.17
CA ALA D 84 6.82 31.02 51.03
C ALA D 84 5.42 30.67 50.55
N SER D 85 4.93 31.43 49.57
CA SER D 85 3.65 31.09 48.96
C SER D 85 3.90 30.13 47.82
N TYR D 86 3.03 29.11 47.72
CA TYR D 86 3.14 28.09 46.69
C TYR D 86 1.91 28.13 45.80
N TYR D 87 2.13 28.06 44.49
CA TYR D 87 1.05 28.08 43.51
C TYR D 87 1.13 26.84 42.63
N CYS D 88 0.01 26.17 42.46
CA CYS D 88 -0.08 25.07 41.51
C CYS D 88 -0.55 25.62 40.17
N GLN D 89 -0.16 24.95 39.10
CA GLN D 89 -0.60 25.33 37.77
C GLN D 89 -0.84 24.10 36.93
N GLN D 90 -2.01 24.07 36.28
CA GLN D 90 -2.31 23.02 35.33
C GLN D 90 -1.63 23.32 34.00
N CYS D 91 -0.98 22.31 33.43
CA CYS D 91 -0.31 22.44 32.14
C CYS D 91 -1.03 21.56 31.11
N TYR D 92 -2.35 21.54 31.19
CA TYR D 92 -3.19 20.72 30.35
C TYR D 92 -3.89 21.54 29.27
N THR D 93 -4.40 22.71 29.61
CA THR D 93 -5.08 23.55 28.65
C THR D 93 -4.20 24.75 28.30
N TYR D 94 -4.57 25.39 27.20
CA TYR D 94 -3.85 26.56 26.72
C TYR D 94 -3.82 27.70 27.72
N SER D 95 -4.89 27.89 28.51
CA SER D 95 -4.95 29.00 29.46
C SER D 95 -3.99 28.87 30.65
N GLN D 96 -3.51 27.67 30.98
CA GLN D 96 -2.59 27.46 32.09
C GLN D 96 -2.99 28.24 33.34
N THR D 97 -4.22 28.02 33.78
CA THR D 97 -4.77 28.70 34.96
C THR D 97 -3.96 28.41 36.21
N PHE D 98 -3.65 29.44 36.99
CA PHE D 98 -2.93 29.30 38.24
C PHE D 98 -3.88 29.11 39.41
N GLY D 99 -3.39 28.42 40.44
CA GLY D 99 -4.12 28.34 41.69
C GLY D 99 -4.03 29.63 42.46
N GLN D 100 -4.92 29.79 43.46
CA GLN D 100 -4.89 31.03 44.23
C GLN D 100 -3.67 31.14 45.13
N GLY D 101 -2.92 30.07 45.31
CA GLY D 101 -1.72 30.07 46.14
C GLY D 101 -1.95 29.64 47.57
N THR D 102 -0.91 29.07 48.16
CA THR D 102 -0.91 28.61 49.55
C THR D 102 0.29 29.23 50.25
N ARG D 103 0.05 29.98 51.31
CA ARG D 103 1.11 30.61 52.08
C ARG D 103 1.57 29.70 53.22
N VAL D 104 2.86 29.38 53.23
CA VAL D 104 3.48 28.61 54.31
C VAL D 104 4.12 29.58 55.28
N GLU D 105 3.60 29.64 56.50
CA GLU D 105 4.04 30.56 57.53
C GLU D 105 4.66 29.82 58.70
N ILE D 106 5.55 30.50 59.41
CA ILE D 106 6.18 29.93 60.59
C ILE D 106 5.15 29.73 61.69
N LYS D 107 5.08 28.51 62.22
CA LYS D 107 4.23 28.17 63.35
C LYS D 107 4.68 28.89 64.62
N ARG D 108 3.76 29.61 65.25
CA ARG D 108 4.10 30.41 66.42
C ARG D 108 4.40 29.50 67.60
N ASP E 1 16.23 -27.55 29.37
CA ASP E 1 15.57 -28.44 28.43
C ASP E 1 14.35 -29.10 29.08
N ILE E 2 13.42 -29.55 28.25
CA ILE E 2 12.22 -30.23 28.73
C ILE E 2 12.55 -31.66 29.13
N GLN E 3 12.31 -32.00 30.39
CA GLN E 3 12.55 -33.34 30.88
C GLN E 3 11.33 -34.20 30.56
N MET E 4 11.57 -35.42 30.09
CA MET E 4 10.48 -36.32 29.73
C MET E 4 10.49 -37.52 30.67
N THR E 5 9.40 -37.70 31.40
CA THR E 5 9.25 -38.78 32.37
C THR E 5 8.17 -39.75 31.90
N GLN E 6 8.55 -41.00 31.68
CA GLN E 6 7.61 -42.04 31.30
C GLN E 6 7.12 -42.78 32.53
N SER E 7 5.85 -43.22 32.48
CA SER E 7 5.29 -44.01 33.56
C SER E 7 4.21 -44.95 33.03
N PRO E 8 4.21 -46.23 33.45
CA PRO E 8 5.15 -46.88 34.36
C PRO E 8 6.47 -47.22 33.66
N SER E 9 7.49 -47.67 34.39
CA SER E 9 8.73 -48.06 33.75
C SER E 9 8.66 -49.48 33.17
N THR E 10 7.95 -50.37 33.83
CA THR E 10 7.79 -51.74 33.35
C THR E 10 6.33 -52.16 33.53
N LEU E 11 5.81 -52.88 32.56
CA LEU E 11 4.42 -53.36 32.60
C LEU E 11 4.36 -54.81 32.15
N SER E 12 3.80 -55.67 33.00
CA SER E 12 3.63 -57.08 32.67
C SER E 12 2.20 -57.27 32.21
N ALA E 13 2.03 -57.81 31.00
CA ALA E 13 0.71 -58.00 30.42
C ALA E 13 0.66 -59.28 29.60
N SER E 14 -0.55 -59.75 29.36
CA SER E 14 -0.84 -60.93 28.56
C SER E 14 -1.38 -60.51 27.20
N VAL E 15 -1.29 -61.43 26.23
CA VAL E 15 -1.81 -61.17 24.90
C VAL E 15 -3.29 -60.84 24.96
N GLY E 16 -3.69 -59.80 24.24
CA GLY E 16 -5.05 -59.32 24.23
C GLY E 16 -5.36 -58.25 25.25
N ASP E 17 -4.50 -58.07 26.25
CA ASP E 17 -4.71 -57.04 27.27
C ASP E 17 -4.61 -55.65 26.67
N ARG E 18 -5.34 -54.71 27.27
CA ARG E 18 -5.27 -53.30 26.91
C ARG E 18 -4.11 -52.68 27.68
N VAL E 19 -3.13 -52.16 26.96
CA VAL E 19 -1.94 -51.55 27.55
C VAL E 19 -2.02 -50.05 27.42
N THR E 20 -1.66 -49.36 28.51
CA THR E 20 -1.67 -47.90 28.57
C THR E 20 -0.31 -47.42 29.09
N ILE E 21 0.32 -46.53 28.32
CA ILE E 21 1.61 -45.94 28.68
C ILE E 21 1.46 -44.43 28.68
N THR E 22 1.96 -43.78 29.74
CA THR E 22 1.87 -42.34 29.88
C THR E 22 3.24 -41.68 29.73
N CYS E 23 3.23 -40.45 29.24
CA CYS E 23 4.44 -39.65 29.05
C CYS E 23 4.12 -38.23 29.50
N ARG E 24 4.98 -37.64 30.33
CA ARG E 24 4.77 -36.30 30.86
C ARG E 24 5.88 -35.35 30.44
N ALA E 25 5.48 -34.20 29.90
CA ALA E 25 6.42 -33.13 29.54
C ALA E 25 6.50 -32.12 30.68
N SER E 26 7.71 -31.59 30.92
CA SER E 26 7.85 -30.63 32.01
C SER E 26 7.18 -29.30 31.70
N GLN E 27 6.92 -29.01 30.42
CA GLN E 27 6.19 -27.81 30.02
C GLN E 27 5.36 -28.17 28.79
N SER E 28 4.42 -27.29 28.46
CA SER E 28 3.52 -27.47 27.30
C SER E 28 4.33 -27.72 26.03
N ILE E 29 4.00 -28.80 25.31
CA ILE E 29 4.57 -29.09 24.00
C ILE E 29 3.47 -29.29 22.96
N ASP E 30 2.26 -28.81 23.26
CA ASP E 30 1.10 -28.93 22.39
C ASP E 30 0.86 -30.38 21.99
N ASP E 31 1.01 -30.71 20.70
CA ASP E 31 0.87 -32.08 20.22
C ASP E 31 2.15 -32.64 19.61
N TRP E 32 3.29 -31.99 19.85
CA TRP E 32 4.55 -32.41 19.24
C TRP E 32 5.24 -33.55 19.98
N LEU E 33 4.53 -34.66 20.21
CA LEU E 33 5.12 -35.85 20.81
C LEU E 33 5.13 -37.01 19.83
N ALA E 34 6.25 -37.74 19.82
CA ALA E 34 6.42 -38.93 18.99
C ALA E 34 6.67 -40.16 19.87
N TRP E 35 6.28 -41.32 19.34
CA TRP E 35 6.43 -42.59 20.03
C TRP E 35 7.26 -43.55 19.16
N TYR E 36 8.23 -44.22 19.78
CA TYR E 36 9.08 -45.18 19.08
C TYR E 36 9.03 -46.54 19.76
N GLN E 37 9.07 -47.60 18.96
CA GLN E 37 9.15 -48.96 19.48
C GLN E 37 10.59 -49.42 19.29
N HIS E 38 11.20 -49.94 20.36
CA HIS E 38 12.58 -50.41 20.32
C HIS E 38 12.70 -51.85 20.82
N SER E 39 12.72 -52.81 19.90
CA SER E 39 12.89 -54.20 20.30
C SER E 39 14.36 -54.49 20.61
N PRO E 40 14.64 -55.35 21.60
CA PRO E 40 16.03 -55.68 21.93
C PRO E 40 16.81 -56.19 20.72
N GLY E 41 18.01 -55.65 20.53
CA GLY E 41 18.88 -56.03 19.44
C GLY E 41 18.44 -55.58 18.07
N LYS E 42 17.31 -54.87 17.97
CA LYS E 42 16.82 -54.32 16.73
C LYS E 42 16.74 -52.80 16.86
N ALA E 43 16.76 -52.12 15.73
CA ALA E 43 16.70 -50.67 15.77
C ALA E 43 15.30 -50.18 16.17
N PRO E 44 15.23 -49.00 16.79
CA PRO E 44 13.92 -48.42 17.14
C PRO E 44 13.04 -48.23 15.92
N LYS E 45 11.73 -48.36 16.13
CA LYS E 45 10.74 -48.16 15.07
C LYS E 45 9.74 -47.11 15.53
N LEU E 46 9.52 -46.11 14.68
CA LEU E 46 8.54 -45.07 14.97
C LEU E 46 7.12 -45.61 14.93
N LEU E 47 6.35 -45.32 15.98
CA LEU E 47 4.97 -45.76 16.07
C LEU E 47 3.95 -44.66 15.83
N ILE E 48 4.06 -43.54 16.55
CA ILE E 48 3.08 -42.47 16.48
C ILE E 48 3.81 -41.14 16.32
N TYR E 49 3.24 -40.25 15.52
CA TYR E 49 3.75 -38.90 15.37
C TYR E 49 2.62 -37.92 15.63
N ARG E 50 2.99 -36.72 16.04
CA ARG E 50 2.06 -35.65 16.43
C ARG E 50 0.99 -36.15 17.39
N ALA E 51 1.42 -36.84 18.44
CA ALA E 51 0.58 -37.37 19.51
C ALA E 51 -0.52 -38.35 19.12
N SER E 52 -1.08 -38.24 17.92
CA SER E 52 -2.19 -39.13 17.58
C SER E 52 -2.20 -39.70 16.17
N ARG E 53 -1.32 -39.30 15.26
CA ARG E 53 -1.35 -39.80 13.89
C ARG E 53 -0.59 -41.11 13.79
N LEU E 54 -1.28 -42.14 13.32
CA LEU E 54 -0.67 -43.45 13.14
C LEU E 54 0.28 -43.47 11.96
N GLU E 55 1.49 -43.99 12.19
CA GLU E 55 2.49 -44.09 11.14
C GLU E 55 2.12 -45.18 10.13
N SER E 56 2.53 -44.97 8.88
CA SER E 56 2.26 -45.93 7.82
C SER E 56 2.85 -47.29 8.14
N GLY E 57 2.06 -48.34 7.94
CA GLY E 57 2.45 -49.70 8.25
C GLY E 57 2.32 -50.10 9.71
N VAL E 58 1.90 -49.20 10.58
CA VAL E 58 1.67 -49.56 11.98
C VAL E 58 0.29 -50.19 12.10
N PRO E 59 0.16 -51.33 12.78
CA PRO E 59 -1.17 -51.94 12.91
C PRO E 59 -2.14 -50.99 13.61
N SER E 60 -3.40 -51.07 13.18
CA SER E 60 -4.43 -50.20 13.70
C SER E 60 -4.70 -50.39 15.19
N ARG E 61 -4.19 -51.47 15.80
CA ARG E 61 -4.38 -51.67 17.22
C ARG E 61 -3.68 -50.60 18.06
N PHE E 62 -2.67 -49.93 17.50
CA PHE E 62 -1.97 -48.85 18.18
C PHE E 62 -2.71 -47.53 17.99
N SER E 63 -2.85 -46.78 19.08
CA SER E 63 -3.52 -45.48 19.06
C SER E 63 -2.82 -44.52 20.01
N GLY E 64 -2.75 -43.25 19.62
CA GLY E 64 -2.11 -42.23 20.43
C GLY E 64 -3.09 -41.11 20.74
N SER E 65 -2.98 -40.56 21.95
CA SER E 65 -3.85 -39.47 22.39
C SER E 65 -3.09 -38.57 23.35
N GLY E 66 -3.70 -37.44 23.66
CA GLY E 66 -3.19 -36.46 24.59
C GLY E 66 -2.70 -35.19 23.90
N SER E 67 -2.49 -34.17 24.73
CA SER E 67 -2.03 -32.86 24.27
C SER E 67 -1.46 -32.08 25.45
N GLY E 68 -0.68 -31.05 25.13
CA GLY E 68 -0.13 -30.14 26.17
C GLY E 68 1.12 -30.72 26.80
N THR E 69 0.97 -31.33 27.98
CA THR E 69 2.12 -31.91 28.73
C THR E 69 1.94 -33.42 28.87
N GLU E 70 0.69 -33.87 29.06
CA GLU E 70 0.44 -35.27 29.37
C GLU E 70 -0.03 -35.98 28.11
N PHE E 71 0.62 -37.09 27.78
CA PHE E 71 0.32 -37.84 26.57
C PHE E 71 0.29 -39.31 26.93
N THR E 72 -0.53 -40.06 26.20
CA THR E 72 -0.72 -41.45 26.51
C THR E 72 -0.73 -42.31 25.26
N LEU E 73 0.03 -43.41 25.31
CA LEU E 73 0.05 -44.42 24.26
C LEU E 73 -0.81 -45.58 24.73
N THR E 74 -1.78 -45.98 23.91
CA THR E 74 -2.67 -47.08 24.25
C THR E 74 -2.65 -48.15 23.17
N ILE E 75 -2.44 -49.40 23.59
CA ILE E 75 -2.48 -50.55 22.72
C ILE E 75 -3.79 -51.29 22.99
N SER E 76 -4.66 -51.35 21.97
CA SER E 76 -5.99 -51.91 22.17
C SER E 76 -5.97 -53.41 22.42
N SER E 77 -5.05 -54.13 21.79
CA SER E 77 -4.95 -55.58 22.02
C SER E 77 -3.50 -55.98 21.81
N LEU E 78 -2.80 -56.21 22.93
CA LEU E 78 -1.38 -56.54 22.90
C LEU E 78 -1.13 -57.89 22.23
N GLN E 79 -0.28 -57.88 21.21
CA GLN E 79 0.13 -59.05 20.46
C GLN E 79 1.51 -59.51 20.93
N PRO E 80 1.89 -60.76 20.63
CA PRO E 80 3.23 -61.22 21.06
C PRO E 80 4.37 -60.35 20.58
N ASP E 81 4.26 -59.77 19.39
CA ASP E 81 5.30 -58.92 18.82
C ASP E 81 5.38 -57.54 19.47
N ASP E 82 4.45 -57.22 20.38
CA ASP E 82 4.43 -55.91 21.00
C ASP E 82 5.23 -55.85 22.30
N PHE E 83 5.71 -56.99 22.80
CA PHE E 83 6.51 -57.00 24.02
C PHE E 83 7.89 -56.42 23.72
N ALA E 84 8.07 -55.15 24.03
CA ALA E 84 9.32 -54.44 23.78
C ALA E 84 9.36 -53.20 24.66
N SER E 85 10.48 -52.49 24.63
CA SER E 85 10.59 -51.23 25.34
C SER E 85 10.04 -50.12 24.44
N TYR E 86 9.28 -49.22 25.05
CA TYR E 86 8.68 -48.09 24.33
C TYR E 86 9.22 -46.78 24.89
N TYR E 87 9.58 -45.87 23.98
CA TYR E 87 10.11 -44.57 24.36
C TYR E 87 9.29 -43.46 23.74
N CYS E 88 8.89 -42.49 24.55
CA CYS E 88 8.24 -41.29 24.04
C CYS E 88 9.30 -40.24 23.75
N GLN E 89 9.01 -39.36 22.80
CA GLN E 89 9.92 -38.28 22.48
C GLN E 89 9.13 -37.02 22.16
N GLN E 90 9.53 -35.91 22.78
CA GLN E 90 8.94 -34.63 22.46
C GLN E 90 9.58 -34.09 21.19
N CYS E 91 8.74 -33.59 20.29
CA CYS E 91 9.20 -33.00 19.03
C CYS E 91 8.87 -31.52 19.03
N TYR E 92 9.01 -30.88 20.19
CA TYR E 92 8.68 -29.48 20.37
C TYR E 92 9.92 -28.60 20.43
N THR E 93 10.95 -29.04 21.14
CA THR E 93 12.18 -28.28 21.24
C THR E 93 13.28 -28.94 20.43
N TYR E 94 14.32 -28.16 20.19
CA TYR E 94 15.46 -28.61 19.39
C TYR E 94 16.15 -29.85 19.98
N SER E 95 16.19 -29.96 21.31
CA SER E 95 16.89 -31.09 21.94
C SER E 95 16.21 -32.44 21.77
N GLN E 96 14.92 -32.49 21.45
CA GLN E 96 14.20 -33.75 21.24
C GLN E 96 14.53 -34.80 22.32
N THR E 97 14.32 -34.40 23.58
CA THR E 97 14.61 -35.28 24.71
C THR E 97 13.79 -36.56 24.66
N PHE E 98 14.43 -37.69 24.90
CA PHE E 98 13.75 -38.98 24.96
C PHE E 98 13.30 -39.31 26.38
N GLY E 99 12.22 -40.09 26.47
CA GLY E 99 11.80 -40.63 27.74
C GLY E 99 12.71 -41.76 28.20
N GLN E 100 12.62 -42.10 29.48
CA GLN E 100 13.49 -43.18 29.97
C GLN E 100 13.09 -44.55 29.43
N GLY E 101 11.92 -44.67 28.81
CA GLY E 101 11.45 -45.92 28.24
C GLY E 101 10.56 -46.72 29.18
N THR E 102 9.66 -47.50 28.58
CA THR E 102 8.75 -48.39 29.28
C THR E 102 8.90 -49.78 28.70
N ARG E 103 9.28 -50.74 29.53
CA ARG E 103 9.45 -52.13 29.09
C ARG E 103 8.15 -52.91 29.27
N VAL E 104 7.63 -53.44 28.17
CA VAL E 104 6.44 -54.29 28.16
C VAL E 104 6.91 -55.74 28.20
N GLU E 105 6.60 -56.43 29.29
CA GLU E 105 7.01 -57.81 29.52
C GLU E 105 5.80 -58.72 29.59
N ILE E 106 6.01 -59.99 29.24
CA ILE E 106 4.95 -60.99 29.31
C ILE E 106 4.56 -61.25 30.77
N LYS E 107 3.26 -61.14 31.04
CA LYS E 107 2.71 -61.45 32.35
C LYS E 107 2.86 -62.92 32.69
N ARG E 108 3.43 -63.20 33.86
CA ARG E 108 3.68 -64.58 34.25
C ARG E 108 2.37 -65.28 34.56
N ASP F 1 -38.25 -20.28 0.10
CA ASP F 1 -38.66 -18.89 0.11
C ASP F 1 -39.31 -18.52 1.45
N ILE F 2 -39.29 -17.23 1.77
CA ILE F 2 -39.92 -16.74 2.99
C ILE F 2 -41.42 -16.65 2.80
N GLN F 3 -42.16 -17.35 3.64
CA GLN F 3 -43.62 -17.33 3.59
C GLN F 3 -44.11 -16.14 4.40
N MET F 4 -45.12 -15.45 3.87
CA MET F 4 -45.65 -14.27 4.54
C MET F 4 -47.09 -14.54 4.94
N THR F 5 -47.35 -14.47 6.25
CA THR F 5 -48.68 -14.71 6.82
C THR F 5 -49.22 -13.43 7.43
N GLN F 6 -50.35 -12.96 6.91
CA GLN F 6 -51.02 -11.78 7.45
C GLN F 6 -52.06 -12.18 8.48
N SER F 7 -52.26 -11.31 9.47
CA SER F 7 -53.28 -11.52 10.48
C SER F 7 -53.79 -10.19 11.00
N PRO F 8 -55.10 -10.03 11.16
CA PRO F 8 -56.17 -10.98 10.85
C PRO F 8 -56.46 -11.05 9.36
N SER F 9 -57.30 -11.98 8.90
CA SER F 9 -57.64 -12.03 7.48
C SER F 9 -58.70 -10.99 7.12
N THR F 10 -59.66 -10.76 8.01
CA THR F 10 -60.71 -9.78 7.79
C THR F 10 -60.94 -9.00 9.08
N LEU F 11 -61.17 -7.70 8.95
CA LEU F 11 -61.45 -6.85 10.10
C LEU F 11 -62.58 -5.89 9.79
N SER F 12 -63.61 -5.90 10.62
CA SER F 12 -64.75 -5.01 10.49
C SER F 12 -64.55 -3.83 11.43
N ALA F 13 -64.55 -2.62 10.89
CA ALA F 13 -64.33 -1.43 11.69
C ALA F 13 -65.20 -0.28 11.21
N SER F 14 -65.37 0.71 12.07
CA SER F 14 -66.13 1.92 11.82
C SER F 14 -65.18 3.08 11.57
N VAL F 15 -65.72 4.13 10.92
CA VAL F 15 -64.92 5.32 10.66
C VAL F 15 -64.43 5.91 11.98
N GLY F 16 -63.15 6.28 12.01
CA GLY F 16 -62.51 6.82 13.19
C GLY F 16 -61.84 5.78 14.07
N ASP F 17 -62.16 4.50 13.88
CA ASP F 17 -61.55 3.43 14.65
C ASP F 17 -60.07 3.30 14.34
N ARG F 18 -59.31 2.83 15.33
CA ARG F 18 -57.89 2.55 15.16
C ARG F 18 -57.77 1.12 14.65
N VAL F 19 -57.16 0.96 13.48
CA VAL F 19 -56.99 -0.34 12.84
C VAL F 19 -55.54 -0.79 12.96
N THR F 20 -55.36 -2.06 13.29
CA THR F 20 -54.05 -2.68 13.45
C THR F 20 -53.98 -3.96 12.62
N ILE F 21 -53.01 -4.03 11.71
CA ILE F 21 -52.81 -5.18 10.85
C ILE F 21 -51.38 -5.70 11.07
N THR F 22 -51.24 -7.00 11.23
CA THR F 22 -49.95 -7.63 11.48
C THR F 22 -49.50 -8.47 10.28
N CYS F 23 -48.18 -8.55 10.11
CA CYS F 23 -47.57 -9.34 9.05
C CYS F 23 -46.38 -10.07 9.65
N ARG F 24 -46.30 -11.38 9.39
CA ARG F 24 -45.25 -12.26 9.97
C ARG F 24 -44.36 -12.80 8.84
N ALA F 25 -43.04 -12.64 8.99
CA ALA F 25 -42.07 -13.26 8.09
C ALA F 25 -41.57 -14.57 8.70
N SER F 26 -41.36 -15.57 7.86
CA SER F 26 -40.89 -16.86 8.39
C SER F 26 -39.45 -16.78 8.92
N GLN F 27 -38.68 -15.79 8.49
CA GLN F 27 -37.34 -15.55 8.99
C GLN F 27 -37.10 -14.06 9.00
N SER F 28 -36.06 -13.64 9.72
CA SER F 28 -35.78 -12.20 9.83
C SER F 28 -35.51 -11.58 8.48
N ILE F 29 -36.19 -10.46 8.23
CA ILE F 29 -36.06 -9.66 7.02
C ILE F 29 -35.70 -8.21 7.35
N ASP F 30 -35.14 -7.99 8.55
CA ASP F 30 -34.76 -6.68 9.03
C ASP F 30 -35.93 -5.69 8.94
N ASP F 31 -35.80 -4.66 8.09
CA ASP F 31 -36.87 -3.69 7.88
C ASP F 31 -37.37 -3.64 6.44
N TRP F 32 -37.04 -4.64 5.62
CA TRP F 32 -37.41 -4.63 4.22
C TRP F 32 -38.84 -5.10 3.94
N LEU F 33 -39.82 -4.50 4.60
CA LEU F 33 -41.21 -4.83 4.36
C LEU F 33 -41.94 -3.64 3.72
N ALA F 34 -42.79 -3.94 2.74
CA ALA F 34 -43.61 -2.97 2.04
C ALA F 34 -45.10 -3.28 2.25
N TRP F 35 -45.92 -2.22 2.22
CA TRP F 35 -47.36 -2.34 2.36
C TRP F 35 -48.06 -1.75 1.14
N TYR F 36 -49.05 -2.48 0.62
CA TYR F 36 -49.82 -2.04 -0.54
C TYR F 36 -51.31 -2.01 -0.23
N GLN F 37 -52.01 -1.02 -0.78
CA GLN F 37 -53.45 -0.93 -0.67
C GLN F 37 -54.02 -1.36 -2.01
N HIS F 38 -54.97 -2.30 -1.98
CA HIS F 38 -55.61 -2.79 -3.21
C HIS F 38 -57.13 -2.71 -3.12
N SER F 39 -57.71 -1.64 -3.69
CA SER F 39 -59.16 -1.55 -3.69
C SER F 39 -59.74 -2.44 -4.79
N PRO F 40 -60.89 -3.07 -4.55
CA PRO F 40 -61.51 -3.93 -5.56
C PRO F 40 -61.72 -3.20 -6.88
N GLY F 41 -61.33 -3.84 -7.97
CA GLY F 41 -61.47 -3.26 -9.29
C GLY F 41 -60.55 -2.09 -9.58
N LYS F 42 -59.69 -1.74 -8.64
CA LYS F 42 -58.70 -0.68 -8.80
C LYS F 42 -57.31 -1.28 -8.66
N ALA F 43 -56.32 -0.62 -9.23
CA ALA F 43 -54.97 -1.14 -9.12
C ALA F 43 -54.42 -0.97 -7.71
N PRO F 44 -53.52 -1.86 -7.28
CA PRO F 44 -52.90 -1.73 -5.96
C PRO F 44 -52.15 -0.41 -5.82
N LYS F 45 -52.11 0.10 -4.58
CA LYS F 45 -51.41 1.34 -4.28
C LYS F 45 -50.43 1.11 -3.14
N LEU F 46 -49.18 1.52 -3.35
CA LEU F 46 -48.16 1.40 -2.31
C LEU F 46 -48.47 2.35 -1.16
N LEU F 47 -48.44 1.82 0.07
CA LEU F 47 -48.67 2.62 1.26
C LEU F 47 -47.40 2.91 2.06
N ILE F 48 -46.65 1.89 2.44
CA ILE F 48 -45.48 2.05 3.28
C ILE F 48 -44.31 1.27 2.69
N TYR F 49 -43.11 1.85 2.78
CA TYR F 49 -41.90 1.18 2.37
C TYR F 49 -40.92 1.20 3.54
N ARG F 50 -40.03 0.20 3.53
CA ARG F 50 -39.05 -0.03 4.60
C ARG F 50 -39.68 0.01 5.99
N ALA F 51 -40.77 -0.75 6.14
CA ALA F 51 -41.49 -0.93 7.40
C ALA F 51 -42.08 0.32 8.05
N SER F 52 -41.48 1.50 7.87
CA SER F 52 -42.00 2.67 8.55
C SER F 52 -42.02 3.98 7.77
N ARG F 53 -41.46 4.05 6.57
CA ARG F 53 -41.41 5.31 5.83
C ARG F 53 -42.70 5.50 5.03
N LEU F 54 -43.38 6.61 5.29
CA LEU F 54 -44.63 6.93 4.60
C LEU F 54 -44.35 7.37 3.17
N GLU F 55 -45.12 6.79 2.24
CA GLU F 55 -45.02 7.12 0.84
C GLU F 55 -45.59 8.50 0.53
N SER F 56 -45.03 9.14 -0.49
CA SER F 56 -45.48 10.46 -0.92
C SER F 56 -46.95 10.45 -1.33
N GLY F 57 -47.69 11.42 -0.82
CA GLY F 57 -49.11 11.53 -1.06
C GLY F 57 -49.99 10.63 -0.22
N VAL F 58 -49.41 9.81 0.64
CA VAL F 58 -50.21 8.97 1.54
C VAL F 58 -50.60 9.81 2.75
N PRO F 59 -51.88 9.79 3.16
CA PRO F 59 -52.27 10.59 4.32
C PRO F 59 -51.49 10.17 5.56
N SER F 60 -51.18 11.16 6.41
CA SER F 60 -50.39 10.92 7.61
C SER F 60 -51.10 10.02 8.61
N ARG F 61 -52.39 9.73 8.43
CA ARG F 61 -53.07 8.83 9.34
C ARG F 61 -52.51 7.41 9.29
N PHE F 62 -51.86 7.05 8.18
CA PHE F 62 -51.20 5.76 8.04
C PHE F 62 -49.80 5.80 8.63
N SER F 63 -49.46 4.78 9.41
CA SER F 63 -48.15 4.65 10.02
C SER F 63 -47.73 3.19 10.05
N GLY F 64 -46.44 2.94 9.85
CA GLY F 64 -45.90 1.59 9.84
C GLY F 64 -44.82 1.43 10.90
N SER F 65 -44.76 0.24 11.49
CA SER F 65 -43.77 -0.06 12.52
C SER F 65 -43.39 -1.53 12.44
N GLY F 66 -42.36 -1.89 13.20
CA GLY F 66 -41.86 -3.24 13.30
C GLY F 66 -40.51 -3.44 12.64
N SER F 67 -39.89 -4.57 12.96
CA SER F 67 -38.59 -4.96 12.44
C SER F 67 -38.40 -6.46 12.64
N GLY F 68 -37.45 -7.01 11.88
CA GLY F 68 -37.13 -8.43 11.97
C GLY F 68 -38.09 -9.40 11.32
N THR F 69 -39.05 -9.92 12.10
CA THR F 69 -40.10 -10.82 11.52
C THR F 69 -41.48 -10.17 11.64
N GLU F 70 -41.82 -9.66 12.82
CA GLU F 70 -43.20 -9.19 13.09
C GLU F 70 -43.31 -7.71 12.72
N PHE F 71 -44.20 -7.39 11.77
CA PHE F 71 -44.41 -6.02 11.33
C PHE F 71 -45.88 -5.71 11.43
N THR F 72 -46.18 -4.44 11.69
CA THR F 72 -47.56 -4.05 11.94
C THR F 72 -47.90 -2.76 11.23
N LEU F 73 -49.05 -2.77 10.56
CA LEU F 73 -49.61 -1.59 9.91
C LEU F 73 -50.70 -1.05 10.82
N THR F 74 -50.62 0.23 11.14
CA THR F 74 -51.59 0.87 12.02
C THR F 74 -52.21 2.09 11.33
N ILE F 75 -53.53 2.15 11.34
CA ILE F 75 -54.30 3.28 10.83
C ILE F 75 -54.86 4.03 12.04
N SER F 76 -54.42 5.29 12.20
CA SER F 76 -54.80 6.07 13.37
C SER F 76 -56.27 6.43 13.39
N SER F 77 -56.87 6.70 12.22
CA SER F 77 -58.29 7.02 12.17
C SER F 77 -58.83 6.59 10.80
N LEU F 78 -59.53 5.46 10.80
CA LEU F 78 -60.05 4.89 9.57
C LEU F 78 -61.08 5.80 8.90
N GLN F 79 -60.83 6.10 7.62
CA GLN F 79 -61.70 6.91 6.79
C GLN F 79 -62.51 6.01 5.86
N PRO F 80 -63.61 6.51 5.28
CA PRO F 80 -64.41 5.68 4.37
C PRO F 80 -63.61 5.11 3.21
N ASP F 81 -62.63 5.84 2.70
CA ASP F 81 -61.81 5.39 1.58
C ASP F 81 -60.78 4.34 1.96
N ASP F 82 -60.65 4.01 3.23
CA ASP F 82 -59.67 3.03 3.68
C ASP F 82 -60.21 1.61 3.70
N PHE F 83 -61.51 1.42 3.48
CA PHE F 83 -62.09 0.07 3.44
C PHE F 83 -61.64 -0.62 2.15
N ALA F 84 -60.61 -1.45 2.26
CA ALA F 84 -60.06 -2.17 1.13
C ALA F 84 -59.25 -3.35 1.66
N SER F 85 -58.75 -4.17 0.73
CA SER F 85 -57.87 -5.26 1.12
C SER F 85 -56.44 -4.72 1.16
N TYR F 86 -55.70 -5.14 2.20
CA TYR F 86 -54.32 -4.71 2.40
C TYR F 86 -53.39 -5.91 2.33
N TYR F 87 -52.28 -5.75 1.61
CA TYR F 87 -51.30 -6.81 1.45
C TYR F 87 -49.93 -6.32 1.90
N CYS F 88 -49.26 -7.12 2.71
CA CYS F 88 -47.88 -6.84 3.08
C CYS F 88 -46.97 -7.56 2.10
N GLN F 89 -45.78 -7.01 1.90
CA GLN F 89 -44.79 -7.66 1.04
C GLN F 89 -43.40 -7.49 1.62
N GLN F 90 -42.67 -8.59 1.69
CA GLN F 90 -41.28 -8.54 2.11
C GLN F 90 -40.42 -8.11 0.92
N CYS F 91 -39.51 -7.20 1.16
CA CYS F 91 -38.57 -6.72 0.15
C CYS F 91 -37.16 -7.10 0.54
N TYR F 92 -37.02 -8.31 1.08
CA TYR F 92 -35.74 -8.82 1.55
C TYR F 92 -35.15 -9.84 0.60
N THR F 93 -35.97 -10.75 0.07
CA THR F 93 -35.49 -11.76 -0.85
C THR F 93 -35.96 -11.44 -2.26
N TYR F 94 -35.31 -12.09 -3.22
CA TYR F 94 -35.61 -11.88 -4.62
C TYR F 94 -37.07 -12.19 -4.98
N SER F 95 -37.68 -13.20 -4.34
CA SER F 95 -39.04 -13.60 -4.68
C SER F 95 -40.12 -12.59 -4.29
N GLN F 96 -39.85 -11.67 -3.38
CA GLN F 96 -40.83 -10.67 -2.94
C GLN F 96 -42.21 -11.26 -2.72
N THR F 97 -42.26 -12.28 -1.86
CA THR F 97 -43.52 -12.96 -1.55
C THR F 97 -44.55 -12.02 -0.96
N PHE F 98 -45.79 -12.12 -1.45
CA PHE F 98 -46.89 -11.31 -0.93
C PHE F 98 -47.62 -12.03 0.20
N GLY F 99 -48.22 -11.25 1.09
CA GLY F 99 -49.12 -11.78 2.08
C GLY F 99 -50.46 -12.16 1.49
N GLN F 100 -51.22 -12.97 2.23
CA GLN F 100 -52.51 -13.38 1.70
C GLN F 100 -53.52 -12.25 1.66
N GLY F 101 -53.23 -11.13 2.30
CA GLY F 101 -54.14 -9.97 2.32
C GLY F 101 -55.07 -9.93 3.50
N THR F 102 -55.43 -8.71 3.89
CA THR F 102 -56.35 -8.44 4.98
C THR F 102 -57.45 -7.53 4.45
N ARG F 103 -58.70 -7.98 4.53
CA ARG F 103 -59.84 -7.19 4.08
C ARG F 103 -60.39 -6.33 5.22
N VAL F 104 -60.44 -5.03 5.01
CA VAL F 104 -61.04 -4.09 5.94
C VAL F 104 -62.47 -3.82 5.48
N GLU F 105 -63.44 -4.23 6.29
CA GLU F 105 -64.85 -4.10 5.98
C GLU F 105 -65.53 -3.15 6.95
N ILE F 106 -66.62 -2.54 6.49
CA ILE F 106 -67.40 -1.65 7.34
C ILE F 106 -68.09 -2.44 8.44
N LYS F 107 -67.89 -2.01 9.68
CA LYS F 107 -68.54 -2.59 10.84
C LYS F 107 -70.04 -2.34 10.82
N ARG F 108 -70.83 -3.41 10.96
CA ARG F 108 -72.28 -3.29 10.86
C ARG F 108 -72.82 -2.57 12.09
N LEU G 19 -11.06 29.58 -17.10
CA LEU G 19 -10.01 28.90 -17.84
C LEU G 19 -10.10 29.26 -19.32
N LYS G 20 -8.94 29.41 -19.97
CA LYS G 20 -8.88 29.72 -21.40
C LYS G 20 -7.99 28.72 -22.11
N GLU G 21 -8.55 28.01 -23.08
CA GLU G 21 -7.81 27.07 -23.91
C GLU G 21 -7.73 27.63 -25.31
N SER G 22 -6.52 27.74 -25.83
CA SER G 22 -6.27 28.23 -27.18
C SER G 22 -5.73 27.11 -28.06
N TYR G 23 -6.40 26.85 -29.17
CA TYR G 23 -5.95 25.84 -30.13
C TYR G 23 -5.04 26.51 -31.14
N LEU G 24 -3.85 25.92 -31.31
CA LEU G 24 -2.82 26.46 -32.21
C LEU G 24 -2.75 25.63 -33.49
N GLU G 25 -3.45 26.10 -34.53
CA GLU G 25 -3.41 25.43 -35.82
C GLU G 25 -1.99 25.37 -36.38
N GLU G 26 -1.18 26.39 -36.08
CA GLU G 26 0.19 26.45 -36.57
C GLU G 26 1.02 25.23 -36.15
N SER G 27 0.77 24.70 -34.95
CA SER G 27 1.61 23.61 -34.44
C SER G 27 0.84 22.37 -33.99
N CYS G 28 -0.46 22.28 -34.23
CA CYS G 28 -1.26 21.15 -33.76
C CYS G 28 -1.03 20.93 -32.27
N SER G 29 -1.18 22.02 -31.51
CA SER G 29 -0.98 21.99 -30.07
C SER G 29 -1.99 22.92 -29.41
N THR G 30 -2.17 22.74 -28.11
CA THR G 30 -3.06 23.58 -27.31
C THR G 30 -2.34 24.10 -26.08
N ILE G 31 -2.66 25.33 -25.69
CA ILE G 31 -2.15 25.96 -24.49
C ILE G 31 -3.34 26.33 -23.60
N THR G 32 -3.29 25.88 -22.35
CA THR G 32 -4.35 26.12 -21.38
C THR G 32 -3.82 27.01 -20.27
N GLU G 33 -4.41 28.19 -20.11
CA GLU G 33 -3.99 29.16 -19.12
C GLU G 33 -5.01 29.29 -18.00
N GLY G 34 -4.59 29.96 -16.93
CA GLY G 34 -5.39 30.21 -15.75
C GLY G 34 -5.13 29.30 -14.57
N TYR G 35 -4.19 28.37 -14.66
CA TYR G 35 -3.87 27.54 -13.52
C TYR G 35 -3.09 28.33 -12.47
N LEU G 36 -3.37 28.01 -11.19
CA LEU G 36 -2.67 28.71 -10.08
C LEU G 36 -1.50 27.83 -9.62
N SER G 37 -0.49 28.42 -8.99
CA SER G 37 0.71 27.63 -8.63
C SER G 37 0.77 27.34 -7.13
N VAL G 38 1.04 26.09 -6.76
CA VAL G 38 1.27 25.75 -5.37
C VAL G 38 2.64 25.08 -5.37
N LEU G 39 3.69 25.88 -5.18
CA LEU G 39 5.06 25.41 -5.31
C LEU G 39 5.71 25.10 -3.98
N ARG G 40 6.19 23.86 -3.83
CA ARG G 40 6.93 23.44 -2.66
C ARG G 40 8.32 24.06 -2.69
N THR G 41 8.61 24.94 -1.72
CA THR G 41 9.91 25.59 -1.67
C THR G 41 10.85 25.04 -0.62
N GLY G 42 10.37 24.29 0.36
CA GLY G 42 11.26 23.77 1.36
C GLY G 42 10.69 22.57 2.08
N TRP G 43 11.41 22.15 3.12
CA TRP G 43 11.02 21.03 3.96
C TRP G 43 11.10 21.45 5.41
N TYR G 44 10.08 21.07 6.18
CA TYR G 44 10.00 21.35 7.60
C TYR G 44 10.22 20.00 8.30
N THR G 45 11.31 19.88 9.04
CA THR G 45 11.67 18.63 9.69
C THR G 45 10.98 18.51 11.04
N ASN G 46 10.17 17.47 11.19
CA ASN G 46 9.45 17.19 12.43
C ASN G 46 9.88 15.82 12.95
N VAL G 47 10.43 15.79 14.16
CA VAL G 47 10.86 14.54 14.78
C VAL G 47 9.77 14.12 15.77
N PHE G 48 9.39 12.85 15.71
CA PHE G 48 8.41 12.29 16.63
C PHE G 48 9.05 11.20 17.46
N THR G 49 8.77 11.20 18.76
CA THR G 49 9.27 10.18 19.68
C THR G 49 8.09 9.37 20.21
N LEU G 50 7.88 8.20 19.63
CA LEU G 50 6.81 7.29 20.08
C LEU G 50 7.40 6.46 21.21
N GLU G 51 7.03 6.79 22.44
CA GLU G 51 7.54 6.07 23.61
C GLU G 51 6.73 4.80 23.83
N VAL G 52 7.38 3.65 23.64
CA VAL G 52 6.72 2.36 23.83
C VAL G 52 6.71 1.95 25.30
N GLY G 53 7.75 2.29 26.05
CA GLY G 53 7.84 1.91 27.45
C GLY G 53 8.62 0.63 27.66
N ASP G 54 8.75 0.25 28.94
CA ASP G 54 9.55 -0.91 29.35
C ASP G 54 8.76 -2.21 29.18
N VAL G 55 8.50 -2.56 27.92
CA VAL G 55 7.77 -3.79 27.62
C VAL G 55 8.64 -5.02 27.79
N GLU G 56 9.97 -4.85 27.76
CA GLU G 56 10.90 -5.97 27.84
C GLU G 56 10.78 -6.75 29.15
N ASN G 57 10.53 -6.06 30.25
CA ASN G 57 10.43 -6.74 31.54
C ASN G 57 9.10 -7.43 31.77
N LEU G 58 8.13 -7.28 30.87
CA LEU G 58 6.86 -7.98 31.02
C LEU G 58 7.01 -9.40 30.46
N THR G 59 6.61 -10.39 31.26
CA THR G 59 6.70 -11.79 30.86
C THR G 59 5.38 -12.51 31.18
N CYS G 60 5.04 -13.46 30.32
CA CYS G 60 3.83 -14.27 30.48
C CYS G 60 4.25 -15.72 30.67
N ALA G 61 3.98 -16.27 31.86
CA ALA G 61 4.36 -17.63 32.21
C ALA G 61 3.17 -18.58 32.29
N ASP G 62 1.96 -18.06 32.06
CA ASP G 62 0.73 -18.89 32.18
C ASP G 62 0.26 -19.32 30.78
N GLY G 63 1.19 -19.52 29.85
CA GLY G 63 0.89 -20.03 28.54
C GLY G 63 0.23 -19.05 27.59
N PRO G 64 -0.35 -19.58 26.51
CA PRO G 64 -1.02 -18.74 25.52
C PRO G 64 -2.25 -18.02 26.09
N SER G 65 -2.32 -16.72 25.79
CA SER G 65 -3.43 -15.89 26.25
C SER G 65 -3.55 -14.70 25.30
N LEU G 66 -4.71 -14.06 25.34
CA LEU G 66 -4.98 -12.91 24.46
C LEU G 66 -3.96 -11.80 24.69
N ILE G 67 -3.69 -11.49 25.95
CA ILE G 67 -2.72 -10.44 26.26
C ILE G 67 -1.33 -10.84 25.77
N LYS G 68 -0.96 -12.10 26.02
CA LYS G 68 0.34 -12.59 25.57
C LYS G 68 0.50 -12.47 24.06
N THR G 69 -0.56 -12.74 23.30
CA THR G 69 -0.47 -12.68 21.84
C THR G 69 -0.10 -11.29 21.37
N GLU G 70 -0.78 -10.26 21.89
CA GLU G 70 -0.44 -8.90 21.51
C GLU G 70 0.92 -8.51 22.08
N LEU G 71 1.21 -8.96 23.29
CA LEU G 71 2.47 -8.62 23.94
C LEU G 71 3.64 -9.22 23.19
N ASP G 72 3.56 -10.51 22.84
CA ASP G 72 4.62 -11.13 22.06
C ASP G 72 4.79 -10.44 20.72
N LEU G 73 3.68 -10.06 20.08
CA LEU G 73 3.75 -9.32 18.84
C LEU G 73 4.45 -7.98 19.05
N THR G 74 4.15 -7.32 20.17
CA THR G 74 4.77 -6.04 20.48
C THR G 74 6.27 -6.19 20.66
N LYS G 75 6.70 -7.18 21.44
CA LYS G 75 8.13 -7.43 21.60
C LYS G 75 8.74 -7.79 20.26
N SER G 76 8.02 -8.58 19.45
CA SER G 76 8.51 -8.95 18.13
C SER G 76 8.69 -7.72 17.25
N ALA G 77 7.69 -6.83 17.25
CA ALA G 77 7.78 -5.59 16.47
C ALA G 77 8.98 -4.76 16.92
N LEU G 78 9.16 -4.60 18.24
CA LEU G 78 10.27 -3.83 18.73
C LEU G 78 11.60 -4.47 18.36
N ARG G 79 11.70 -5.79 18.52
CA ARG G 79 12.92 -6.50 18.14
C ARG G 79 13.17 -6.40 16.64
N GLU G 80 12.11 -6.53 15.83
CA GLU G 80 12.25 -6.39 14.38
C GLU G 80 12.79 -5.03 13.98
N LEU G 81 12.29 -3.97 14.63
CA LEU G 81 12.78 -2.62 14.33
C LEU G 81 14.24 -2.45 14.71
N ARG G 82 14.70 -3.12 15.77
CA ARG G 82 16.11 -3.04 16.13
C ARG G 82 17.00 -3.62 15.04
N THR G 83 16.48 -4.57 14.27
CA THR G 83 17.22 -5.20 13.17
C THR G 83 17.28 -4.35 11.92
N CYS G 84 16.43 -3.33 11.78
CA CYS G 84 16.52 -2.48 10.59
C CYS G 84 17.58 -1.40 10.75
N SER G 85 17.83 -0.94 11.97
CA SER G 85 18.82 0.10 12.21
C SER G 85 19.92 -0.39 13.14
N PHE G 103 20.09 14.97 -24.15
CA PHE G 103 19.69 16.16 -23.34
C PHE G 103 18.17 16.16 -23.15
N VAL G 104 17.59 14.98 -22.93
CA VAL G 104 16.11 14.88 -22.72
C VAL G 104 15.77 15.45 -21.34
N LEU G 105 15.21 16.67 -21.29
CA LEU G 105 14.88 17.33 -20.01
C LEU G 105 14.19 16.34 -19.05
N GLY G 106 13.12 15.69 -19.51
CA GLY G 106 12.39 14.80 -18.62
C GLY G 106 13.22 13.63 -18.13
N ALA G 107 14.13 13.11 -18.97
CA ALA G 107 14.93 11.99 -18.50
C ALA G 107 16.05 12.43 -17.57
N ILE G 108 16.47 13.69 -17.70
CA ILE G 108 17.50 14.26 -16.85
C ILE G 108 16.94 14.59 -15.46
N ALA G 109 15.76 15.20 -15.41
CA ALA G 109 15.16 15.69 -14.19
C ALA G 109 14.34 14.67 -13.42
N CYS G 110 13.72 13.71 -14.08
CA CYS G 110 12.82 12.78 -13.40
C CYS G 110 13.55 12.08 -12.26
N GLY G 111 12.98 12.20 -11.06
CA GLY G 111 13.53 11.61 -9.86
C GLY G 111 14.56 12.45 -9.16
N VAL G 112 15.15 13.45 -9.83
CA VAL G 112 16.19 14.24 -9.17
C VAL G 112 15.62 14.92 -7.95
N ALA G 113 14.41 15.48 -8.07
CA ALA G 113 13.74 16.07 -6.94
C ALA G 113 13.47 15.03 -5.87
N THR G 114 13.00 13.85 -6.28
CA THR G 114 12.75 12.77 -5.34
C THR G 114 14.05 12.35 -4.66
N ALA G 115 15.11 12.17 -5.47
CA ALA G 115 16.41 11.81 -4.91
C ALA G 115 16.91 12.91 -3.97
N ALA G 116 16.70 14.17 -4.35
CA ALA G 116 17.10 15.28 -3.50
C ALA G 116 16.31 15.28 -2.19
N ALA G 117 15.01 15.01 -2.27
CA ALA G 117 14.17 15.00 -1.07
C ALA G 117 14.66 13.95 -0.10
N VAL G 118 14.84 12.71 -0.58
CA VAL G 118 15.33 11.63 0.27
C VAL G 118 16.74 11.94 0.77
N THR G 119 17.63 12.34 -0.15
CA THR G 119 19.00 12.65 0.25
C THR G 119 19.06 13.74 1.30
N ALA G 120 18.27 14.81 1.11
CA ALA G 120 18.25 15.88 2.11
C ALA G 120 17.78 15.34 3.45
N GLY G 121 16.72 14.53 3.43
CA GLY G 121 16.26 13.90 4.66
C GLY G 121 17.32 13.02 5.30
N VAL G 122 18.03 12.24 4.47
CA VAL G 122 19.08 11.38 4.98
C VAL G 122 20.22 12.22 5.55
N ALA G 123 20.56 13.32 4.87
CA ALA G 123 21.60 14.21 5.37
C ALA G 123 21.20 14.76 6.75
N ILE G 124 19.95 15.18 6.87
CA ILE G 124 19.43 15.67 8.14
C ILE G 124 19.33 14.54 9.15
N ALA G 125 18.93 13.35 8.71
CA ALA G 125 18.83 12.20 9.61
C ALA G 125 20.18 11.87 10.24
N LYS G 126 21.27 11.94 9.46
CA LYS G 126 22.57 11.61 10.03
C LYS G 126 22.90 12.56 11.17
N CYS G 127 22.53 13.83 11.03
CA CYS G 127 22.70 14.80 12.11
C CYS G 127 21.87 14.40 13.32
N ILE G 128 20.62 14.00 13.08
CA ILE G 128 19.73 13.61 14.16
C ILE G 128 20.21 12.32 14.85
N ARG G 129 20.87 11.43 14.11
CA ARG G 129 21.31 10.17 14.71
C ARG G 129 22.34 10.33 15.81
N LEU G 130 22.96 11.51 15.96
CA LEU G 130 23.93 11.67 17.05
C LEU G 130 23.26 11.48 18.41
N GLU G 131 23.92 10.68 19.26
CA GLU G 131 23.39 10.40 20.60
C GLU G 131 23.16 11.69 21.39
N SER G 132 24.01 12.69 21.18
CA SER G 132 23.83 13.98 21.86
C SER G 132 22.51 14.64 21.45
N GLU G 133 22.18 14.60 20.16
CA GLU G 133 20.92 15.21 19.72
C GLU G 133 19.72 14.41 20.23
N VAL G 134 19.77 13.09 20.16
CA VAL G 134 18.67 12.29 20.71
C VAL G 134 18.51 12.58 22.19
N THR G 135 19.62 12.69 22.92
CA THR G 135 19.55 13.00 24.35
C THR G 135 18.95 14.38 24.60
N ALA G 136 19.38 15.36 23.80
CA ALA G 136 18.84 16.71 23.93
C ALA G 136 17.35 16.75 23.63
N ILE G 137 16.94 16.09 22.54
CA ILE G 137 15.53 16.07 22.17
C ILE G 137 14.71 15.41 23.28
N LYS G 138 15.18 14.26 23.77
CA LYS G 138 14.48 13.60 24.87
C LYS G 138 14.40 14.52 26.09
N ASN G 139 15.48 15.26 26.36
CA ASN G 139 15.45 16.18 27.48
C ASN G 139 14.51 17.34 27.17
N CYS G 140 14.58 17.84 25.93
CA CYS G 140 13.71 18.93 25.51
C CYS G 140 12.24 18.57 25.69
N LEU G 141 11.88 17.33 25.38
CA LEU G 141 10.51 16.84 25.52
C LEU G 141 10.20 16.32 26.90
N LYS G 142 11.17 16.34 27.83
CA LYS G 142 10.89 15.87 29.19
C LYS G 142 9.78 16.67 29.85
N LYS G 143 9.75 17.98 29.62
CA LYS G 143 8.80 18.85 30.29
C LYS G 143 7.61 19.28 29.42
N THR G 144 7.57 18.85 28.17
CA THR G 144 6.45 19.24 27.30
C THR G 144 6.31 18.23 26.18
N ASN G 145 5.17 18.30 25.49
CA ASN G 145 4.90 17.40 24.38
C ASN G 145 5.41 17.95 23.05
N GLU G 146 5.80 19.22 23.02
CA GLU G 146 6.25 19.85 21.79
C GLU G 146 7.25 20.93 22.14
N CYS G 147 8.44 20.85 21.52
CA CYS G 147 9.49 21.83 21.76
C CYS G 147 10.35 21.91 20.51
N VAL G 148 11.04 23.04 20.36
CA VAL G 148 11.96 23.25 19.25
C VAL G 148 13.37 23.05 19.79
N SER G 149 14.16 22.23 19.09
CA SER G 149 15.56 22.02 19.41
C SER G 149 16.43 22.32 18.20
N THR G 150 17.58 22.93 18.45
CA THR G 150 18.57 23.24 17.41
C THR G 150 19.63 22.14 17.39
N LEU G 151 19.74 21.45 16.26
CA LEU G 151 20.71 20.38 16.13
C LEU G 151 22.13 20.94 16.06
N GLY G 152 23.12 20.08 16.35
CA GLY G 152 24.50 20.50 16.27
C GLY G 152 24.86 21.02 14.89
N CYS G 153 24.20 20.49 13.85
CA CYS G 153 24.37 20.97 12.49
C CYS G 153 23.65 22.29 12.24
N GLY G 154 23.02 22.88 13.27
CA GLY G 154 22.39 24.17 13.20
C GLY G 154 20.94 24.19 12.73
N VAL G 155 20.42 23.08 12.24
CA VAL G 155 19.04 23.05 11.76
C VAL G 155 18.09 23.04 12.95
N ARG G 156 17.04 23.86 12.89
CA ARG G 156 16.00 23.83 13.92
C ARG G 156 14.92 22.85 13.49
N VAL G 157 14.56 21.95 14.40
CA VAL G 157 13.54 20.93 14.15
C VAL G 157 12.47 20.98 15.22
N LEU G 158 11.22 20.79 14.81
CA LEU G 158 10.09 20.75 15.73
C LEU G 158 9.88 19.31 16.19
N ALA G 159 9.99 19.09 17.49
CA ALA G 159 9.83 17.77 18.10
C ALA G 159 8.48 17.64 18.79
N THR G 160 7.80 16.51 18.57
CA THR G 160 6.50 16.25 19.17
C THR G 160 6.54 14.90 19.89
N ALA G 161 6.00 14.86 21.10
CA ALA G 161 5.95 13.66 21.94
C ALA G 161 4.61 12.95 21.87
N VAL G 162 4.65 11.63 21.73
CA VAL G 162 3.46 10.77 21.76
C VAL G 162 3.59 9.91 23.02
N ARG G 163 2.69 10.10 23.98
CA ARG G 163 2.80 9.47 25.29
C ARG G 163 1.68 8.52 25.66
N GLU G 164 0.60 8.46 24.89
CA GLU G 164 -0.56 7.65 25.23
C GLU G 164 -0.20 6.19 25.51
N LEU G 165 0.63 5.59 24.66
CA LEU G 165 0.99 4.18 24.82
C LEU G 165 1.79 3.92 26.09
N LYS G 166 2.81 4.72 26.35
CA LYS G 166 3.64 4.56 27.55
C LYS G 166 2.84 4.69 28.84
N ASP G 167 1.93 5.68 28.86
CA ASP G 167 1.01 5.87 30.00
C ASP G 167 0.20 4.58 30.20
N PHE G 168 -0.68 4.28 29.25
CA PHE G 168 -1.53 3.05 29.33
C PHE G 168 -0.71 1.89 29.90
N VAL G 169 0.23 1.38 29.12
CA VAL G 169 0.99 0.15 29.48
C VAL G 169 1.41 0.25 30.96
N SER G 170 2.21 1.25 31.31
CA SER G 170 2.75 1.40 32.68
C SER G 170 1.59 1.41 33.70
N LYS G 171 0.61 2.29 33.47
CA LYS G 171 -0.43 2.58 34.49
C LYS G 171 -1.51 1.50 34.44
N ASN G 172 -1.41 0.56 33.50
CA ASN G 172 -2.45 -0.48 33.31
C ASN G 172 -1.78 -1.82 33.01
N LEU G 173 -1.59 -2.13 31.72
CA LEU G 173 -1.08 -3.45 31.29
C LEU G 173 -0.01 -3.94 32.27
N THR G 174 1.10 -3.21 32.39
CA THR G 174 2.21 -3.60 33.29
C THR G 174 1.64 -4.10 34.62
N ARG G 175 0.86 -3.25 35.31
CA ARG G 175 0.28 -3.61 36.62
C ARG G 175 -0.62 -4.83 36.47
N ALA G 176 -1.64 -4.74 35.61
CA ALA G 176 -2.57 -5.86 35.38
C ALA G 176 -1.80 -7.18 35.37
N ILE G 177 -0.65 -7.21 34.69
CA ILE G 177 0.15 -8.44 34.58
C ILE G 177 0.76 -8.67 35.96
N ASN G 178 0.12 -9.53 36.74
CA ASN G 178 0.53 -9.83 38.10
C ASN G 178 1.25 -11.18 38.16
N LYS G 179 2.45 -11.18 38.73
CA LYS G 179 3.28 -12.38 38.85
C LYS G 179 3.41 -13.14 37.54
N ASN G 180 3.62 -12.40 36.45
CA ASN G 180 3.80 -12.94 35.11
C ASN G 180 2.59 -13.72 34.61
N LYS G 181 1.41 -13.54 35.20
CA LYS G 181 0.21 -14.21 34.72
C LYS G 181 -0.53 -13.28 33.78
N CYS G 182 -0.72 -13.70 32.53
CA CYS G 182 -1.35 -12.85 31.53
C CYS G 182 -2.76 -13.27 31.13
N ASP G 183 -3.17 -14.51 31.40
CA ASP G 183 -4.52 -14.95 31.08
C ASP G 183 -5.53 -14.51 32.15
N ILE G 184 -5.64 -13.19 32.30
CA ILE G 184 -6.55 -12.64 33.31
C ILE G 184 -7.97 -12.59 32.74
N PRO G 185 -9.00 -12.72 33.58
CA PRO G 185 -10.38 -12.68 33.08
C PRO G 185 -10.86 -11.32 32.60
N ASP G 186 -10.13 -10.25 32.90
CA ASP G 186 -10.52 -8.89 32.51
C ASP G 186 -10.23 -8.66 31.03
N LEU G 187 -11.19 -9.08 30.20
CA LEU G 187 -11.07 -8.95 28.76
C LEU G 187 -10.98 -7.50 28.33
N LYS G 188 -11.55 -6.58 29.11
CA LYS G 188 -11.46 -5.16 28.78
C LYS G 188 -10.01 -4.70 28.73
N MET G 189 -9.18 -5.26 29.61
CA MET G 189 -7.74 -4.92 29.61
C MET G 189 -7.13 -5.34 28.26
N ALA G 190 -7.37 -6.60 27.86
CA ALA G 190 -6.82 -7.11 26.61
C ALA G 190 -7.29 -6.31 25.41
N VAL G 191 -8.58 -5.98 25.36
CA VAL G 191 -9.11 -5.19 24.25
C VAL G 191 -8.47 -3.81 24.22
N SER G 192 -8.31 -3.21 25.40
CA SER G 192 -7.69 -1.87 25.53
C SER G 192 -6.28 -1.90 24.91
N PHE G 193 -5.49 -2.90 25.29
CA PHE G 193 -4.11 -3.01 24.81
C PHE G 193 -4.08 -3.14 23.30
N SER G 194 -4.93 -4.00 22.74
CA SER G 194 -5.00 -4.18 21.29
C SER G 194 -5.38 -2.90 20.58
N GLN G 195 -6.17 -2.04 21.23
CA GLN G 195 -6.57 -0.76 20.64
C GLN G 195 -5.45 0.27 20.64
N PHE G 196 -4.71 0.41 21.74
CA PHE G 196 -3.68 1.45 21.78
C PHE G 196 -2.45 1.11 20.93
N ASN G 197 -2.09 -0.18 20.83
CA ASN G 197 -0.90 -0.55 20.09
C ASN G 197 -1.11 -0.51 18.57
N ARG G 198 -2.35 -0.33 18.12
CA ARG G 198 -2.65 -0.32 16.68
C ARG G 198 -1.80 0.69 15.91
N ARG G 199 -1.66 1.91 16.43
CA ARG G 199 -0.85 2.90 15.74
C ARG G 199 0.62 2.49 15.69
N PHE G 200 1.18 2.09 16.83
CA PHE G 200 2.58 1.70 16.90
C PHE G 200 2.89 0.55 15.94
N LEU G 201 2.06 -0.49 15.95
CA LEU G 201 2.30 -1.63 15.05
C LEU G 201 2.23 -1.19 13.59
N ASN G 202 1.33 -0.26 13.27
CA ASN G 202 1.23 0.23 11.90
C ASN G 202 2.47 1.02 11.50
N VAL G 203 2.97 1.88 12.40
CA VAL G 203 4.17 2.65 12.10
C VAL G 203 5.35 1.73 11.81
N VAL G 204 5.57 0.74 12.68
CA VAL G 204 6.67 -0.20 12.48
C VAL G 204 6.46 -0.99 11.19
N ARG G 205 5.22 -1.41 10.93
CA ARG G 205 4.93 -2.16 9.71
C ARG G 205 5.28 -1.36 8.46
N GLN G 206 4.85 -0.10 8.41
CA GLN G 206 5.13 0.73 7.23
C GLN G 206 6.64 0.91 7.02
N PHE G 207 7.39 1.17 8.09
CA PHE G 207 8.84 1.31 7.93
C PHE G 207 9.49 -0.02 7.58
N SER G 208 9.07 -1.11 8.24
CA SER G 208 9.65 -2.41 7.93
C SER G 208 9.38 -2.80 6.49
N ASP G 209 8.13 -2.63 6.04
CA ASP G 209 7.76 -2.98 4.68
C ASP G 209 8.42 -2.05 3.66
N ASN G 210 8.81 -0.85 4.08
CA ASN G 210 9.46 0.12 3.22
C ASN G 210 10.95 0.27 3.53
N ALA G 211 11.51 -0.66 4.30
CA ALA G 211 12.92 -0.65 4.66
C ALA G 211 13.38 0.70 5.21
N GLY G 212 12.56 1.28 6.09
CA GLY G 212 12.87 2.53 6.75
C GLY G 212 12.56 3.81 6.01
N ILE G 213 12.10 3.76 4.76
CA ILE G 213 11.75 4.98 4.02
C ILE G 213 10.39 4.76 3.37
N THR G 214 9.35 5.40 3.93
CA THR G 214 8.01 5.26 3.39
C THR G 214 7.78 6.21 2.21
N PRO G 215 6.93 5.80 1.26
CA PRO G 215 6.61 6.70 0.14
C PRO G 215 5.63 7.81 0.49
N ALA G 216 4.88 7.70 1.58
CA ALA G 216 3.91 8.73 1.93
C ALA G 216 3.69 8.74 3.45
N ILE G 217 2.97 9.76 3.90
CA ILE G 217 2.68 9.95 5.31
C ILE G 217 1.29 9.42 5.59
N SER G 218 1.21 8.21 6.11
CA SER G 218 -0.06 7.61 6.47
C SER G 218 -0.65 8.33 7.69
N LYS G 219 -1.91 8.00 8.00
CA LYS G 219 -2.53 8.55 9.20
C LYS G 219 -1.82 8.10 10.47
N ASP G 220 -1.11 6.98 10.42
CA ASP G 220 -0.44 6.49 11.62
C ASP G 220 0.84 7.26 11.89
N LEU G 221 1.54 7.68 10.83
CA LEU G 221 2.74 8.47 11.00
C LEU G 221 2.41 9.86 11.57
N MET G 222 1.39 10.50 11.03
CA MET G 222 0.98 11.82 11.52
C MET G 222 -0.53 11.94 11.37
N THR G 223 -1.24 12.06 12.49
CA THR G 223 -2.68 12.21 12.44
C THR G 223 -3.06 13.58 11.87
N ASP G 224 -4.34 13.72 11.52
CA ASP G 224 -4.85 14.99 11.02
C ASP G 224 -4.65 16.12 12.03
N ALA G 225 -4.87 15.82 13.32
CA ALA G 225 -4.65 16.84 14.35
C ALA G 225 -3.18 17.23 14.46
N GLU G 226 -2.28 16.25 14.38
CA GLU G 226 -0.85 16.54 14.46
C GLU G 226 -0.39 17.36 13.27
N LEU G 227 -0.88 17.02 12.07
CA LEU G 227 -0.51 17.74 10.86
C LEU G 227 -0.97 19.19 10.91
N ALA G 228 -2.25 19.42 11.28
CA ALA G 228 -2.75 20.78 11.35
C ALA G 228 -1.95 21.63 12.33
N ARG G 229 -1.57 21.05 13.46
CA ARG G 229 -0.75 21.77 14.43
C ARG G 229 0.63 22.07 13.87
N ALA G 230 1.25 21.07 13.24
CA ALA G 230 2.58 21.24 12.65
C ALA G 230 2.57 22.33 11.57
N ILE G 231 1.56 22.31 10.70
CA ILE G 231 1.43 23.33 9.66
C ILE G 231 1.32 24.72 10.27
N SER G 232 0.54 24.86 11.33
CA SER G 232 0.35 26.16 11.99
C SER G 232 1.66 26.77 12.48
N ASN G 233 2.69 25.96 12.70
CA ASN G 233 3.98 26.48 13.16
C ASN G 233 4.95 26.73 12.03
N MET G 234 4.52 26.56 10.78
CA MET G 234 5.45 26.68 9.67
C MET G 234 5.84 28.15 9.46
N PRO G 235 7.09 28.42 9.09
CA PRO G 235 7.56 29.80 8.85
C PRO G 235 7.10 30.37 7.50
N THR G 236 5.79 30.58 7.37
CA THR G 236 5.23 31.12 6.13
C THR G 236 4.19 32.18 6.47
N SER G 237 3.76 32.91 5.44
CA SER G 237 2.74 33.92 5.61
C SER G 237 1.39 33.30 5.93
N ALA G 238 0.53 34.11 6.56
CA ALA G 238 -0.81 33.64 6.96
C ALA G 238 -1.61 33.16 5.75
N GLY G 239 -1.45 33.81 4.59
CA GLY G 239 -2.17 33.38 3.41
C GLY G 239 -1.76 31.99 2.94
N GLN G 240 -0.46 31.71 2.93
CA GLN G 240 0.01 30.39 2.53
C GLN G 240 -0.49 29.31 3.49
N ILE G 241 -0.46 29.60 4.80
CA ILE G 241 -0.95 28.67 5.80
C ILE G 241 -2.41 28.33 5.56
N LYS G 242 -3.24 29.35 5.31
CA LYS G 242 -4.66 29.12 5.06
C LYS G 242 -4.87 28.18 3.88
N LEU G 243 -4.20 28.47 2.75
CA LEU G 243 -4.32 27.60 1.55
C LEU G 243 -3.93 26.17 1.93
N MET G 244 -2.85 26.01 2.69
CA MET G 244 -2.36 24.68 3.08
C MET G 244 -3.34 23.98 4.02
N LEU G 245 -3.95 24.73 4.94
CA LEU G 245 -4.91 24.12 5.87
C LEU G 245 -6.11 23.55 5.12
N GLU G 246 -6.54 24.20 4.05
CA GLU G 246 -7.66 23.70 3.28
C GLU G 246 -7.29 22.46 2.46
N ASN G 247 -6.01 22.25 2.15
CA ASN G 247 -5.59 21.15 1.30
C ASN G 247 -4.68 20.19 2.06
N ARG G 248 -5.01 19.93 3.33
CA ARG G 248 -4.20 19.10 4.20
C ARG G 248 -3.85 17.76 3.56
N CYS G 249 -4.78 17.21 2.78
CA CYS G 249 -4.60 15.92 2.13
C CYS G 249 -3.51 15.94 1.06
N MET G 250 -3.34 17.06 0.37
CA MET G 250 -2.27 17.18 -0.63
C MET G 250 -0.90 17.25 0.02
N VAL G 251 -0.80 17.93 1.16
CA VAL G 251 0.46 18.04 1.89
C VAL G 251 1.00 16.65 2.25
N ARG G 252 0.13 15.76 2.70
CA ARG G 252 0.56 14.40 3.03
C ARG G 252 1.21 13.70 1.85
N ARG G 253 0.63 13.81 0.66
CA ARG G 253 1.08 13.01 -0.48
C ARG G 253 2.52 13.36 -0.92
N LYS G 254 2.95 14.61 -0.74
CA LYS G 254 4.31 14.97 -1.13
C LYS G 254 5.35 14.72 -0.05
N GLY G 255 4.95 14.50 1.20
CA GLY G 255 5.90 14.24 2.25
C GLY G 255 6.27 12.77 2.38
N PHE G 256 7.20 12.50 3.30
CA PHE G 256 7.68 11.15 3.55
C PHE G 256 8.23 11.07 4.97
N GLY G 257 8.38 9.85 5.46
CA GLY G 257 8.89 9.60 6.79
C GLY G 257 10.16 8.78 6.74
N ILE G 258 11.07 9.05 7.68
CA ILE G 258 12.33 8.32 7.80
C ILE G 258 12.51 7.87 9.24
N LEU G 259 12.82 6.59 9.41
CA LEU G 259 13.10 6.02 10.73
C LEU G 259 14.47 6.45 11.22
N ILE G 260 14.51 7.05 12.42
CA ILE G 260 15.78 7.44 13.01
C ILE G 260 16.46 6.24 13.67
N GLY G 261 15.76 5.56 14.56
CA GLY G 261 16.29 4.39 15.22
C GLY G 261 15.54 4.12 16.50
N VAL G 262 16.01 3.10 17.21
CA VAL G 262 15.45 2.71 18.50
C VAL G 262 16.44 3.06 19.60
N TYR G 263 16.04 3.96 20.49
CA TYR G 263 16.87 4.40 21.60
C TYR G 263 16.12 4.07 22.89
N GLY G 264 16.53 2.99 23.53
CA GLY G 264 15.87 2.50 24.73
C GLY G 264 14.45 2.03 24.48
N SER G 265 13.50 2.62 25.19
CA SER G 265 12.09 2.27 25.06
C SER G 265 11.31 3.24 24.19
N SER G 266 11.98 4.13 23.46
CA SER G 266 11.32 5.11 22.61
C SER G 266 11.73 4.91 21.15
N VAL G 267 10.74 4.80 20.27
CA VAL G 267 10.98 4.76 18.83
C VAL G 267 11.00 6.18 18.31
N ILE G 268 12.05 6.53 17.58
CA ILE G 268 12.24 7.87 17.03
C ILE G 268 12.23 7.81 15.51
N TYR G 269 11.42 8.67 14.89
CA TYR G 269 11.35 8.79 13.44
C TYR G 269 11.19 10.27 13.09
N MET G 270 11.53 10.61 11.84
CA MET G 270 11.41 11.97 11.34
C MET G 270 10.47 12.05 10.14
N VAL G 271 9.71 13.14 10.07
CA VAL G 271 8.77 13.41 9.00
C VAL G 271 9.14 14.72 8.32
N GLN G 272 9.31 14.69 7.00
CA GLN G 272 9.59 15.89 6.21
C GLN G 272 8.30 16.42 5.63
N LEU G 273 7.85 17.59 6.12
CA LEU G 273 6.65 18.26 5.62
C LEU G 273 7.01 19.26 4.51
N PRO G 274 6.29 19.27 3.40
CA PRO G 274 6.57 20.24 2.32
C PRO G 274 6.24 21.66 2.74
N ILE G 275 7.17 22.58 2.49
CA ILE G 275 6.95 24.01 2.73
C ILE G 275 6.51 24.67 1.43
N PHE G 276 5.27 25.16 1.38
CA PHE G 276 4.75 25.85 0.19
C PHE G 276 4.99 27.35 0.29
N GLY G 277 6.21 27.75 -0.04
CA GLY G 277 6.61 29.16 0.03
C GLY G 277 6.14 30.05 -1.11
N VAL G 278 5.67 29.46 -2.22
CA VAL G 278 5.16 30.22 -3.36
C VAL G 278 3.79 29.65 -3.71
N ILE G 279 2.77 30.52 -3.75
CA ILE G 279 1.37 30.04 -4.03
C ILE G 279 0.68 30.99 -5.02
N ASP G 280 -0.31 30.47 -5.77
CA ASP G 280 -1.12 31.32 -6.70
C ASP G 280 -0.25 32.12 -7.67
N THR G 281 0.53 31.45 -8.52
CA THR G 281 1.28 32.19 -9.57
C THR G 281 0.87 31.64 -10.92
N PRO G 282 0.72 32.48 -11.97
CA PRO G 282 0.22 32.00 -13.26
C PRO G 282 0.86 30.75 -13.83
N CYS G 283 0.12 29.64 -13.87
CA CYS G 283 0.64 28.44 -14.51
C CYS G 283 -0.19 28.09 -15.74
N TRP G 284 0.45 27.41 -16.69
CA TRP G 284 -0.21 26.92 -17.89
C TRP G 284 0.40 25.59 -18.28
N ILE G 285 -0.36 24.82 -19.08
CA ILE G 285 0.06 23.51 -19.58
C ILE G 285 -0.01 23.51 -21.09
N VAL G 286 1.02 22.96 -21.72
CA VAL G 286 1.10 22.81 -23.17
C VAL G 286 0.98 21.34 -23.53
N LYS G 287 0.04 21.02 -24.41
CA LYS G 287 -0.13 19.70 -24.97
C LYS G 287 -0.07 19.80 -26.49
N ALA G 288 0.44 18.76 -27.13
CA ALA G 288 0.56 18.73 -28.57
C ALA G 288 0.37 17.32 -29.10
N ALA G 289 0.00 17.24 -30.37
CA ALA G 289 -0.18 16.00 -31.09
C ALA G 289 0.63 16.05 -32.37
N PRO G 290 0.90 14.90 -33.00
CA PRO G 290 1.67 14.91 -34.24
C PRO G 290 1.02 15.72 -35.35
N SER G 291 1.75 16.72 -35.84
CA SER G 291 1.33 17.54 -36.97
C SER G 291 1.94 16.91 -38.21
N CYS G 292 1.11 16.29 -39.04
CA CYS G 292 1.59 15.62 -40.25
C CYS G 292 0.92 16.22 -41.49
N SER G 293 1.73 16.56 -42.48
CA SER G 293 1.26 17.04 -43.77
C SER G 293 1.65 16.03 -44.85
N GLU G 294 0.73 15.74 -45.77
CA GLU G 294 1.02 14.70 -46.79
C GLU G 294 1.19 15.35 -48.17
N LYS G 295 2.40 15.30 -48.73
CA LYS G 295 2.64 15.84 -50.09
C LYS G 295 3.16 14.71 -50.99
N LYS G 296 2.54 14.53 -52.15
CA LYS G 296 2.97 13.45 -53.10
C LYS G 296 3.05 12.12 -52.33
N GLY G 297 2.01 11.80 -51.55
CA GLY G 297 1.99 10.56 -50.81
C GLY G 297 2.97 10.45 -49.65
N ASN G 298 3.93 11.38 -49.59
CA ASN G 298 4.97 11.34 -48.52
C ASN G 298 4.46 12.05 -47.27
N TYR G 299 5.06 11.78 -46.10
CA TYR G 299 4.55 12.37 -44.83
C TYR G 299 5.63 13.24 -44.19
N ALA G 300 5.27 14.48 -43.86
CA ALA G 300 6.20 15.40 -43.15
C ALA G 300 5.63 15.66 -41.76
N CYS G 301 5.98 14.82 -40.77
CA CYS G 301 5.34 14.97 -39.44
C CYS G 301 6.21 15.82 -38.49
N LEU G 302 5.59 16.47 -37.52
CA LEU G 302 6.32 17.30 -36.53
C LEU G 302 5.57 17.23 -35.19
N LEU G 303 6.27 16.95 -34.09
CA LEU G 303 5.60 16.83 -32.77
C LEU G 303 6.34 17.70 -31.74
N ARG G 304 5.65 18.68 -31.15
CA ARG G 304 6.28 19.52 -30.10
C ARG G 304 6.47 18.66 -28.84
N GLU G 305 7.71 18.58 -28.35
CA GLU G 305 7.99 17.75 -27.15
C GLU G 305 8.08 18.68 -25.92
N ASP G 306 7.95 19.99 -26.13
CA ASP G 306 7.99 20.96 -25.00
C ASP G 306 6.68 20.85 -24.21
N GLN G 307 6.17 19.62 -24.04
CA GLN G 307 4.91 19.43 -23.34
C GLN G 307 5.13 19.28 -21.84
N GLY G 308 4.16 19.76 -21.07
CA GLY G 308 4.22 19.69 -19.63
C GLY G 308 3.74 20.99 -19.02
N TRP G 309 4.04 21.15 -17.74
CA TRP G 309 3.66 22.35 -17.00
C TRP G 309 4.75 23.40 -16.99
N TYR G 310 4.33 24.66 -17.11
CA TYR G 310 5.19 25.84 -17.08
C TYR G 310 4.57 26.86 -16.15
N CYS G 311 5.38 27.46 -15.28
CA CYS G 311 4.85 28.48 -14.40
C CYS G 311 5.82 29.66 -14.32
N GLN G 312 5.25 30.87 -14.29
CA GLN G 312 6.05 32.07 -14.05
C GLN G 312 6.26 32.27 -12.56
N ASN G 313 7.49 32.62 -12.17
CA ASN G 313 7.80 32.87 -10.78
C ASN G 313 8.85 33.98 -10.70
N ALA G 314 8.49 35.10 -10.07
CA ALA G 314 9.37 36.26 -9.97
C ALA G 314 9.93 36.65 -11.33
N GLY G 315 9.08 36.57 -12.34
CA GLY G 315 9.44 36.88 -13.71
C GLY G 315 10.20 35.81 -14.44
N SER G 316 10.61 34.75 -13.75
CA SER G 316 11.30 33.64 -14.41
C SER G 316 10.28 32.57 -14.76
N THR G 317 10.60 31.78 -15.78
CA THR G 317 9.73 30.69 -16.22
C THR G 317 10.34 29.37 -15.75
N VAL G 318 9.57 28.58 -15.01
CA VAL G 318 10.01 27.28 -14.51
C VAL G 318 9.29 26.20 -15.30
N TYR G 319 10.06 25.26 -15.85
CA TYR G 319 9.52 24.14 -16.61
C TYR G 319 9.57 22.84 -15.80
N TYR G 320 8.44 22.13 -15.76
CA TYR G 320 8.33 20.86 -15.06
C TYR G 320 8.13 19.74 -16.08
N PRO G 321 9.19 19.02 -16.47
CA PRO G 321 9.07 18.00 -17.52
C PRO G 321 8.56 16.63 -17.08
N CYS G 322 8.47 16.32 -15.79
CA CYS G 322 8.10 14.97 -15.39
C CYS G 322 6.65 14.86 -14.93
N GLU G 323 6.00 13.80 -15.41
CA GLU G 323 4.58 13.55 -15.21
C GLU G 323 4.18 13.60 -13.74
N LYS G 324 4.93 12.91 -12.89
CA LYS G 324 4.63 12.79 -11.47
C LYS G 324 4.93 14.03 -10.64
N ASP G 325 5.59 15.04 -11.20
CA ASP G 325 5.95 16.22 -10.43
C ASP G 325 4.85 17.28 -10.37
N CYS G 326 3.83 17.20 -11.22
CA CYS G 326 2.74 18.14 -11.19
C CYS G 326 1.40 17.41 -11.16
N GLU G 327 0.52 17.83 -10.25
CA GLU G 327 -0.80 17.23 -10.05
C GLU G 327 -1.82 18.34 -9.94
N THR G 328 -2.94 18.18 -10.64
CA THR G 328 -4.02 19.15 -10.62
C THR G 328 -5.10 18.89 -9.57
N ARG G 329 -5.63 19.99 -9.04
CA ARG G 329 -6.81 20.01 -8.16
C ARG G 329 -7.57 21.27 -8.55
N GLY G 330 -8.57 21.11 -9.42
CA GLY G 330 -9.30 22.26 -9.92
C GLY G 330 -8.36 23.16 -10.70
N ASP G 331 -8.35 24.45 -10.34
CA ASP G 331 -7.48 25.41 -11.00
C ASP G 331 -6.04 25.38 -10.49
N HIS G 332 -5.82 24.61 -9.41
CA HIS G 332 -4.48 24.57 -8.78
C HIS G 332 -3.63 23.39 -9.25
N VAL G 333 -2.39 23.66 -9.64
CA VAL G 333 -1.44 22.63 -10.05
C VAL G 333 -0.30 22.61 -9.03
N PHE G 334 -0.12 21.48 -8.35
CA PHE G 334 0.91 21.32 -7.34
C PHE G 334 2.16 20.79 -8.03
N CYS G 335 3.21 21.61 -8.06
CA CYS G 335 4.48 21.22 -8.65
C CYS G 335 5.60 21.42 -7.63
N ASP G 336 6.61 20.56 -7.70
CA ASP G 336 7.76 20.62 -6.80
C ASP G 336 8.88 21.45 -7.42
N THR G 337 9.19 22.60 -6.79
CA THR G 337 10.21 23.49 -7.33
C THR G 337 11.54 22.79 -7.54
N ALA G 338 11.83 21.75 -6.76
CA ALA G 338 13.09 21.04 -6.93
C ALA G 338 13.14 20.27 -8.23
N ALA G 339 11.99 20.07 -8.87
CA ALA G 339 11.89 19.39 -10.16
C ALA G 339 11.94 20.36 -11.33
N GLY G 340 11.92 21.66 -11.06
CA GLY G 340 11.90 22.64 -12.12
C GLY G 340 13.27 22.93 -12.72
N ILE G 341 13.24 23.26 -14.01
CA ILE G 341 14.40 23.70 -14.78
C ILE G 341 14.08 25.09 -15.29
N ASN G 342 14.91 26.07 -14.94
CA ASN G 342 14.63 27.42 -15.38
C ASN G 342 14.87 27.57 -16.86
N VAL G 343 13.88 28.13 -17.55
CA VAL G 343 13.92 28.38 -18.98
C VAL G 343 13.73 29.86 -19.22
N ALA G 344 14.31 30.34 -20.32
CA ALA G 344 14.21 31.76 -20.65
C ALA G 344 12.76 32.12 -20.94
N GLU G 345 12.43 33.39 -20.65
CA GLU G 345 11.07 33.89 -20.90
C GLU G 345 10.67 33.73 -22.36
N GLN G 346 11.64 33.83 -23.27
CA GLN G 346 11.40 33.68 -24.69
C GLN G 346 10.78 32.33 -25.06
N SER G 347 10.88 31.33 -24.18
CA SER G 347 10.28 30.03 -24.47
C SER G 347 8.77 30.15 -24.72
N LYS G 348 8.12 31.18 -24.16
CA LYS G 348 6.71 31.38 -24.41
C LYS G 348 6.43 31.73 -25.87
N GLU G 349 7.42 32.28 -26.58
CA GLU G 349 7.26 32.63 -27.99
C GLU G 349 6.94 31.41 -28.84
N CYS G 350 7.34 30.22 -28.41
CA CYS G 350 7.02 29.00 -29.15
C CYS G 350 5.51 28.79 -29.25
N ASN G 351 4.73 29.43 -28.39
CA ASN G 351 3.28 29.36 -28.42
C ASN G 351 2.66 30.50 -29.21
N ILE G 352 3.46 31.46 -29.68
CA ILE G 352 2.97 32.64 -30.39
C ILE G 352 3.41 32.63 -31.86
N ASN G 353 4.72 32.50 -32.08
CA ASN G 353 5.26 32.53 -33.47
C ASN G 353 6.46 31.58 -33.55
N ILE G 354 6.26 30.30 -33.20
CA ILE G 354 7.37 29.29 -33.19
C ILE G 354 8.09 29.30 -34.55
N SER G 355 7.36 29.60 -35.64
CA SER G 355 7.98 29.52 -36.99
C SER G 355 9.01 30.63 -37.21
N THR G 356 8.80 31.82 -36.65
CA THR G 356 9.71 32.96 -36.92
C THR G 356 10.61 33.24 -35.73
N THR G 357 10.23 32.83 -34.53
CA THR G 357 11.01 33.17 -33.35
C THR G 357 12.45 32.64 -33.44
N ASN G 358 13.37 33.41 -32.86
CA ASN G 358 14.77 33.05 -32.75
C ASN G 358 15.03 32.09 -31.60
N TYR G 359 14.04 31.81 -30.77
CA TYR G 359 14.21 30.91 -29.65
C TYR G 359 14.31 29.46 -30.14
N PRO G 360 15.26 28.63 -29.65
CA PRO G 360 15.40 27.28 -30.17
C PRO G 360 14.31 26.34 -29.66
N CYS G 361 13.07 26.54 -30.12
CA CYS G 361 11.97 25.64 -29.74
C CYS G 361 12.34 24.21 -30.15
N LYS G 362 12.59 23.32 -29.18
CA LYS G 362 13.02 21.93 -29.50
C LYS G 362 11.79 21.06 -29.77
N VAL G 363 11.74 20.40 -30.93
CA VAL G 363 10.60 19.50 -31.28
C VAL G 363 11.17 18.18 -31.80
N SER G 364 10.30 17.25 -32.21
CA SER G 364 10.76 15.97 -32.81
C SER G 364 9.97 15.70 -34.09
N CYS G 365 10.58 15.01 -35.07
CA CYS G 365 9.89 14.78 -36.38
C CYS G 365 10.06 13.31 -36.80
N GLY G 366 9.41 12.92 -37.91
CA GLY G 366 9.48 11.52 -38.36
C GLY G 366 8.65 11.30 -39.61
N ARG G 367 9.25 10.72 -40.65
CA ARG G 367 8.51 10.49 -41.92
C ARG G 367 7.37 9.49 -41.66
N HIS G 368 7.11 9.17 -40.39
CA HIS G 368 6.02 8.23 -40.03
C HIS G 368 4.89 8.97 -39.31
N PRO G 369 3.63 8.88 -39.80
CA PRO G 369 2.50 9.51 -39.13
C PRO G 369 1.95 8.68 -37.97
N ILE G 370 1.61 9.35 -36.86
CA ILE G 370 1.01 8.66 -35.73
C ILE G 370 -0.35 9.28 -35.45
N SER G 371 -1.41 8.48 -35.57
CA SER G 371 -2.75 8.95 -35.26
C SER G 371 -3.01 8.74 -33.77
N MET G 372 -3.46 9.79 -33.08
CA MET G 372 -3.68 9.68 -31.64
C MET G 372 -4.58 10.81 -31.17
N VAL G 373 -5.13 10.61 -29.97
CA VAL G 373 -5.95 11.60 -29.28
C VAL G 373 -5.17 12.13 -28.09
N ALA G 374 -5.04 13.44 -27.99
CA ALA G 374 -4.41 14.08 -26.84
C ALA G 374 -5.47 14.87 -26.09
N LEU G 375 -5.97 14.30 -24.99
CA LEU G 375 -6.98 14.95 -24.18
C LEU G 375 -6.41 16.14 -23.43
N SER G 376 -7.06 17.28 -23.56
CA SER G 376 -6.71 18.49 -22.85
C SER G 376 -7.76 18.79 -21.79
N PRO G 377 -7.50 19.73 -20.88
CA PRO G 377 -8.53 20.08 -19.88
C PRO G 377 -9.83 20.57 -20.46
N LEU G 378 -9.80 21.32 -21.56
CA LEU G 378 -11.03 21.87 -22.15
C LEU G 378 -11.34 21.29 -23.53
N GLY G 379 -10.66 20.23 -23.94
CA GLY G 379 -10.96 19.61 -25.22
C GLY G 379 -10.04 18.45 -25.56
N ALA G 380 -9.83 18.21 -26.85
CA ALA G 380 -8.91 17.16 -27.26
C ALA G 380 -8.38 17.46 -28.66
N LEU G 381 -7.12 17.14 -28.89
CA LEU G 381 -6.53 17.21 -30.21
C LEU G 381 -6.74 15.85 -30.87
N VAL G 382 -7.29 15.86 -32.08
CA VAL G 382 -7.56 14.63 -32.81
C VAL G 382 -6.74 14.63 -34.10
N ALA G 383 -5.66 13.85 -34.10
CA ALA G 383 -4.80 13.71 -35.27
C ALA G 383 -5.34 12.54 -36.08
N CYS G 384 -5.95 12.84 -37.23
CA CYS G 384 -6.58 11.82 -38.06
C CYS G 384 -5.93 11.84 -39.43
N TYR G 385 -5.18 10.78 -39.75
CA TYR G 385 -4.50 10.74 -41.03
C TYR G 385 -4.95 9.57 -41.89
N LYS G 386 -4.19 9.25 -42.92
CA LYS G 386 -4.50 8.15 -43.81
C LYS G 386 -4.52 6.81 -43.09
N GLY G 387 -5.50 5.98 -43.45
CA GLY G 387 -5.65 4.66 -42.90
C GLY G 387 -6.52 4.51 -41.67
N VAL G 388 -7.01 5.60 -41.08
CA VAL G 388 -7.85 5.49 -39.88
C VAL G 388 -9.16 6.23 -40.09
N SER G 389 -10.21 5.71 -39.46
CA SER G 389 -11.53 6.33 -39.48
C SER G 389 -11.75 7.07 -38.17
N CYS G 390 -12.11 8.35 -38.26
CA CYS G 390 -12.31 9.18 -37.08
C CYS G 390 -13.68 9.83 -37.10
N SER G 391 -14.35 9.81 -35.95
CA SER G 391 -15.65 10.46 -35.84
C SER G 391 -15.84 10.94 -34.40
N ILE G 392 -16.72 11.93 -34.25
CA ILE G 392 -17.07 12.49 -32.95
C ILE G 392 -18.54 12.17 -32.69
N GLY G 393 -18.88 12.01 -31.40
CA GLY G 393 -20.25 11.72 -31.08
C GLY G 393 -20.66 12.16 -29.68
N SER G 394 -21.96 12.13 -29.45
CA SER G 394 -22.56 12.47 -28.16
C SER G 394 -23.38 11.29 -27.64
N ASN G 395 -23.57 11.28 -26.32
CA ASN G 395 -24.39 10.24 -25.69
C ASN G 395 -25.84 10.29 -26.14
N ARG G 396 -26.29 11.45 -26.61
CA ARG G 396 -27.67 11.67 -27.04
C ARG G 396 -27.90 11.38 -28.52
N VAL G 397 -26.94 11.75 -29.37
CA VAL G 397 -27.09 11.60 -30.82
C VAL G 397 -26.23 10.48 -31.38
N GLY G 398 -25.26 9.97 -30.63
CA GLY G 398 -24.35 8.97 -31.15
C GLY G 398 -23.38 9.63 -32.11
N ILE G 399 -23.18 9.04 -33.29
CA ILE G 399 -22.29 9.64 -34.27
C ILE G 399 -22.95 10.89 -34.85
N ILE G 400 -22.25 12.02 -34.78
CA ILE G 400 -22.77 13.28 -35.31
C ILE G 400 -22.20 13.58 -36.69
N LYS G 401 -20.88 13.60 -36.82
CA LYS G 401 -20.26 13.86 -38.12
C LYS G 401 -18.88 13.21 -38.18
N GLN G 402 -18.45 12.88 -39.38
CA GLN G 402 -17.10 12.40 -39.60
C GLN G 402 -16.15 13.58 -39.63
N LEU G 403 -14.92 13.37 -39.15
CA LEU G 403 -13.91 14.41 -39.16
C LEU G 403 -13.00 14.28 -40.37
N ASN G 404 -12.60 15.43 -40.92
CA ASN G 404 -11.68 15.43 -42.05
C ASN G 404 -10.28 15.02 -41.59
N LYS G 405 -9.47 14.60 -42.56
CA LYS G 405 -8.10 14.24 -42.28
C LYS G 405 -7.29 15.45 -41.81
N GLY G 406 -6.33 15.19 -40.94
CA GLY G 406 -5.46 16.22 -40.39
C GLY G 406 -5.67 16.40 -38.90
N CYS G 407 -5.09 17.47 -38.37
CA CYS G 407 -5.22 17.79 -36.96
C CYS G 407 -6.49 18.60 -36.75
N SER G 408 -7.39 18.08 -35.92
CA SER G 408 -8.65 18.74 -35.63
C SER G 408 -8.81 18.95 -34.12
N TYR G 409 -9.33 20.10 -33.74
CA TYR G 409 -9.61 20.39 -32.34
C TYR G 409 -11.12 20.30 -32.13
N ILE G 410 -11.54 19.53 -31.13
CA ILE G 410 -12.95 19.35 -30.84
C ILE G 410 -13.24 19.89 -29.45
N THR G 411 -14.19 20.81 -29.34
CA THR G 411 -14.60 21.34 -28.06
C THR G 411 -15.54 20.35 -27.37
N ASN G 412 -15.57 20.40 -26.04
CA ASN G 412 -16.47 19.52 -25.31
C ASN G 412 -17.94 19.91 -25.47
N GLN G 413 -18.22 21.02 -26.15
CA GLN G 413 -19.59 21.43 -26.45
C GLN G 413 -20.09 20.85 -27.76
N ASP G 414 -19.20 20.65 -28.73
CA ASP G 414 -19.59 20.12 -30.03
C ASP G 414 -20.00 18.66 -29.93
N ALA G 415 -19.39 17.91 -29.02
CA ALA G 415 -19.68 16.49 -28.88
C ALA G 415 -19.33 16.07 -27.45
N ASP G 416 -19.88 14.93 -27.04
CA ASP G 416 -19.55 14.35 -25.75
C ASP G 416 -18.42 13.34 -25.82
N THR G 417 -18.28 12.62 -26.94
CA THR G 417 -17.25 11.59 -27.06
C THR G 417 -16.62 11.65 -28.44
N VAL G 418 -15.37 11.23 -28.51
CA VAL G 418 -14.63 11.13 -29.76
C VAL G 418 -14.32 9.67 -30.00
N THR G 419 -14.49 9.22 -31.24
CA THR G 419 -14.23 7.82 -31.59
C THR G 419 -13.21 7.75 -32.71
N ILE G 420 -12.15 6.98 -32.49
CA ILE G 420 -11.13 6.72 -33.49
C ILE G 420 -11.24 5.24 -33.81
N ASP G 421 -11.63 4.93 -35.04
CA ASP G 421 -11.87 3.54 -35.43
C ASP G 421 -12.80 2.91 -34.40
N ASN G 422 -12.30 1.94 -33.64
CA ASN G 422 -13.08 1.33 -32.58
C ASN G 422 -12.76 1.89 -31.19
N THR G 423 -11.80 2.80 -31.09
CA THR G 423 -11.37 3.35 -29.79
C THR G 423 -12.19 4.59 -29.46
N VAL G 424 -12.94 4.53 -28.35
CA VAL G 424 -13.76 5.65 -27.88
C VAL G 424 -13.03 6.37 -26.75
N TYR G 425 -12.89 7.69 -26.90
CA TYR G 425 -12.29 8.56 -25.88
C TYR G 425 -13.38 9.43 -25.25
N GLN G 426 -13.50 9.36 -23.92
CA GLN G 426 -14.47 10.18 -23.21
C GLN G 426 -13.96 11.61 -23.07
N LEU G 427 -14.75 12.58 -23.52
CA LEU G 427 -14.37 13.99 -23.39
C LEU G 427 -14.65 14.56 -22.00
N SER G 428 -13.82 15.54 -21.63
CA SER G 428 -13.95 16.30 -20.40
C SER G 428 -15.25 17.10 -20.35
N LYS G 429 -15.74 17.34 -19.12
CA LYS G 429 -16.93 18.16 -18.90
C LYS G 429 -16.60 19.44 -18.13
N VAL G 430 -15.32 19.83 -18.11
CA VAL G 430 -14.92 21.11 -17.52
C VAL G 430 -15.48 22.26 -18.34
N GLU G 431 -15.88 23.34 -17.67
CA GLU G 431 -16.39 24.54 -18.31
C GLU G 431 -15.29 25.58 -18.49
N GLY G 432 -15.33 26.27 -19.61
CA GLY G 432 -14.32 27.29 -19.89
C GLY G 432 -14.43 27.81 -21.31
N GLU G 433 -13.59 28.79 -21.60
CA GLU G 433 -13.56 29.47 -22.88
C GLU G 433 -12.62 28.77 -23.86
N GLN G 434 -13.06 28.67 -25.11
CA GLN G 434 -12.25 28.07 -26.17
C GLN G 434 -12.02 29.08 -27.27
N HIS G 435 -10.76 29.18 -27.72
CA HIS G 435 -10.38 30.08 -28.80
C HIS G 435 -9.51 29.35 -29.80
N VAL G 436 -9.64 29.73 -31.08
CA VAL G 436 -8.82 29.18 -32.16
C VAL G 436 -7.88 30.26 -32.67
N ILE G 437 -6.58 30.01 -32.58
CA ILE G 437 -5.56 30.90 -33.13
C ILE G 437 -5.16 30.33 -34.49
N LYS G 438 -5.73 30.88 -35.55
CA LYS G 438 -5.49 30.38 -36.90
C LYS G 438 -4.05 30.61 -37.34
N GLY G 439 -3.52 29.64 -38.09
CA GLY G 439 -2.17 29.75 -38.62
C GLY G 439 -1.85 28.62 -39.58
N ARG G 440 -0.97 28.90 -40.56
CA ARG G 440 -0.52 27.83 -41.49
C ARG G 440 0.28 26.78 -40.68
N PRO G 441 -0.06 25.48 -40.77
CA PRO G 441 0.66 24.45 -40.03
C PRO G 441 2.15 24.46 -40.35
N VAL G 442 2.99 24.28 -39.34
CA VAL G 442 4.47 24.25 -39.56
C VAL G 442 4.81 23.02 -40.44
N SER G 443 4.03 21.95 -40.32
CA SER G 443 4.32 20.71 -41.09
C SER G 443 4.16 20.97 -42.59
N SER G 444 3.32 21.94 -42.97
CA SER G 444 3.16 22.29 -44.41
C SER G 444 4.38 23.08 -44.88
N SER G 445 5.21 23.55 -43.94
CA SER G 445 6.43 24.32 -44.30
C SER G 445 7.67 23.42 -44.20
N PHE G 446 7.51 22.12 -44.47
CA PHE G 446 8.67 21.18 -44.45
C PHE G 446 9.43 21.29 -45.77
N ASP G 447 10.44 20.43 -45.97
CA ASP G 447 11.24 20.48 -47.22
C ASP G 447 10.83 19.32 -48.13
N PRO G 448 10.06 19.57 -49.21
CA PRO G 448 9.59 18.50 -50.08
C PRO G 448 10.77 17.73 -50.66
N VAL G 449 11.85 18.45 -50.99
CA VAL G 449 13.06 17.81 -51.59
C VAL G 449 13.57 16.71 -50.63
N LYS G 450 13.64 17.00 -49.33
CA LYS G 450 14.13 15.99 -48.35
C LYS G 450 13.53 16.28 -46.95
N PHE G 451 12.87 15.28 -46.36
CA PHE G 451 12.31 15.44 -44.99
C PHE G 451 13.17 14.63 -44.02
N PRO G 452 13.63 15.22 -42.89
CA PRO G 452 14.38 14.46 -41.90
C PRO G 452 13.57 13.24 -41.47
N GLN G 453 14.25 12.11 -41.23
CA GLN G 453 13.52 10.86 -40.92
C GLN G 453 13.68 10.47 -39.44
N ASP G 454 12.57 10.25 -38.73
CA ASP G 454 12.62 9.78 -37.31
C ASP G 454 13.60 10.63 -36.50
N GLN G 455 13.41 11.96 -36.49
CA GLN G 455 14.29 12.85 -35.69
C GLN G 455 13.94 12.69 -34.20
N PHE G 456 14.91 12.90 -33.31
CA PHE G 456 14.66 12.78 -31.85
C PHE G 456 15.55 13.78 -31.10
N ASN G 457 15.01 14.41 -30.05
CA ASN G 457 15.78 15.38 -29.24
C ASN G 457 16.47 16.38 -30.18
N VAL G 458 15.70 16.97 -31.10
CA VAL G 458 16.28 17.94 -32.09
C VAL G 458 15.58 19.29 -31.92
N ALA G 459 15.57 20.11 -32.98
CA ALA G 459 14.93 21.44 -32.92
C ALA G 459 14.06 21.65 -34.16
N LEU G 460 13.24 22.71 -34.16
CA LEU G 460 12.33 23.00 -35.30
C LEU G 460 13.15 23.21 -36.57
N ASP G 461 14.26 23.96 -36.47
CA ASP G 461 15.11 24.26 -37.66
C ASP G 461 15.66 22.95 -38.24
N GLN G 462 16.05 22.01 -37.38
CA GLN G 462 16.62 20.72 -37.83
C GLN G 462 15.57 19.98 -38.69
N CYS G 463 14.29 20.09 -38.31
CA CYS G 463 13.20 19.41 -39.06
C CYS G 463 13.02 20.09 -40.43
N PHE G 464 13.21 21.41 -40.49
CA PHE G 464 13.06 22.14 -41.79
C PHE G 464 14.44 22.29 -42.43
N LEU H 19 35.02 7.51 2.26
CA LEU H 19 34.51 7.75 0.91
C LEU H 19 35.38 8.78 0.21
N LYS H 20 35.58 8.58 -1.10
CA LYS H 20 36.40 9.50 -1.90
C LYS H 20 35.62 9.98 -3.12
N GLU H 21 35.38 11.29 -3.20
CA GLU H 21 34.70 11.89 -4.33
C GLU H 21 35.71 12.72 -5.10
N SER H 22 35.82 12.45 -6.41
CA SER H 22 36.71 13.19 -7.29
C SER H 22 35.90 14.00 -8.29
N TYR H 23 36.15 15.31 -8.33
CA TYR H 23 35.50 16.19 -9.27
C TYR H 23 36.33 16.26 -10.55
N LEU H 24 35.68 15.98 -11.68
CA LEU H 24 36.33 15.95 -13.00
C LEU H 24 36.01 17.21 -13.78
N GLU H 25 36.92 18.20 -13.74
CA GLU H 25 36.72 19.42 -14.57
C GLU H 25 36.76 19.00 -16.05
N GLU H 26 37.38 17.85 -16.34
CA GLU H 26 37.51 17.37 -17.75
C GLU H 26 36.12 17.13 -18.34
N SER H 27 35.14 16.75 -17.53
CA SER H 27 33.81 16.40 -18.08
C SER H 27 32.67 16.82 -17.12
N CYS H 28 32.87 17.89 -16.34
CA CYS H 28 31.78 18.37 -15.47
C CYS H 28 31.01 17.18 -14.90
N SER H 29 31.76 16.25 -14.32
CA SER H 29 31.19 15.05 -13.72
C SER H 29 31.96 14.69 -12.46
N THR H 30 31.36 13.85 -11.64
CA THR H 30 31.99 13.38 -10.41
C THR H 30 31.94 11.86 -10.33
N ILE H 31 33.00 11.28 -9.77
CA ILE H 31 33.09 9.85 -9.50
C ILE H 31 33.25 9.66 -8.00
N THR H 32 32.37 8.87 -7.41
CA THR H 32 32.39 8.59 -5.97
C THR H 32 32.73 7.13 -5.76
N GLU H 33 33.84 6.85 -5.10
CA GLU H 33 34.31 5.50 -4.84
C GLU H 33 34.16 5.13 -3.37
N GLY H 34 34.36 3.83 -3.10
CA GLY H 34 34.28 3.26 -1.78
C GLY H 34 32.97 2.55 -1.44
N TYR H 35 32.02 2.49 -2.36
CA TYR H 35 30.79 1.76 -2.10
C TYR H 35 31.03 0.26 -2.12
N LEU H 36 30.31 -0.46 -1.24
CA LEU H 36 30.44 -1.94 -1.19
C LEU H 36 29.28 -2.56 -1.99
N SER H 37 29.46 -3.78 -2.49
CA SER H 37 28.41 -4.37 -3.36
C SER H 37 27.60 -5.44 -2.61
N VAL H 38 26.28 -5.38 -2.71
CA VAL H 38 25.42 -6.42 -2.16
C VAL H 38 24.60 -6.88 -3.36
N LEU H 39 25.11 -7.87 -4.09
CA LEU H 39 24.52 -8.30 -5.35
C LEU H 39 23.65 -9.55 -5.20
N ARG H 40 22.40 -9.44 -5.63
CA ARG H 40 21.46 -10.56 -5.66
C ARG H 40 21.86 -11.51 -6.78
N THR H 41 22.27 -12.73 -6.43
CA THR H 41 22.68 -13.70 -7.44
C THR H 41 21.63 -14.77 -7.73
N GLY H 42 20.66 -14.98 -6.86
CA GLY H 42 19.68 -16.01 -7.12
C GLY H 42 18.40 -15.80 -6.34
N TRP H 43 17.53 -16.80 -6.43
CA TRP H 43 16.27 -16.82 -5.72
C TRP H 43 16.10 -18.14 -4.98
N TYR H 44 15.64 -18.04 -3.73
CA TYR H 44 15.38 -19.19 -2.89
C TYR H 44 13.87 -19.34 -2.79
N THR H 45 13.34 -20.46 -3.29
CA THR H 45 11.90 -20.65 -3.34
C THR H 45 11.41 -21.22 -2.01
N ASN H 46 10.52 -20.50 -1.35
CA ASN H 46 9.90 -20.91 -0.09
C ASN H 46 8.41 -21.06 -0.29
N VAL H 47 7.88 -22.27 -0.08
CA VAL H 47 6.45 -22.51 -0.20
C VAL H 47 5.86 -22.55 1.20
N PHE H 48 4.77 -21.83 1.40
CA PHE H 48 4.07 -21.79 2.68
C PHE H 48 2.67 -22.37 2.51
N THR H 49 2.27 -23.22 3.45
CA THR H 49 0.93 -23.79 3.45
C THR H 49 0.17 -23.27 4.67
N LEU H 50 -0.67 -22.27 4.46
CA LEU H 50 -1.49 -21.71 5.52
C LEU H 50 -2.76 -22.54 5.57
N GLU H 51 -2.85 -23.41 6.58
CA GLU H 51 -4.01 -24.30 6.72
C GLU H 51 -5.14 -23.56 7.42
N VAL H 52 -6.24 -23.31 6.69
CA VAL H 52 -7.39 -22.63 7.25
C VAL H 52 -8.30 -23.58 8.02
N GLY H 53 -8.40 -24.83 7.60
CA GLY H 53 -9.26 -25.80 8.24
C GLY H 53 -10.64 -25.88 7.62
N ASP H 54 -11.47 -26.77 8.19
CA ASP H 54 -12.81 -27.05 7.67
C ASP H 54 -13.83 -25.99 8.14
N VAL H 55 -13.65 -24.77 7.61
CA VAL H 55 -14.57 -23.68 7.95
C VAL H 55 -15.89 -23.80 7.20
N GLU H 56 -15.90 -24.54 6.08
CA GLU H 56 -17.10 -24.68 5.25
C GLU H 56 -18.25 -25.35 5.99
N ASN H 57 -17.97 -26.32 6.85
CA ASN H 57 -19.03 -26.99 7.59
C ASN H 57 -19.55 -26.20 8.78
N LEU H 58 -18.95 -25.08 9.13
CA LEU H 58 -19.45 -24.27 10.22
C LEU H 58 -20.59 -23.38 9.72
N THR H 59 -21.72 -23.41 10.41
CA THR H 59 -22.88 -22.60 10.05
C THR H 59 -23.44 -21.91 11.28
N CYS H 60 -23.96 -20.70 11.07
CA CYS H 60 -24.58 -19.90 12.11
C CYS H 60 -26.05 -19.72 11.76
N ALA H 61 -26.94 -20.28 12.59
CA ALA H 61 -28.37 -20.23 12.36
C ALA H 61 -29.10 -19.33 13.34
N ASP H 62 -28.40 -18.71 14.30
CA ASP H 62 -29.02 -17.85 15.29
C ASP H 62 -28.94 -16.37 14.92
N GLY H 63 -28.84 -16.08 13.63
CA GLY H 63 -28.79 -14.73 13.14
C GLY H 63 -27.45 -14.02 13.26
N PRO H 64 -27.48 -12.70 13.11
CA PRO H 64 -26.25 -11.91 13.21
C PRO H 64 -25.61 -11.96 14.58
N SER H 65 -24.29 -12.18 14.60
CA SER H 65 -23.53 -12.25 15.83
C SER H 65 -22.08 -11.90 15.52
N LEU H 66 -21.34 -11.57 16.57
CA LEU H 66 -19.93 -11.19 16.41
C LEU H 66 -19.13 -12.32 15.75
N ILE H 67 -19.33 -13.55 16.20
CA ILE H 67 -18.61 -14.68 15.62
C ILE H 67 -19.01 -14.87 14.16
N LYS H 68 -20.32 -14.81 13.88
CA LYS H 68 -20.80 -14.94 12.51
C LYS H 68 -20.19 -13.90 11.59
N THR H 69 -20.03 -12.66 12.07
CA THR H 69 -19.48 -11.60 11.23
C THR H 69 -18.07 -11.94 10.77
N GLU H 70 -17.22 -12.41 11.68
CA GLU H 70 -15.88 -12.81 11.29
C GLU H 70 -15.91 -14.08 10.47
N LEU H 71 -16.81 -15.00 10.83
CA LEU H 71 -16.90 -16.28 10.14
C LEU H 71 -17.37 -16.10 8.71
N ASP H 72 -18.41 -15.29 8.51
CA ASP H 72 -18.88 -15.01 7.16
C ASP H 72 -17.78 -14.33 6.34
N LEU H 73 -17.05 -13.41 6.97
CA LEU H 73 -15.93 -12.76 6.30
C LEU H 73 -14.88 -13.80 5.90
N THR H 74 -14.63 -14.76 6.80
CA THR H 74 -13.64 -15.80 6.53
C THR H 74 -14.07 -16.66 5.35
N LYS H 75 -15.33 -17.11 5.35
CA LYS H 75 -15.81 -17.89 4.22
C LYS H 75 -15.78 -17.06 2.94
N SER H 76 -16.14 -15.78 3.04
CA SER H 76 -16.08 -14.89 1.89
C SER H 76 -14.65 -14.75 1.37
N ALA H 77 -13.69 -14.56 2.28
CA ALA H 77 -12.29 -14.47 1.88
C ALA H 77 -11.83 -15.75 1.20
N LEU H 78 -12.17 -16.91 1.78
CA LEU H 78 -11.76 -18.17 1.19
C LEU H 78 -12.39 -18.36 -0.18
N ARG H 79 -13.69 -18.05 -0.30
CA ARG H 79 -14.38 -18.13 -1.58
C ARG H 79 -13.77 -17.17 -2.60
N GLU H 80 -13.46 -15.94 -2.17
CA GLU H 80 -12.87 -14.96 -3.07
C GLU H 80 -11.53 -15.43 -3.60
N LEU H 81 -10.72 -16.08 -2.77
CA LEU H 81 -9.42 -16.54 -3.23
C LEU H 81 -9.55 -17.57 -4.34
N ARG H 82 -10.62 -18.37 -4.32
CA ARG H 82 -10.87 -19.33 -5.39
C ARG H 82 -11.03 -18.65 -6.74
N THR H 83 -11.53 -17.42 -6.73
CA THR H 83 -11.81 -16.65 -7.93
C THR H 83 -10.58 -16.02 -8.56
N CYS H 84 -9.48 -15.85 -7.81
CA CYS H 84 -8.27 -15.32 -8.42
C CYS H 84 -7.45 -16.41 -9.11
N SER H 85 -7.58 -17.66 -8.66
CA SER H 85 -6.82 -18.75 -9.26
C SER H 85 -7.73 -19.81 -9.85
N PHE H 103 19.52 2.42 -28.58
CA PHE H 103 20.30 1.44 -27.78
C PHE H 103 20.49 1.98 -26.36
N VAL H 104 19.55 2.81 -25.89
CA VAL H 104 19.64 3.37 -24.51
C VAL H 104 19.75 2.20 -23.51
N LEU H 105 20.94 1.99 -22.94
CA LEU H 105 21.14 0.86 -22.00
C LEU H 105 20.00 0.82 -20.98
N GLY H 106 19.68 1.95 -20.36
CA GLY H 106 18.64 1.97 -19.34
C GLY H 106 17.26 1.67 -19.88
N ALA H 107 16.96 2.09 -21.11
CA ALA H 107 15.62 1.82 -21.61
C ALA H 107 15.48 0.37 -22.05
N ILE H 108 16.58 -0.27 -22.41
CA ILE H 108 16.56 -1.67 -22.80
C ILE H 108 16.43 -2.56 -21.57
N ALA H 109 17.17 -2.26 -20.51
CA ALA H 109 17.25 -3.08 -19.31
C ALA H 109 16.15 -2.82 -18.29
N CYS H 110 15.62 -1.61 -18.21
CA CYS H 110 14.63 -1.30 -17.17
C CYS H 110 13.45 -2.25 -17.23
N GLY H 111 13.22 -2.93 -16.12
CA GLY H 111 12.14 -3.89 -15.99
C GLY H 111 12.49 -5.30 -16.42
N VAL H 112 13.55 -5.48 -17.20
CA VAL H 112 13.89 -6.82 -17.67
C VAL H 112 14.19 -7.71 -16.47
N ALA H 113 14.95 -7.19 -15.51
CA ALA H 113 15.22 -7.94 -14.29
C ALA H 113 13.93 -8.22 -13.54
N THR H 114 13.07 -7.21 -13.43
CA THR H 114 11.78 -7.39 -12.77
C THR H 114 10.95 -8.44 -13.50
N ALA H 115 10.90 -8.34 -14.83
CA ALA H 115 10.17 -9.31 -15.63
C ALA H 115 10.77 -10.70 -15.45
N ALA H 116 12.10 -10.78 -15.40
CA ALA H 116 12.76 -12.07 -15.19
C ALA H 116 12.41 -12.65 -13.84
N ALA H 117 12.36 -11.82 -12.80
CA ALA H 117 12.04 -12.31 -11.46
C ALA H 117 10.65 -12.90 -11.42
N VAL H 118 9.66 -12.16 -11.95
CA VAL H 118 8.30 -12.66 -11.99
C VAL H 118 8.21 -13.89 -12.88
N THR H 119 8.78 -13.81 -14.09
CA THR H 119 8.72 -14.94 -15.02
C THR H 119 9.35 -16.18 -14.40
N ALA H 120 10.51 -16.03 -13.76
CA ALA H 120 11.15 -17.18 -13.13
C ALA H 120 10.25 -17.74 -12.04
N GLY H 121 9.66 -16.87 -11.22
CA GLY H 121 8.72 -17.33 -10.22
C GLY H 121 7.53 -18.04 -10.84
N VAL H 122 7.00 -17.49 -11.94
CA VAL H 122 5.86 -18.11 -12.60
C VAL H 122 6.27 -19.46 -13.19
N ALA H 123 7.47 -19.53 -13.78
CA ALA H 123 7.96 -20.80 -14.31
C ALA H 123 8.05 -21.84 -13.22
N ILE H 124 8.55 -21.45 -12.06
CA ILE H 124 8.63 -22.33 -10.89
C ILE H 124 7.23 -22.61 -10.35
N ALA H 125 6.35 -21.60 -10.35
CA ALA H 125 4.99 -21.79 -9.87
C ALA H 125 4.25 -22.86 -10.68
N LYS H 126 4.42 -22.85 -12.00
CA LYS H 126 3.71 -23.85 -12.81
C LYS H 126 4.14 -25.25 -12.40
N CYS H 127 5.42 -25.44 -12.10
CA CYS H 127 5.91 -26.71 -11.61
C CYS H 127 5.24 -27.07 -10.29
N ILE H 128 5.14 -26.09 -9.39
CA ILE H 128 4.51 -26.30 -8.10
C ILE H 128 3.02 -26.59 -8.24
N ARG H 129 2.36 -26.04 -9.26
CA ARG H 129 0.92 -26.25 -9.41
C ARG H 129 0.53 -27.70 -9.68
N LEU H 130 1.46 -28.59 -10.03
CA LEU H 130 1.07 -29.97 -10.24
C LEU H 130 0.52 -30.57 -8.96
N GLU H 131 -0.63 -31.23 -9.08
CA GLU H 131 -1.29 -31.85 -7.93
C GLU H 131 -0.37 -32.84 -7.20
N SER H 132 0.51 -33.52 -7.95
CA SER H 132 1.47 -34.42 -7.33
C SER H 132 2.41 -33.66 -6.39
N GLU H 133 2.87 -32.49 -6.79
CA GLU H 133 3.75 -31.71 -5.93
C GLU H 133 3.01 -31.16 -4.72
N VAL H 134 1.78 -30.69 -4.91
CA VAL H 134 0.98 -30.25 -3.76
C VAL H 134 0.78 -31.41 -2.79
N THR H 135 0.49 -32.60 -3.32
CA THR H 135 0.30 -33.76 -2.47
C THR H 135 1.58 -34.14 -1.75
N ALA H 136 2.71 -34.12 -2.47
CA ALA H 136 4.00 -34.45 -1.85
C ALA H 136 4.35 -33.45 -0.76
N ILE H 137 4.17 -32.15 -1.04
CA ILE H 137 4.48 -31.13 -0.04
C ILE H 137 3.61 -31.33 1.19
N LYS H 138 2.30 -31.54 0.97
CA LYS H 138 1.40 -31.77 2.09
C LYS H 138 1.83 -33.00 2.88
N ASN H 139 2.26 -34.06 2.17
CA ASN H 139 2.73 -35.25 2.87
C ASN H 139 4.05 -34.94 3.57
N CYS H 140 4.93 -34.21 2.89
CA CYS H 140 6.22 -33.85 3.44
C CYS H 140 6.05 -33.08 4.76
N LEU H 141 5.08 -32.18 4.80
CA LEU H 141 4.78 -31.37 5.98
C LEU H 141 3.85 -32.07 6.96
N LYS H 142 3.41 -33.29 6.66
CA LYS H 142 2.54 -34.02 7.59
C LYS H 142 3.23 -34.26 8.93
N LYS H 143 4.53 -34.55 8.92
CA LYS H 143 5.24 -34.92 10.13
C LYS H 143 6.11 -33.81 10.71
N THR H 144 6.20 -32.66 10.05
CA THR H 144 7.00 -31.57 10.58
C THR H 144 6.52 -30.25 9.99
N ASN H 145 6.98 -29.15 10.58
CA ASN H 145 6.59 -27.83 10.14
C ASN H 145 7.48 -27.30 9.04
N GLU H 146 8.61 -27.94 8.76
CA GLU H 146 9.54 -27.48 7.74
C GLU H 146 10.27 -28.68 7.17
N CYS H 147 10.25 -28.81 5.85
CA CYS H 147 10.90 -29.92 5.17
C CYS H 147 11.32 -29.47 3.79
N VAL H 148 12.30 -30.18 3.22
CA VAL H 148 12.79 -29.90 1.88
C VAL H 148 12.15 -30.92 0.94
N SER H 149 11.56 -30.42 -0.15
CA SER H 149 10.98 -31.28 -1.18
C SER H 149 11.59 -30.96 -2.54
N THR H 150 11.85 -32.00 -3.33
CA THR H 150 12.35 -31.86 -4.69
C THR H 150 11.18 -31.96 -5.66
N LEU H 151 10.95 -30.89 -6.41
CA LEU H 151 9.85 -30.86 -7.37
C LEU H 151 10.13 -31.79 -8.55
N GLY H 152 9.06 -32.13 -9.26
CA GLY H 152 9.21 -32.98 -10.45
C GLY H 152 10.14 -32.36 -11.47
N CYS H 153 10.20 -31.03 -11.52
CA CYS H 153 11.13 -30.31 -12.36
C CYS H 153 12.55 -30.29 -11.79
N GLY H 154 12.77 -30.95 -10.64
CA GLY H 154 14.08 -31.07 -10.03
C GLY H 154 14.50 -29.96 -9.10
N VAL H 155 13.75 -28.87 -9.03
CA VAL H 155 14.14 -27.76 -8.16
C VAL H 155 13.83 -28.13 -6.72
N ARG H 156 14.78 -27.87 -5.81
CA ARG H 156 14.56 -28.09 -4.40
C ARG H 156 13.97 -26.82 -3.80
N VAL H 157 12.88 -26.97 -3.05
CA VAL H 157 12.21 -25.85 -2.40
C VAL H 157 12.04 -26.14 -0.91
N LEU H 158 12.20 -25.10 -0.10
CA LEU H 158 11.99 -25.19 1.34
C LEU H 158 10.53 -24.89 1.66
N ALA H 159 9.85 -25.85 2.26
CA ALA H 159 8.44 -25.73 2.61
C ALA H 159 8.28 -25.50 4.11
N THR H 160 7.40 -24.55 4.48
CA THR H 160 7.13 -24.23 5.88
C THR H 160 5.63 -24.29 6.13
N ALA H 161 5.26 -24.91 7.25
CA ALA H 161 3.87 -25.07 7.65
C ALA H 161 3.42 -24.07 8.71
N VAL H 162 2.23 -23.50 8.51
CA VAL H 162 1.60 -22.60 9.47
C VAL H 162 0.34 -23.31 9.97
N ARG H 163 0.32 -23.63 11.27
CA ARG H 163 -0.76 -24.45 11.82
C ARG H 163 -1.61 -23.79 12.89
N GLU H 164 -1.25 -22.59 13.36
CA GLU H 164 -1.96 -21.94 14.45
C GLU H 164 -3.46 -21.82 14.20
N LEU H 165 -3.84 -21.38 13.00
CA LEU H 165 -5.25 -21.15 12.69
C LEU H 165 -6.06 -22.46 12.67
N LYS H 166 -5.54 -23.48 12.01
CA LYS H 166 -6.23 -24.77 11.96
C LYS H 166 -6.45 -25.39 13.34
N ASP H 167 -5.41 -25.31 14.18
CA ASP H 167 -5.50 -25.76 15.59
C ASP H 167 -6.61 -24.98 16.29
N PHE H 168 -6.41 -23.68 16.49
CA PHE H 168 -7.41 -22.82 17.17
C PHE H 168 -8.82 -23.22 16.75
N VAL H 169 -9.19 -22.93 15.49
CA VAL H 169 -10.58 -23.13 14.99
C VAL H 169 -11.07 -24.50 15.44
N SER H 170 -10.41 -25.57 15.00
CA SER H 170 -10.86 -26.96 15.30
C SER H 170 -11.02 -27.14 16.80
N LYS H 171 -9.98 -26.77 17.58
CA LYS H 171 -9.91 -27.11 19.02
C LYS H 171 -10.70 -26.09 19.85
N ASN H 172 -11.25 -25.06 19.19
CA ASN H 172 -11.98 -23.99 19.91
C ASN H 172 -13.23 -23.59 19.10
N LEU H 173 -13.08 -22.63 18.19
CA LEU H 173 -14.23 -22.06 17.44
C LEU H 173 -15.19 -23.18 17.04
N THR H 174 -14.72 -24.13 16.24
CA THR H 174 -15.57 -25.26 15.75
C THR H 174 -16.41 -25.79 16.91
N ARG H 175 -15.75 -26.22 17.99
CA ARG H 175 -16.46 -26.78 19.18
C ARG H 175 -17.43 -25.74 19.73
N ALA H 176 -16.91 -24.58 20.13
CA ALA H 176 -17.75 -23.50 20.69
C ALA H 176 -19.07 -23.41 19.91
N ILE H 177 -18.98 -23.48 18.57
CA ILE H 177 -20.16 -23.37 17.73
C ILE H 177 -20.94 -24.68 17.91
N ASN H 178 -21.91 -24.65 18.81
CA ASN H 178 -22.74 -25.81 19.13
C ASN H 178 -24.13 -25.65 18.53
N LYS H 179 -24.57 -26.68 17.80
CA LYS H 179 -25.87 -26.68 17.11
C LYS H 179 -26.09 -25.41 16.30
N ASN H 180 -25.05 -24.99 15.58
CA ASN H 180 -25.07 -23.82 14.71
C ASN H 180 -25.39 -22.52 15.44
N LYS H 181 -25.24 -22.47 16.76
CA LYS H 181 -25.50 -21.25 17.52
C LYS H 181 -24.18 -20.50 17.67
N CYS H 182 -24.14 -19.28 17.13
CA CYS H 182 -22.91 -18.49 17.16
C CYS H 182 -22.96 -17.27 18.08
N ASP H 183 -24.14 -16.81 18.48
CA ASP H 183 -24.26 -15.69 19.41
C ASP H 183 -24.08 -16.16 20.87
N ILE H 184 -22.91 -16.71 21.14
CA ILE H 184 -22.61 -17.22 22.48
C ILE H 184 -22.15 -16.07 23.37
N PRO H 185 -22.41 -16.14 24.68
CA PRO H 185 -21.98 -15.06 25.59
C PRO H 185 -20.49 -14.99 25.82
N ASP H 186 -19.72 -16.01 25.43
CA ASP H 186 -18.27 -16.03 25.65
C ASP H 186 -17.58 -15.11 24.64
N LEU H 187 -17.51 -13.83 24.99
CA LEU H 187 -16.89 -12.83 24.12
C LEU H 187 -15.40 -13.12 23.90
N LYS H 188 -14.76 -13.78 24.86
CA LYS H 188 -13.34 -14.12 24.70
C LYS H 188 -13.11 -14.99 23.48
N MET H 189 -14.07 -15.87 23.20
CA MET H 189 -13.97 -16.75 22.00
C MET H 189 -13.96 -15.85 20.75
N ALA H 190 -14.92 -14.94 20.65
CA ALA H 190 -15.04 -14.07 19.48
C ALA H 190 -13.78 -13.22 19.30
N VAL H 191 -13.27 -12.65 20.39
CA VAL H 191 -12.07 -11.82 20.31
C VAL H 191 -10.88 -12.66 19.85
N SER H 192 -10.75 -13.88 20.38
CA SER H 192 -9.64 -14.74 20.00
C SER H 192 -9.68 -15.06 18.51
N PHE H 193 -10.87 -15.38 17.99
CA PHE H 193 -11.01 -15.69 16.58
C PHE H 193 -10.59 -14.50 15.71
N SER H 194 -11.05 -13.30 16.08
CA SER H 194 -10.70 -12.09 15.33
C SER H 194 -9.20 -11.83 15.36
N GLN H 195 -8.52 -12.24 16.42
CA GLN H 195 -7.07 -12.07 16.54
C GLN H 195 -6.29 -13.05 15.67
N PHE H 196 -6.67 -14.33 15.67
CA PHE H 196 -5.91 -15.30 14.90
C PHE H 196 -6.11 -15.17 13.39
N ASN H 197 -7.30 -14.80 12.95
CA ASN H 197 -7.57 -14.70 11.52
C ASN H 197 -6.96 -13.46 10.87
N ARG H 198 -6.42 -12.53 11.67
CA ARG H 198 -5.86 -11.30 11.15
C ARG H 198 -4.79 -11.54 10.08
N ARG H 199 -3.86 -12.47 10.33
CA ARG H 199 -2.83 -12.75 9.33
C ARG H 199 -3.41 -13.31 8.05
N PHE H 200 -4.28 -14.31 8.16
CA PHE H 200 -4.90 -14.94 6.99
C PHE H 200 -5.64 -13.92 6.14
N LEU H 201 -6.48 -13.09 6.77
CA LEU H 201 -7.24 -12.09 6.02
C LEU H 201 -6.32 -11.10 5.32
N ASN H 202 -5.20 -10.75 5.97
CA ASN H 202 -4.24 -9.85 5.35
C ASN H 202 -3.56 -10.49 4.14
N VAL H 203 -3.17 -11.76 4.26
CA VAL H 203 -2.53 -12.46 3.14
C VAL H 203 -3.47 -12.49 1.93
N VAL H 204 -4.72 -12.89 2.16
CA VAL H 204 -5.70 -12.92 1.07
C VAL H 204 -5.94 -11.53 0.50
N ARG H 205 -6.03 -10.53 1.39
CA ARG H 205 -6.24 -9.16 0.93
C ARG H 205 -5.12 -8.67 0.02
N GLN H 206 -3.86 -8.88 0.42
CA GLN H 206 -2.73 -8.45 -0.40
C GLN H 206 -2.72 -9.15 -1.76
N PHE H 207 -2.98 -10.45 -1.80
CA PHE H 207 -3.01 -11.13 -3.09
C PHE H 207 -4.22 -10.70 -3.92
N SER H 208 -5.38 -10.56 -3.28
CA SER H 208 -6.56 -10.12 -4.02
C SER H 208 -6.33 -8.72 -4.60
N ASP H 209 -5.82 -7.80 -3.76
CA ASP H 209 -5.56 -6.44 -4.21
C ASP H 209 -4.44 -6.36 -5.24
N ASN H 210 -3.56 -7.37 -5.27
CA ASN H 210 -2.45 -7.43 -6.20
C ASN H 210 -2.66 -8.47 -7.29
N ALA H 211 -3.89 -9.00 -7.42
CA ALA H 211 -4.24 -10.01 -8.42
C ALA H 211 -3.28 -11.20 -8.40
N GLY H 212 -2.90 -11.63 -7.21
CA GLY H 212 -2.04 -12.78 -7.04
C GLY H 212 -0.54 -12.54 -7.06
N ILE H 213 -0.07 -11.34 -7.36
CA ILE H 213 1.36 -11.06 -7.36
C ILE H 213 1.60 -9.75 -6.62
N THR H 214 2.13 -9.86 -5.39
CA THR H 214 2.41 -8.69 -4.58
C THR H 214 3.76 -8.07 -4.95
N PRO H 215 3.91 -6.75 -4.79
CA PRO H 215 5.21 -6.13 -5.04
C PRO H 215 6.24 -6.31 -3.94
N ALA H 216 5.83 -6.68 -2.72
CA ALA H 216 6.79 -6.85 -1.64
C ALA H 216 6.27 -7.87 -0.65
N ILE H 217 7.14 -8.25 0.28
CA ILE H 217 6.86 -9.27 1.29
C ILE H 217 6.48 -8.53 2.58
N SER H 218 5.18 -8.41 2.83
CA SER H 218 4.71 -7.80 4.06
C SER H 218 5.00 -8.72 5.24
N LYS H 219 4.80 -8.19 6.45
CA LYS H 219 4.97 -8.99 7.65
C LYS H 219 3.99 -10.16 7.70
N ASP H 220 2.86 -10.06 7.00
CA ASP H 220 1.89 -11.15 7.04
C ASP H 220 2.31 -12.31 6.16
N LEU H 221 2.97 -12.02 5.04
CA LEU H 221 3.45 -13.08 4.17
C LEU H 221 4.58 -13.87 4.83
N MET H 222 5.52 -13.18 5.46
CA MET H 222 6.60 -13.85 6.16
C MET H 222 7.02 -13.00 7.35
N THR H 223 6.82 -13.52 8.56
CA THR H 223 7.21 -12.79 9.75
C THR H 223 8.74 -12.69 9.85
N ASP H 224 9.18 -11.81 10.75
CA ASP H 224 10.62 -11.64 10.97
C ASP H 224 11.26 -12.94 11.43
N ALA H 225 10.58 -13.70 12.29
CA ALA H 225 11.11 -14.97 12.75
C ALA H 225 11.19 -15.97 11.62
N GLU H 226 10.18 -16.03 10.76
CA GLU H 226 10.18 -16.96 9.64
C GLU H 226 11.29 -16.61 8.67
N LEU H 227 11.46 -15.33 8.37
CA LEU H 227 12.50 -14.88 7.46
C LEU H 227 13.89 -15.21 8.01
N ALA H 228 14.13 -14.93 9.29
CA ALA H 228 15.43 -15.23 9.88
C ALA H 228 15.77 -16.71 9.77
N ARG H 229 14.77 -17.56 9.96
CA ARG H 229 14.98 -19.00 9.84
C ARG H 229 15.29 -19.38 8.38
N ALA H 230 14.49 -18.85 7.45
CA ALA H 230 14.67 -19.13 6.03
C ALA H 230 16.07 -18.70 5.56
N ILE H 231 16.49 -17.50 5.94
CA ILE H 231 17.81 -16.99 5.58
C ILE H 231 18.90 -17.92 6.09
N SER H 232 18.76 -18.40 7.32
CA SER H 232 19.77 -19.27 7.93
C SER H 232 19.99 -20.55 7.14
N ASN H 233 19.01 -20.99 6.34
CA ASN H 233 19.15 -22.22 5.57
C ASN H 233 19.58 -21.96 4.14
N MET H 234 19.89 -20.72 3.79
CA MET H 234 20.25 -20.41 2.41
C MET H 234 21.62 -21.00 2.08
N PRO H 235 21.81 -21.50 0.87
CA PRO H 235 23.12 -22.08 0.47
C PRO H 235 24.18 -21.03 0.18
N THR H 236 24.63 -20.33 1.21
CA THR H 236 25.67 -19.31 1.05
C THR H 236 26.70 -19.44 2.17
N SER H 237 27.81 -18.72 2.02
CA SER H 237 28.85 -18.70 3.03
C SER H 237 28.37 -18.04 4.32
N ALA H 238 29.02 -18.39 5.42
CA ALA H 238 28.67 -17.84 6.73
C ALA H 238 28.77 -16.31 6.74
N GLY H 239 29.74 -15.75 6.03
CA GLY H 239 29.87 -14.30 5.96
C GLY H 239 28.70 -13.63 5.28
N GLN H 240 28.23 -14.19 4.17
CA GLN H 240 27.08 -13.63 3.48
C GLN H 240 25.83 -13.70 4.34
N ILE H 241 25.62 -14.83 5.02
CA ILE H 241 24.48 -14.98 5.92
C ILE H 241 24.51 -13.92 7.02
N LYS H 242 25.68 -13.71 7.62
CA LYS H 242 25.81 -12.69 8.67
C LYS H 242 25.38 -11.32 8.16
N LEU H 243 25.92 -10.90 7.01
CA LEU H 243 25.56 -9.58 6.42
C LEU H 243 24.04 -9.53 6.22
N MET H 244 23.45 -10.60 5.70
CA MET H 244 22.02 -10.63 5.43
C MET H 244 21.19 -10.59 6.71
N LEU H 245 21.64 -11.28 7.76
CA LEU H 245 20.92 -11.25 9.02
C LEU H 245 20.88 -9.84 9.60
N GLU H 246 21.95 -9.08 9.41
CA GLU H 246 21.96 -7.69 9.88
C GLU H 246 21.04 -6.80 9.07
N ASN H 247 20.71 -7.18 7.84
CA ASN H 247 19.87 -6.38 6.96
C ASN H 247 18.57 -7.11 6.63
N ARG H 248 18.00 -7.80 7.61
CA ARG H 248 16.76 -8.55 7.44
C ARG H 248 15.67 -7.71 6.79
N CYS H 249 15.64 -6.43 7.13
CA CYS H 249 14.63 -5.52 6.58
C CYS H 249 14.82 -5.27 5.08
N MET H 250 16.06 -5.25 4.60
CA MET H 250 16.30 -5.01 3.18
C MET H 250 15.83 -6.18 2.30
N VAL H 251 16.04 -7.40 2.77
CA VAL H 251 15.69 -8.60 2.00
C VAL H 251 14.23 -8.57 1.56
N ARG H 252 13.34 -8.13 2.45
CA ARG H 252 11.91 -8.06 2.14
C ARG H 252 11.64 -7.25 0.87
N ARG H 253 12.32 -6.12 0.71
CA ARG H 253 11.98 -5.18 -0.36
C ARG H 253 12.25 -5.75 -1.76
N LYS H 254 13.27 -6.59 -1.92
CA LYS H 254 13.55 -7.13 -3.24
C LYS H 254 12.79 -8.42 -3.54
N GLY H 255 12.19 -9.07 -2.54
CA GLY H 255 11.43 -10.28 -2.78
C GLY H 255 9.98 -10.00 -3.15
N PHE H 256 9.26 -11.07 -3.46
CA PHE H 256 7.85 -11.00 -3.83
C PHE H 256 7.18 -12.32 -3.51
N GLY H 257 5.85 -12.29 -3.47
CA GLY H 257 5.05 -13.48 -3.17
C GLY H 257 4.12 -13.79 -4.32
N ILE H 258 3.90 -15.09 -4.57
CA ILE H 258 2.99 -15.55 -5.61
C ILE H 258 2.02 -16.57 -5.02
N LEU H 259 0.73 -16.37 -5.27
CA LEU H 259 -0.30 -17.32 -4.85
C LEU H 259 -0.28 -18.57 -5.71
N ILE H 260 -0.13 -19.74 -5.08
CA ILE H 260 -0.17 -20.99 -5.82
C ILE H 260 -1.60 -21.40 -6.13
N GLY H 261 -2.44 -21.48 -5.11
CA GLY H 261 -3.83 -21.84 -5.29
C GLY H 261 -4.42 -22.32 -3.99
N VAL H 262 -5.69 -22.71 -4.08
CA VAL H 262 -6.44 -23.23 -2.94
C VAL H 262 -6.70 -24.71 -3.15
N TYR H 263 -6.17 -25.54 -2.25
CA TYR H 263 -6.33 -26.99 -2.33
C TYR H 263 -6.98 -27.44 -1.03
N GLY H 264 -8.29 -27.65 -1.08
CA GLY H 264 -9.08 -28.02 0.07
C GLY H 264 -9.15 -26.93 1.12
N SER H 265 -8.69 -27.23 2.32
CA SER H 265 -8.68 -26.29 3.44
C SER H 265 -7.32 -25.64 3.66
N SER H 266 -6.38 -25.80 2.73
CA SER H 266 -5.05 -25.21 2.84
C SER H 266 -4.81 -24.20 1.74
N VAL H 267 -4.40 -22.99 2.12
CA VAL H 267 -3.98 -21.97 1.17
C VAL H 267 -2.48 -22.11 0.96
N ILE H 268 -2.08 -22.23 -0.30
CA ILE H 268 -0.68 -22.42 -0.68
C ILE H 268 -0.20 -21.22 -1.48
N TYR H 269 0.94 -20.66 -1.06
CA TYR H 269 1.58 -19.56 -1.76
C TYR H 269 3.10 -19.75 -1.71
N MET H 270 3.80 -19.10 -2.64
CA MET H 270 5.25 -19.17 -2.70
C MET H 270 5.88 -17.79 -2.56
N VAL H 271 7.03 -17.74 -1.87
CA VAL H 271 7.80 -16.53 -1.66
C VAL H 271 9.20 -16.73 -2.22
N GLN H 272 9.62 -15.82 -3.11
CA GLN H 272 10.97 -15.85 -3.68
C GLN H 272 11.88 -14.91 -2.89
N LEU H 273 12.82 -15.49 -2.14
CA LEU H 273 13.80 -14.72 -1.37
C LEU H 273 15.06 -14.46 -2.19
N PRO H 274 15.56 -13.23 -2.17
CA PRO H 274 16.80 -12.92 -2.92
C PRO H 274 18.02 -13.61 -2.30
N ILE H 275 18.81 -14.25 -3.15
CA ILE H 275 20.07 -14.87 -2.73
C ILE H 275 21.22 -13.90 -3.02
N PHE H 276 21.89 -13.43 -1.96
CA PHE H 276 23.02 -12.51 -2.12
C PHE H 276 24.33 -13.28 -2.16
N GLY H 277 24.64 -13.81 -3.35
CA GLY H 277 25.84 -14.61 -3.53
C GLY H 277 27.15 -13.84 -3.67
N VAL H 278 27.08 -12.53 -3.91
CA VAL H 278 28.26 -11.67 -4.00
C VAL H 278 28.07 -10.49 -3.08
N ILE H 279 29.03 -10.25 -2.18
CA ILE H 279 28.90 -9.14 -1.19
C ILE H 279 30.22 -8.37 -1.07
N ASP H 280 30.16 -7.08 -0.71
CA ASP H 280 31.38 -6.26 -0.46
C ASP H 280 32.35 -6.27 -1.65
N THR H 281 31.94 -5.78 -2.81
CA THR H 281 32.89 -5.65 -3.94
C THR H 281 32.93 -4.20 -4.36
N PRO H 282 34.10 -3.64 -4.72
CA PRO H 282 34.21 -2.21 -5.02
C PRO H 282 33.18 -1.65 -5.98
N CYS H 283 32.27 -0.80 -5.49
CA CYS H 283 31.33 -0.13 -6.36
C CYS H 283 31.56 1.38 -6.34
N TRP H 284 31.17 2.03 -7.44
CA TRP H 284 31.22 3.47 -7.54
C TRP H 284 30.03 3.97 -8.35
N ILE H 285 29.73 5.26 -8.19
CA ILE H 285 28.65 5.93 -8.89
C ILE H 285 29.20 7.12 -9.66
N VAL H 286 28.74 7.28 -10.91
CA VAL H 286 29.12 8.40 -11.76
C VAL H 286 27.92 9.31 -11.94
N LYS H 287 28.10 10.58 -11.65
CA LYS H 287 27.10 11.62 -11.89
C LYS H 287 27.74 12.72 -12.73
N ALA H 288 26.93 13.35 -13.58
CA ALA H 288 27.42 14.40 -14.46
C ALA H 288 26.34 15.44 -14.67
N ALA H 289 26.79 16.63 -15.05
CA ALA H 289 25.92 17.76 -15.34
C ALA H 289 26.28 18.30 -16.72
N PRO H 290 25.40 19.08 -17.34
CA PRO H 290 25.72 19.64 -18.67
C PRO H 290 26.97 20.51 -18.66
N SER H 291 27.95 20.10 -19.46
CA SER H 291 29.18 20.85 -19.65
C SER H 291 28.97 21.73 -20.87
N CYS H 292 28.76 23.03 -20.65
CA CYS H 292 28.44 23.91 -21.81
C CYS H 292 29.49 25.02 -21.94
N SER H 293 29.91 25.32 -23.18
CA SER H 293 30.92 26.38 -23.42
C SER H 293 30.34 27.44 -24.36
N GLU H 294 30.15 28.66 -23.88
CA GLU H 294 29.52 29.73 -24.70
C GLU H 294 30.56 30.31 -25.68
N LYS H 295 30.58 29.83 -26.92
CA LYS H 295 31.49 30.41 -27.94
C LYS H 295 30.67 31.27 -28.91
N LYS H 296 30.99 32.56 -29.02
CA LYS H 296 30.22 33.48 -29.91
C LYS H 296 28.73 33.30 -29.62
N GLY H 297 28.35 33.36 -28.34
CA GLY H 297 26.92 33.20 -27.96
C GLY H 297 26.49 31.75 -28.00
N ASN H 298 26.89 31.03 -29.06
CA ASN H 298 26.51 29.59 -29.21
C ASN H 298 27.07 28.81 -28.02
N TYR H 299 26.34 27.80 -27.54
CA TYR H 299 26.79 27.02 -26.35
C TYR H 299 27.16 25.60 -26.78
N ALA H 300 28.44 25.22 -26.60
CA ALA H 300 28.86 23.83 -26.90
C ALA H 300 28.54 22.98 -25.67
N CYS H 301 27.40 22.30 -25.67
CA CYS H 301 26.98 21.53 -24.46
C CYS H 301 27.39 20.06 -24.57
N LEU H 302 27.73 19.44 -23.43
CA LEU H 302 28.15 18.02 -23.40
C LEU H 302 27.51 17.34 -22.18
N LEU H 303 26.92 16.16 -22.37
CA LEU H 303 26.22 15.46 -21.25
C LEU H 303 26.60 13.98 -21.24
N ARG H 304 27.29 13.52 -20.20
CA ARG H 304 27.65 12.08 -20.09
C ARG H 304 26.38 11.27 -19.81
N GLU H 305 26.03 10.34 -20.69
CA GLU H 305 24.84 9.48 -20.49
C GLU H 305 25.24 8.24 -19.68
N ASP H 306 26.54 8.08 -19.40
CA ASP H 306 27.02 6.88 -18.66
C ASP H 306 26.87 7.11 -17.15
N GLN H 307 25.75 7.69 -16.72
CA GLN H 307 25.52 7.87 -15.30
C GLN H 307 24.81 6.68 -14.69
N GLY H 308 25.13 6.39 -13.43
CA GLY H 308 24.55 5.30 -12.71
C GLY H 308 25.60 4.57 -11.90
N TRP H 309 25.23 3.38 -11.44
CA TRP H 309 26.13 2.56 -10.64
C TRP H 309 26.93 1.57 -11.49
N TYR H 310 28.20 1.40 -11.11
CA TYR H 310 29.13 0.48 -11.73
C TYR H 310 29.82 -0.32 -10.63
N CYS H 311 29.95 -1.63 -10.83
CA CYS H 311 30.65 -2.42 -9.83
C CYS H 311 31.57 -3.43 -10.51
N GLN H 312 32.75 -3.61 -9.93
CA GLN H 312 33.67 -4.64 -10.40
C GLN H 312 33.30 -5.98 -9.77
N ASN H 313 33.32 -7.04 -10.59
CA ASN H 313 33.03 -8.38 -10.08
C ASN H 313 33.87 -9.38 -10.84
N ALA H 314 34.74 -10.10 -10.14
CA ALA H 314 35.62 -11.11 -10.73
C ALA H 314 36.38 -10.54 -11.93
N GLY H 315 36.81 -9.30 -11.79
CA GLY H 315 37.52 -8.59 -12.83
C GLY H 315 36.66 -8.01 -13.92
N SER H 316 35.35 -8.30 -13.92
CA SER H 316 34.45 -7.72 -14.91
C SER H 316 33.77 -6.51 -14.29
N THR H 317 33.34 -5.58 -15.14
CA THR H 317 32.62 -4.40 -14.70
C THR H 317 31.15 -4.56 -15.07
N VAL H 318 30.28 -4.43 -14.07
CA VAL H 318 28.84 -4.55 -14.27
C VAL H 318 28.23 -3.16 -14.16
N TYR H 319 27.45 -2.77 -15.17
CA TYR H 319 26.76 -1.49 -15.20
C TYR H 319 25.28 -1.64 -14.89
N TYR H 320 24.78 -0.81 -13.98
CA TYR H 320 23.37 -0.79 -13.60
C TYR H 320 22.74 0.53 -14.06
N PRO H 321 22.07 0.55 -15.21
CA PRO H 321 21.53 1.81 -15.74
C PRO H 321 20.18 2.25 -15.19
N CYS H 322 19.42 1.42 -14.49
CA CYS H 322 18.08 1.84 -14.07
C CYS H 322 18.04 2.24 -12.60
N GLU H 323 17.34 3.35 -12.35
CA GLU H 323 17.29 4.02 -11.06
C GLU H 323 16.88 3.07 -9.93
N LYS H 324 15.82 2.29 -10.14
CA LYS H 324 15.27 1.43 -9.12
C LYS H 324 16.07 0.16 -8.85
N ASP H 325 17.09 -0.13 -9.66
CA ASP H 325 17.86 -1.35 -9.48
C ASP H 325 18.98 -1.23 -8.45
N CYS H 326 19.35 -0.02 -8.04
CA CYS H 326 20.37 0.16 -7.02
C CYS H 326 19.88 1.13 -5.95
N GLU H 327 20.07 0.75 -4.69
CA GLU H 327 19.64 1.52 -3.53
C GLU H 327 20.77 1.53 -2.51
N THR H 328 21.03 2.70 -1.95
CA THR H 328 22.09 2.88 -0.97
C THR H 328 21.64 2.71 0.48
N ARG H 329 22.57 2.18 1.29
CA ARG H 329 22.46 2.10 2.75
C ARG H 329 23.88 2.33 3.26
N GLY H 330 24.18 3.57 3.62
CA GLY H 330 25.54 3.90 4.04
C GLY H 330 26.50 3.65 2.90
N ASP H 331 27.54 2.87 3.19
CA ASP H 331 28.55 2.53 2.18
C ASP H 331 28.10 1.42 1.24
N HIS H 332 26.97 0.78 1.57
CA HIS H 332 26.49 -0.39 0.79
C HIS H 332 25.45 0.01 -0.26
N VAL H 333 25.62 -0.49 -1.49
CA VAL H 333 24.67 -0.27 -2.58
C VAL H 333 24.12 -1.63 -2.97
N PHE H 334 22.80 -1.79 -2.85
CA PHE H 334 22.13 -3.05 -3.19
C PHE H 334 21.72 -2.98 -4.66
N CYS H 335 22.33 -3.82 -5.49
CA CYS H 335 21.99 -3.88 -6.91
C CYS H 335 21.63 -5.31 -7.28
N ASP H 336 20.72 -5.43 -8.25
CA ASP H 336 20.27 -6.73 -8.74
C ASP H 336 21.09 -7.14 -9.96
N THR H 337 21.86 -8.22 -9.83
CA THR H 337 22.73 -8.67 -10.92
C THR H 337 21.94 -8.94 -12.19
N ALA H 338 20.65 -9.28 -12.08
CA ALA H 338 19.85 -9.55 -13.26
C ALA H 338 19.61 -8.30 -14.08
N ALA H 339 19.84 -7.12 -13.49
CA ALA H 339 19.71 -5.85 -14.16
C ALA H 339 21.02 -5.36 -14.77
N GLY H 340 22.13 -6.06 -14.51
CA GLY H 340 23.42 -5.59 -14.96
C GLY H 340 23.70 -5.94 -16.42
N ILE H 341 24.50 -5.07 -17.03
CA ILE H 341 25.02 -5.24 -18.38
C ILE H 341 26.54 -5.20 -18.28
N ASN H 342 27.19 -6.26 -18.72
CA ASN H 342 28.65 -6.31 -18.62
C ASN H 342 29.27 -5.34 -19.61
N VAL H 343 30.19 -4.52 -19.11
CA VAL H 343 30.93 -3.55 -19.89
C VAL H 343 32.42 -3.85 -19.75
N ALA H 344 33.17 -3.51 -20.79
CA ALA H 344 34.61 -3.73 -20.77
C ALA H 344 35.27 -2.88 -19.68
N GLU H 345 36.38 -3.38 -19.15
CA GLU H 345 37.12 -2.67 -18.11
C GLU H 345 37.53 -1.28 -18.59
N GLN H 346 37.80 -1.14 -19.87
CA GLN H 346 38.19 0.13 -20.47
C GLN H 346 37.15 1.23 -20.25
N SER H 347 35.90 0.87 -19.94
CA SER H 347 34.90 1.90 -19.67
C SER H 347 35.30 2.82 -18.53
N LYS H 348 36.13 2.33 -17.61
CA LYS H 348 36.62 3.20 -16.53
C LYS H 348 37.48 4.33 -17.05
N GLU H 349 38.10 4.16 -18.22
CA GLU H 349 38.94 5.19 -18.81
C GLU H 349 38.18 6.48 -19.10
N CYS H 350 36.86 6.40 -19.28
CA CYS H 350 36.05 7.59 -19.48
C CYS H 350 36.11 8.53 -18.29
N ASN H 351 36.52 8.03 -17.12
CA ASN H 351 36.70 8.83 -15.92
C ASN H 351 38.14 9.29 -15.74
N ILE H 352 39.06 8.86 -16.59
CA ILE H 352 40.48 9.15 -16.46
C ILE H 352 40.98 10.03 -17.60
N ASN H 353 40.74 9.59 -18.83
CA ASN H 353 41.20 10.34 -20.03
C ASN H 353 40.18 10.16 -21.16
N ILE H 354 38.92 10.54 -20.92
CA ILE H 354 37.84 10.35 -21.94
C ILE H 354 38.25 11.04 -23.25
N SER H 355 39.02 12.13 -23.17
CA SER H 355 39.38 12.91 -24.39
C SER H 355 40.34 12.12 -25.29
N THR H 356 41.13 11.18 -24.74
CA THR H 356 42.14 10.48 -25.55
C THR H 356 41.83 9.00 -25.67
N THR H 357 41.07 8.44 -24.74
CA THR H 357 40.82 7.00 -24.74
C THR H 357 40.18 6.54 -26.05
N ASN H 358 40.54 5.32 -26.46
CA ASN H 358 39.98 4.67 -27.64
C ASN H 358 38.63 4.04 -27.36
N TYR H 359 38.18 4.03 -26.11
CA TYR H 359 36.91 3.45 -25.71
C TYR H 359 35.76 4.36 -26.13
N PRO H 360 34.64 3.83 -26.69
CA PRO H 360 33.50 4.69 -27.03
C PRO H 360 32.69 5.11 -25.80
N CYS H 361 33.01 6.28 -25.25
CA CYS H 361 32.24 6.80 -24.09
C CYS H 361 30.95 7.46 -24.61
N LYS H 362 29.83 6.75 -24.58
CA LYS H 362 28.56 7.29 -25.14
C LYS H 362 28.08 8.50 -24.32
N VAL H 363 28.00 9.68 -24.94
CA VAL H 363 27.57 10.92 -24.24
C VAL H 363 26.69 11.73 -25.20
N SER H 364 25.94 12.71 -24.68
CA SER H 364 25.06 13.57 -25.53
C SER H 364 25.74 14.91 -25.83
N CYS H 365 25.44 15.51 -26.97
CA CYS H 365 26.02 16.83 -27.33
C CYS H 365 24.96 17.68 -28.07
N GLY H 366 24.62 18.85 -27.52
CA GLY H 366 23.61 19.72 -28.14
C GLY H 366 24.05 21.18 -28.14
N ARG H 367 23.17 22.09 -28.56
CA ARG H 367 23.50 23.54 -28.58
C ARG H 367 22.80 24.24 -27.41
N HIS H 368 21.69 23.68 -26.93
CA HIS H 368 20.91 24.35 -25.86
C HIS H 368 21.56 24.11 -24.49
N PRO H 369 21.84 25.17 -23.70
CA PRO H 369 22.40 25.00 -22.36
C PRO H 369 21.34 24.73 -21.31
N ILE H 370 21.60 23.77 -20.41
CA ILE H 370 20.65 23.48 -19.36
C ILE H 370 21.33 23.73 -18.02
N SER H 371 20.80 24.67 -17.24
CA SER H 371 21.33 24.93 -15.90
C SER H 371 20.63 24.02 -14.91
N MET H 372 21.40 23.32 -14.08
CA MET H 372 20.81 22.38 -13.14
C MET H 372 21.82 22.02 -12.05
N VAL H 373 21.30 21.46 -10.96
CA VAL H 373 22.10 20.98 -9.84
C VAL H 373 22.03 19.46 -9.81
N ALA H 374 23.19 18.81 -9.79
CA ALA H 374 23.28 17.36 -9.67
C ALA H 374 23.90 17.05 -8.31
N LEU H 375 23.05 16.69 -7.35
CA LEU H 375 23.53 16.36 -6.00
C LEU H 375 24.27 15.04 -6.01
N SER H 376 25.48 15.04 -5.46
CA SER H 376 26.29 13.85 -5.31
C SER H 376 26.35 13.47 -3.84
N PRO H 377 26.85 12.27 -3.52
CA PRO H 377 26.96 11.88 -2.10
C PRO H 377 27.81 12.82 -1.26
N LEU H 378 28.90 13.36 -1.80
CA LEU H 378 29.78 14.24 -1.03
C LEU H 378 29.78 15.68 -1.53
N GLY H 379 28.85 16.04 -2.40
CA GLY H 379 28.78 17.42 -2.87
C GLY H 379 27.69 17.63 -3.91
N ALA H 380 27.89 18.58 -4.80
CA ALA H 380 26.93 18.82 -5.87
C ALA H 380 27.62 19.50 -7.05
N LEU H 381 27.20 19.13 -8.26
CA LEU H 381 27.64 19.82 -9.45
C LEU H 381 26.67 20.94 -9.72
N VAL H 382 27.18 22.16 -9.92
CA VAL H 382 26.36 23.33 -10.16
C VAL H 382 26.68 23.89 -11.54
N ALA H 383 25.79 23.63 -12.49
CA ALA H 383 25.95 24.15 -13.85
C ALA H 383 25.26 25.50 -13.88
N CYS H 384 26.05 26.57 -13.92
CA CYS H 384 25.53 27.94 -13.88
C CYS H 384 26.00 28.67 -15.14
N TYR H 385 25.06 28.99 -16.02
CA TYR H 385 25.43 29.65 -17.26
C TYR H 385 24.77 31.02 -17.34
N LYS H 386 24.81 31.59 -18.54
CA LYS H 386 24.19 32.90 -18.79
C LYS H 386 22.69 32.87 -18.57
N GLY H 387 22.17 33.95 -17.96
CA GLY H 387 20.76 34.10 -17.70
C GLY H 387 20.27 33.62 -16.35
N VAL H 388 21.09 32.97 -15.53
CA VAL H 388 20.65 32.49 -14.23
C VAL H 388 21.59 33.00 -13.15
N SER H 389 21.05 33.24 -11.96
CA SER H 389 21.82 33.67 -10.81
C SER H 389 22.02 32.49 -9.87
N CYS H 390 23.27 32.21 -9.49
CA CYS H 390 23.61 31.10 -8.64
C CYS H 390 24.40 31.57 -7.43
N SER H 391 24.07 31.05 -6.26
CA SER H 391 24.81 31.41 -5.05
C SER H 391 24.79 30.25 -4.07
N ILE H 392 25.77 30.25 -3.17
CA ILE H 392 25.91 29.25 -2.12
C ILE H 392 25.70 29.89 -0.76
N GLY H 393 25.16 29.13 0.17
CA GLY H 393 24.93 29.68 1.50
C GLY H 393 24.92 28.60 2.56
N SER H 394 24.95 29.06 3.82
CA SER H 394 24.93 28.17 4.97
C SER H 394 23.73 28.45 5.86
N ASN H 395 23.33 27.44 6.62
CA ASN H 395 22.21 27.57 7.56
C ASN H 395 22.52 28.58 8.66
N ARG H 396 23.80 28.82 8.94
CA ARG H 396 24.25 29.72 10.00
C ARG H 396 24.48 31.15 9.52
N VAL H 397 25.04 31.31 8.32
CA VAL H 397 25.42 32.63 7.81
C VAL H 397 24.54 33.08 6.65
N GLY H 398 23.75 32.20 6.07
CA GLY H 398 22.93 32.57 4.92
C GLY H 398 23.78 32.66 3.68
N ILE H 399 23.60 33.73 2.88
CA ILE H 399 24.35 33.84 1.64
C ILE H 399 25.80 34.14 1.96
N ILE H 400 26.70 33.30 1.45
CA ILE H 400 28.13 33.46 1.69
C ILE H 400 28.86 34.05 0.48
N LYS H 401 28.69 33.45 -0.70
CA LYS H 401 29.39 33.93 -1.88
C LYS H 401 28.64 33.58 -3.15
N GLN H 402 28.72 34.46 -4.14
CA GLN H 402 28.17 34.21 -5.46
C GLN H 402 29.10 33.31 -6.26
N LEU H 403 28.52 32.46 -7.10
CA LEU H 403 29.30 31.54 -7.91
C LEU H 403 29.53 32.07 -9.32
N ASN H 404 30.71 31.79 -9.86
CA ASN H 404 31.04 32.20 -11.21
C ASN H 404 30.28 31.35 -12.22
N LYS H 405 30.17 31.86 -13.44
CA LYS H 405 29.51 31.12 -14.51
C LYS H 405 30.33 29.89 -14.89
N GLY H 406 29.63 28.84 -15.27
CA GLY H 406 30.23 27.59 -15.70
C GLY H 406 29.92 26.46 -14.74
N CYS H 407 30.63 25.35 -14.91
CA CYS H 407 30.45 24.20 -14.04
C CYS H 407 31.33 24.37 -12.81
N SER H 408 30.72 24.39 -11.63
CA SER H 408 31.43 24.54 -10.38
C SER H 408 31.07 23.39 -9.44
N TYR H 409 32.06 22.90 -8.71
CA TYR H 409 31.83 21.87 -7.70
C TYR H 409 31.91 22.52 -6.33
N ILE H 410 30.90 22.30 -5.50
CA ILE H 410 30.83 22.87 -4.17
C ILE H 410 30.86 21.74 -3.14
N THR H 411 31.83 21.80 -2.23
CA THR H 411 31.91 20.83 -1.15
C THR H 411 30.89 21.14 -0.07
N ASN H 412 30.48 20.12 0.67
CA ASN H 412 29.54 20.35 1.77
C ASN H 412 30.17 21.06 2.95
N GLN H 413 31.49 21.30 2.91
CA GLN H 413 32.21 22.04 3.93
C GLN H 413 32.25 23.53 3.63
N ASP H 414 32.27 23.90 2.34
CA ASP H 414 32.32 25.32 1.97
C ASP H 414 30.98 26.00 2.22
N ALA H 415 29.88 25.26 2.11
CA ALA H 415 28.55 25.83 2.33
C ALA H 415 27.62 24.70 2.76
N ASP H 416 26.52 25.09 3.39
CA ASP H 416 25.48 24.13 3.74
C ASP H 416 24.36 24.03 2.70
N THR H 417 24.10 25.10 1.95
CA THR H 417 23.03 25.10 0.97
C THR H 417 23.50 25.79 -0.30
N VAL H 418 22.93 25.36 -1.42
CA VAL H 418 23.18 25.98 -2.72
C VAL H 418 21.87 26.55 -3.23
N THR H 419 21.92 27.77 -3.77
CA THR H 419 20.73 28.44 -4.27
C THR H 419 20.90 28.80 -5.73
N ILE H 420 19.94 28.38 -6.55
CA ILE H 420 19.91 28.72 -7.97
C ILE H 420 18.68 29.61 -8.14
N ASP H 421 18.92 30.88 -8.49
CA ASP H 421 17.83 31.84 -8.59
C ASP H 421 17.02 31.77 -7.29
N ASN H 422 15.79 31.28 -7.37
CA ASN H 422 14.96 31.10 -6.18
C ASN H 422 14.95 29.66 -5.68
N THR H 423 15.60 28.73 -6.37
CA THR H 423 15.57 27.31 -6.02
C THR H 423 16.73 27.00 -5.07
N VAL H 424 16.40 26.56 -3.86
CA VAL H 424 17.38 26.19 -2.85
C VAL H 424 17.53 24.66 -2.78
N TYR H 425 18.77 24.18 -2.91
CA TYR H 425 19.11 22.77 -2.79
C TYR H 425 19.86 22.52 -1.50
N GLN H 426 19.36 21.60 -0.67
CA GLN H 426 20.01 21.27 0.59
C GLN H 426 21.19 20.34 0.35
N LEU H 427 22.37 20.73 0.84
CA LEU H 427 23.55 19.89 0.70
C LEU H 427 23.62 18.74 1.70
N SER H 428 24.29 17.67 1.27
CA SER H 428 24.54 16.48 2.07
C SER H 428 25.42 16.79 3.29
N LYS H 429 25.25 15.99 4.34
CA LYS H 429 26.10 16.07 5.53
C LYS H 429 26.95 14.83 5.73
N VAL H 430 27.14 14.05 4.66
CA VAL H 430 28.05 12.91 4.69
C VAL H 430 29.49 13.40 4.83
N GLU H 431 30.31 12.65 5.56
CA GLU H 431 31.72 12.95 5.75
C GLU H 431 32.57 12.16 4.77
N GLY H 432 33.63 12.78 4.26
CA GLY H 432 34.50 12.11 3.32
C GLY H 432 35.50 13.06 2.71
N GLU H 433 36.39 12.48 1.90
CA GLU H 433 37.47 13.20 1.23
C GLU H 433 37.02 13.70 -0.14
N GLN H 434 37.45 14.91 -0.48
CA GLN H 434 37.15 15.52 -1.78
C GLN H 434 38.44 15.83 -2.50
N HIS H 435 38.50 15.49 -3.78
CA HIS H 435 39.65 15.78 -4.63
C HIS H 435 39.20 16.39 -5.95
N VAL H 436 40.01 17.29 -6.49
CA VAL H 436 39.76 17.93 -7.77
C VAL H 436 40.79 17.46 -8.78
N ILE H 437 40.34 16.84 -9.86
CA ILE H 437 41.19 16.40 -10.96
C ILE H 437 41.07 17.47 -12.05
N LYS H 438 42.05 18.36 -12.09
CA LYS H 438 42.05 19.46 -13.04
C LYS H 438 42.21 18.98 -14.48
N GLY H 439 41.47 19.61 -15.40
CA GLY H 439 41.52 19.19 -16.81
C GLY H 439 40.72 20.13 -17.70
N ARG H 440 40.52 19.76 -18.97
CA ARG H 440 39.81 20.65 -19.92
C ARG H 440 38.45 20.03 -20.30
N PRO H 441 37.33 20.75 -20.16
CA PRO H 441 36.04 20.24 -20.58
C PRO H 441 36.07 19.91 -22.07
N VAL H 442 35.61 18.72 -22.44
CA VAL H 442 35.54 18.34 -23.89
C VAL H 442 34.55 19.31 -24.55
N SER H 443 33.70 19.95 -23.75
CA SER H 443 32.73 20.94 -24.29
C SER H 443 33.49 22.12 -24.90
N SER H 444 34.53 22.61 -24.20
CA SER H 444 35.35 23.72 -24.75
C SER H 444 35.99 23.26 -26.06
N SER H 445 36.40 21.99 -26.13
CA SER H 445 36.97 21.44 -27.39
C SER H 445 35.93 21.54 -28.51
N PHE H 446 34.66 21.29 -28.19
CA PHE H 446 33.57 21.40 -29.21
C PHE H 446 33.43 22.86 -29.62
N ASP H 447 33.19 23.11 -30.91
CA ASP H 447 32.95 24.51 -31.38
C ASP H 447 31.46 24.63 -31.72
N PRO H 448 30.62 25.26 -30.86
CA PRO H 448 29.19 25.31 -31.11
C PRO H 448 28.90 25.99 -32.43
N VAL H 449 29.69 27.01 -32.77
CA VAL H 449 29.53 27.70 -34.08
C VAL H 449 29.72 26.66 -35.20
N LYS H 450 30.65 25.72 -35.00
CA LYS H 450 30.93 24.67 -36.01
C LYS H 450 30.17 23.38 -35.64
N PHE H 451 29.34 23.44 -34.60
CA PHE H 451 28.55 22.26 -34.15
C PHE H 451 27.07 22.64 -34.08
N PRO H 452 26.34 22.75 -35.21
CA PRO H 452 24.93 23.06 -35.19
C PRO H 452 24.09 21.79 -35.23
N GLN H 453 24.15 20.99 -34.15
CA GLN H 453 23.40 19.70 -34.12
C GLN H 453 23.01 19.35 -32.67
N ASP H 454 21.71 19.14 -32.41
CA ASP H 454 21.29 18.68 -31.06
C ASP H 454 21.29 17.15 -31.07
N GLN H 455 22.27 16.53 -30.40
CA GLN H 455 22.40 15.05 -30.45
C GLN H 455 22.17 14.44 -29.07
N PHE H 456 21.79 13.15 -29.01
CA PHE H 456 21.54 12.46 -27.72
C PHE H 456 22.28 11.13 -27.72
N ASN H 457 23.07 10.87 -26.66
CA ASN H 457 23.82 9.58 -26.55
C ASN H 457 24.52 9.28 -27.86
N VAL H 458 25.42 10.16 -28.30
CA VAL H 458 26.13 9.99 -29.61
C VAL H 458 27.64 9.92 -29.37
N ALA H 459 28.06 9.53 -28.16
CA ALA H 459 29.51 9.49 -27.83
C ALA H 459 30.17 10.82 -28.20
N LEU H 460 31.44 10.77 -28.61
CA LEU H 460 32.17 12.00 -28.99
C LEU H 460 32.37 12.02 -30.52
N ASP H 461 32.34 10.84 -31.14
CA ASP H 461 32.57 10.76 -32.62
C ASP H 461 31.63 11.74 -33.33
N GLN H 462 30.33 11.66 -33.04
CA GLN H 462 29.34 12.58 -33.67
C GLN H 462 29.56 14.00 -33.17
N CYS H 463 29.83 14.17 -31.87
CA CYS H 463 30.07 15.52 -31.29
C CYS H 463 31.21 16.21 -32.07
N PHE H 464 32.20 15.42 -32.52
CA PHE H 464 33.32 15.99 -33.33
C PHE H 464 33.05 15.72 -34.82
N LEU I 19 0.76 -22.67 -27.84
CA LEU I 19 1.57 -21.49 -28.08
C LEU I 19 2.67 -21.80 -29.09
N LYS I 20 2.98 -20.83 -29.96
CA LYS I 20 3.99 -21.00 -30.99
C LYS I 20 4.99 -19.86 -30.95
N GLU I 21 6.25 -20.17 -30.70
CA GLU I 21 7.32 -19.19 -30.68
C GLU I 21 8.19 -19.41 -31.91
N SER I 22 8.39 -18.38 -32.70
CA SER I 22 9.22 -18.43 -33.90
C SER I 22 10.45 -17.54 -33.72
N TYR I 23 11.62 -18.15 -33.87
CA TYR I 23 12.88 -17.42 -33.78
C TYR I 23 13.24 -16.90 -35.17
N LEU I 24 13.49 -15.59 -35.26
CA LEU I 24 13.83 -14.92 -36.51
C LEU I 24 15.31 -14.62 -36.59
N GLU I 25 16.07 -15.50 -37.25
CA GLU I 25 17.49 -15.29 -37.44
C GLU I 25 17.76 -13.99 -38.19
N GLU I 26 16.85 -13.62 -39.09
CA GLU I 26 17.01 -12.41 -39.90
C GLU I 26 17.16 -11.16 -39.06
N SER I 27 16.48 -11.08 -37.91
CA SER I 27 16.54 -9.88 -37.08
C SER I 27 16.90 -10.11 -35.62
N CYS I 28 17.31 -11.33 -35.24
CA CYS I 28 17.61 -11.62 -33.84
C CYS I 28 16.43 -11.21 -32.95
N SER I 29 15.25 -11.69 -33.31
CA SER I 29 14.03 -11.39 -32.58
C SER I 29 13.15 -12.62 -32.57
N THR I 30 12.17 -12.62 -31.67
CA THR I 30 11.20 -13.70 -31.57
C THR I 30 9.78 -13.16 -31.59
N ILE I 31 8.90 -13.92 -32.21
CA ILE I 31 7.46 -13.61 -32.24
C ILE I 31 6.72 -14.80 -31.61
N THR I 32 5.92 -14.51 -30.60
CA THR I 32 5.15 -15.53 -29.88
C THR I 32 3.67 -15.30 -30.15
N GLU I 33 3.03 -16.29 -30.74
CA GLU I 33 1.61 -16.22 -31.10
C GLU I 33 0.75 -17.11 -30.22
N GLY I 34 -0.56 -16.90 -30.34
CA GLY I 34 -1.56 -17.65 -29.60
C GLY I 34 -2.16 -16.96 -28.40
N TYR I 35 -1.73 -15.74 -28.08
CA TYR I 35 -2.32 -15.05 -26.94
C TYR I 35 -3.73 -14.56 -27.25
N LEU I 36 -4.59 -14.60 -26.22
CA LEU I 36 -6.00 -14.14 -26.40
C LEU I 36 -6.11 -12.70 -25.90
N SER I 37 -7.08 -11.95 -26.39
CA SER I 37 -7.16 -10.51 -26.01
C SER I 37 -8.28 -10.24 -25.01
N VAL I 38 -7.99 -9.49 -23.96
CA VAL I 38 -9.02 -9.06 -23.02
C VAL I 38 -8.89 -7.54 -23.01
N LEU I 39 -9.60 -6.88 -23.92
CA LEU I 39 -9.45 -5.45 -24.12
C LEU I 39 -10.51 -4.63 -23.40
N ARG I 40 -10.07 -3.70 -22.56
CA ARG I 40 -10.94 -2.76 -21.85
C ARG I 40 -11.44 -1.72 -22.85
N THR I 41 -12.75 -1.72 -23.11
CA THR I 41 -13.32 -0.78 -24.06
C THR I 41 -14.05 0.39 -23.42
N GLY I 42 -14.42 0.29 -22.15
CA GLY I 42 -15.12 1.39 -21.52
C GLY I 42 -15.01 1.38 -20.02
N TRP I 43 -15.76 2.28 -19.40
CA TRP I 43 -15.83 2.40 -17.95
C TRP I 43 -17.29 2.42 -17.52
N TYR I 44 -17.58 1.68 -16.46
CA TYR I 44 -18.92 1.59 -15.88
C TYR I 44 -18.86 2.32 -14.55
N THR I 45 -19.61 3.41 -14.44
CA THR I 45 -19.57 4.25 -13.25
C THR I 45 -20.56 3.74 -12.21
N ASN I 46 -20.04 3.39 -11.04
CA ASN I 46 -20.84 2.95 -9.91
C ASN I 46 -20.64 3.90 -8.73
N VAL I 47 -21.71 4.51 -8.26
CA VAL I 47 -21.66 5.42 -7.12
C VAL I 47 -22.08 4.64 -5.88
N PHE I 48 -21.31 4.79 -4.81
CA PHE I 48 -21.62 4.16 -3.53
C PHE I 48 -21.88 5.23 -2.48
N THR I 49 -22.92 5.02 -1.69
CA THR I 49 -23.26 5.93 -0.59
C THR I 49 -23.09 5.20 0.74
N LEU I 50 -21.98 5.43 1.41
CA LEU I 50 -21.72 4.84 2.71
C LEU I 50 -22.31 5.79 3.75
N GLU I 51 -23.46 5.42 4.31
CA GLU I 51 -24.15 6.25 5.29
C GLU I 51 -23.56 6.02 6.68
N VAL I 52 -22.91 7.05 7.22
CA VAL I 52 -22.31 6.96 8.54
C VAL I 52 -23.33 7.20 9.65
N GLY I 53 -24.31 8.05 9.43
CA GLY I 53 -25.29 8.38 10.44
C GLY I 53 -24.92 9.61 11.25
N ASP I 54 -25.82 9.96 12.18
CA ASP I 54 -25.68 11.15 13.01
C ASP I 54 -24.73 10.91 14.19
N VAL I 55 -23.45 10.72 13.86
CA VAL I 55 -22.44 10.50 14.88
C VAL I 55 -22.04 11.79 15.58
N GLU I 56 -22.30 12.95 14.95
CA GLU I 56 -21.93 14.25 15.49
C GLU I 56 -22.61 14.54 16.82
N ASN I 57 -23.87 14.14 16.98
CA ASN I 57 -24.59 14.41 18.22
C ASN I 57 -24.24 13.47 19.36
N LEU I 58 -23.42 12.45 19.13
CA LEU I 58 -23.02 11.55 20.20
C LEU I 58 -21.84 12.18 20.95
N THR I 59 -21.95 12.26 22.28
CA THR I 59 -20.91 12.83 23.11
C THR I 59 -20.61 11.93 24.29
N CYS I 60 -19.34 11.92 24.71
CA CYS I 60 -18.88 11.12 25.84
C CYS I 60 -18.36 12.07 26.92
N ALA I 61 -19.05 12.11 28.06
CA ALA I 61 -18.73 12.99 29.16
C ALA I 61 -18.12 12.27 30.35
N ASP I 62 -17.98 10.94 30.30
CA ASP I 62 -17.43 10.16 31.39
C ASP I 62 -15.96 9.84 31.21
N GLY I 63 -15.24 10.65 30.43
CA GLY I 63 -13.82 10.48 30.23
C GLY I 63 -13.42 9.41 29.23
N PRO I 64 -12.15 9.03 29.27
CA PRO I 64 -11.63 8.01 28.35
C PRO I 64 -12.28 6.65 28.54
N SER I 65 -12.69 6.04 27.42
CA SER I 65 -13.32 4.73 27.43
C SER I 65 -13.10 4.09 26.07
N LEU I 66 -13.27 2.77 26.02
CA LEU I 66 -13.09 2.04 24.77
C LEU I 66 -14.01 2.55 23.67
N ILE I 67 -15.29 2.79 23.99
CA ILE I 67 -16.21 3.29 22.99
C ILE I 67 -15.81 4.70 22.55
N LYS I 68 -15.43 5.55 23.50
CA LYS I 68 -14.99 6.91 23.18
C LYS I 68 -13.81 6.90 22.22
N THR I 69 -12.87 5.96 22.40
CA THR I 69 -11.69 5.91 21.54
C THR I 69 -12.08 5.67 20.09
N GLU I 70 -12.97 4.71 19.84
CA GLU I 70 -13.43 4.48 18.47
C GLU I 70 -14.31 5.62 17.99
N LEU I 71 -15.14 6.15 18.89
CA LEU I 71 -16.06 7.22 18.52
C LEU I 71 -15.29 8.48 18.15
N ASP I 72 -14.32 8.87 18.98
CA ASP I 72 -13.51 10.04 18.67
C ASP I 72 -12.76 9.85 17.35
N LEU I 73 -12.25 8.64 17.12
CA LEU I 73 -11.60 8.33 15.86
C LEU I 73 -12.57 8.48 14.70
N THR I 74 -13.81 8.02 14.90
CA THR I 74 -14.84 8.12 13.86
C THR I 74 -15.14 9.58 13.54
N LYS I 75 -15.34 10.41 14.57
CA LYS I 75 -15.57 11.82 14.33
C LYS I 75 -14.36 12.46 13.67
N SER I 76 -13.16 12.05 14.09
CA SER I 76 -11.94 12.57 13.47
C SER I 76 -11.87 12.17 12.01
N ALA I 77 -12.15 10.90 11.70
CA ALA I 77 -12.13 10.44 10.31
C ALA I 77 -13.14 11.21 9.47
N LEU I 78 -14.35 11.40 10.00
CA LEU I 78 -15.37 12.13 9.25
C LEU I 78 -14.95 13.58 9.06
N ARG I 79 -14.42 14.21 10.11
CA ARG I 79 -13.94 15.58 10.00
C ARG I 79 -12.78 15.68 9.01
N GLU I 80 -11.85 14.73 9.06
CA GLU I 80 -10.72 14.73 8.14
C GLU I 80 -11.16 14.67 6.68
N LEU I 81 -12.19 13.86 6.40
CA LEU I 81 -12.64 13.72 5.02
C LEU I 81 -13.18 15.03 4.47
N ARG I 82 -13.75 15.88 5.33
CA ARG I 82 -14.23 17.19 4.90
C ARG I 82 -13.09 18.05 4.37
N THR I 83 -11.88 17.83 4.86
CA THR I 83 -10.70 18.60 4.50
C THR I 83 -10.08 18.18 3.17
N CYS I 84 -10.37 16.98 2.67
CA CYS I 84 -9.85 16.61 1.36
C CYS I 84 -10.72 17.14 0.23
N SER I 85 -12.01 17.34 0.48
CA SER I 85 -12.92 17.83 -0.55
C SER I 85 -13.52 19.17 -0.17
N PHE I 103 9.42 11.63 -30.08
CA PHE I 103 8.72 10.97 -31.22
C PHE I 103 8.72 9.46 -30.99
N VAL I 104 8.88 9.04 -29.73
CA VAL I 104 8.92 7.59 -29.39
C VAL I 104 7.50 7.13 -28.97
N LEU I 105 6.93 6.17 -29.70
CA LEU I 105 5.55 5.69 -29.40
C LEU I 105 5.37 5.52 -27.88
N GLY I 106 6.18 4.65 -27.25
CA GLY I 106 6.02 4.40 -25.83
C GLY I 106 6.12 5.64 -24.98
N ALA I 107 6.95 6.61 -25.37
CA ALA I 107 7.06 7.80 -24.54
C ALA I 107 5.88 8.73 -24.75
N ILE I 108 5.25 8.64 -25.92
CA ILE I 108 4.09 9.45 -26.25
C ILE I 108 2.84 8.92 -25.54
N ALA I 109 2.65 7.61 -25.55
CA ALA I 109 1.46 6.96 -25.02
C ALA I 109 1.50 6.68 -23.52
N CYS I 110 2.67 6.45 -22.93
CA CYS I 110 2.74 6.07 -21.53
C CYS I 110 2.09 7.14 -20.67
N GLY I 111 1.10 6.72 -19.89
CA GLY I 111 0.34 7.59 -19.01
C GLY I 111 -0.87 8.24 -19.66
N VAL I 112 -0.93 8.29 -20.99
CA VAL I 112 -2.08 8.94 -21.63
C VAL I 112 -3.35 8.18 -21.29
N ALA I 113 -3.30 6.85 -21.34
CA ALA I 113 -4.45 6.05 -20.97
C ALA I 113 -4.80 6.26 -19.50
N THR I 114 -3.77 6.26 -18.64
CA THR I 114 -3.99 6.49 -17.22
C THR I 114 -4.58 7.88 -16.99
N ALA I 115 -4.00 8.89 -17.66
CA ALA I 115 -4.52 10.25 -17.54
C ALA I 115 -5.95 10.32 -18.05
N ALA I 116 -6.24 9.63 -19.16
CA ALA I 116 -7.60 9.60 -19.69
C ALA I 116 -8.55 8.96 -18.70
N ALA I 117 -8.13 7.88 -18.05
CA ALA I 117 -8.99 7.20 -17.09
C ALA I 117 -9.35 8.12 -15.94
N VAL I 118 -8.34 8.78 -15.35
CA VAL I 118 -8.59 9.72 -14.27
C VAL I 118 -9.41 10.91 -14.77
N THR I 119 -9.00 11.49 -15.90
CA THR I 119 -9.69 12.65 -16.45
C THR I 119 -11.16 12.34 -16.71
N ALA I 120 -11.44 11.18 -17.34
CA ALA I 120 -12.81 10.80 -17.60
C ALA I 120 -13.58 10.67 -16.29
N GLY I 121 -12.97 10.03 -15.31
CA GLY I 121 -13.61 9.92 -14.00
C GLY I 121 -13.84 11.28 -13.38
N VAL I 122 -12.87 12.19 -13.49
CA VAL I 122 -13.03 13.52 -12.94
C VAL I 122 -14.14 14.28 -13.67
N ALA I 123 -14.18 14.13 -15.00
CA ALA I 123 -15.24 14.77 -15.78
C ALA I 123 -16.61 14.30 -15.31
N ILE I 124 -16.73 12.98 -15.11
CA ILE I 124 -17.97 12.40 -14.60
C ILE I 124 -18.20 12.81 -13.15
N ALA I 125 -17.12 12.88 -12.36
CA ALA I 125 -17.25 13.29 -10.97
C ALA I 125 -17.82 14.71 -10.85
N LYS I 126 -17.38 15.63 -11.70
CA LYS I 126 -17.92 16.99 -11.62
C LYS I 126 -19.42 16.98 -11.87
N CYS I 127 -19.86 16.15 -12.82
CA CYS I 127 -21.29 16.02 -13.07
C CYS I 127 -22.01 15.50 -11.83
N ILE I 128 -21.43 14.49 -11.18
CA ILE I 128 -22.01 13.93 -9.97
C ILE I 128 -22.02 14.92 -8.82
N ARG I 129 -21.05 15.84 -8.77
CA ARG I 129 -20.98 16.77 -7.65
C ARG I 129 -22.15 17.73 -7.56
N LEU I 130 -22.97 17.87 -8.60
CA LEU I 130 -24.11 18.77 -8.52
C LEU I 130 -25.06 18.30 -7.42
N GLU I 131 -25.46 19.25 -6.56
CA GLU I 131 -26.34 18.96 -5.44
C GLU I 131 -27.63 18.30 -5.88
N SER I 132 -28.14 18.67 -7.05
CA SER I 132 -29.35 18.03 -7.59
C SER I 132 -29.13 16.54 -7.82
N GLU I 133 -27.97 16.17 -8.36
CA GLU I 133 -27.69 14.75 -8.59
C GLU I 133 -27.52 13.99 -7.28
N VAL I 134 -26.79 14.56 -6.32
CA VAL I 134 -26.66 13.90 -5.02
C VAL I 134 -28.03 13.74 -4.38
N THR I 135 -28.87 14.76 -4.48
CA THR I 135 -30.22 14.68 -3.90
C THR I 135 -31.05 13.61 -4.61
N ALA I 136 -30.96 13.56 -5.95
CA ALA I 136 -31.70 12.55 -6.71
C ALA I 136 -31.22 11.15 -6.36
N ILE I 137 -29.91 10.95 -6.29
CA ILE I 137 -29.37 9.64 -5.95
C ILE I 137 -29.84 9.23 -4.56
N LYS I 138 -29.74 10.15 -3.59
CA LYS I 138 -30.20 9.85 -2.25
C LYS I 138 -31.69 9.50 -2.27
N ASN I 139 -32.48 10.21 -3.08
CA ASN I 139 -33.89 9.89 -3.17
C ASN I 139 -34.07 8.55 -3.88
N CYS I 140 -33.31 8.33 -4.95
CA CYS I 140 -33.37 7.08 -5.69
C CYS I 140 -33.11 5.89 -4.79
N LEU I 141 -32.13 6.02 -3.89
CA LEU I 141 -31.76 4.97 -2.94
C LEU I 141 -32.61 4.97 -1.69
N LYS I 142 -33.57 5.90 -1.57
CA LYS I 142 -34.46 5.90 -0.40
C LYS I 142 -35.25 4.62 -0.29
N LYS I 143 -35.70 4.08 -1.42
CA LYS I 143 -36.59 2.93 -1.42
C LYS I 143 -35.90 1.62 -1.77
N THR I 144 -34.61 1.64 -2.09
CA THR I 144 -33.90 0.41 -2.43
C THR I 144 -32.41 0.62 -2.22
N ASN I 145 -31.67 -0.49 -2.24
CA ASN I 145 -30.23 -0.45 -2.06
C ASN I 145 -29.49 -0.30 -3.37
N GLU I 146 -30.18 -0.44 -4.51
CA GLU I 146 -29.55 -0.38 -5.80
C GLU I 146 -30.56 0.16 -6.81
N CYS I 147 -30.18 1.23 -7.51
CA CYS I 147 -31.06 1.83 -8.50
C CYS I 147 -30.19 2.55 -9.54
N VAL I 148 -30.75 2.72 -10.73
CA VAL I 148 -30.07 3.43 -11.81
C VAL I 148 -30.63 4.85 -11.86
N SER I 149 -29.73 5.82 -11.89
CA SER I 149 -30.09 7.22 -12.05
C SER I 149 -29.38 7.84 -13.25
N THR I 150 -30.09 8.69 -13.97
CA THR I 150 -29.55 9.40 -15.13
C THR I 150 -29.11 10.79 -14.69
N LEU I 151 -27.81 11.07 -14.80
CA LEU I 151 -27.29 12.36 -14.40
C LEU I 151 -27.72 13.46 -15.38
N GLY I 152 -27.63 14.70 -14.91
CA GLY I 152 -27.97 15.84 -15.76
C GLY I 152 -27.15 15.87 -17.04
N CYS I 153 -25.94 15.35 -16.99
CA CYS I 153 -25.09 15.20 -18.17
C CYS I 153 -25.50 14.02 -19.03
N GLY I 154 -26.56 13.30 -18.66
CA GLY I 154 -27.09 12.19 -19.43
C GLY I 154 -26.48 10.83 -19.18
N VAL I 155 -25.40 10.76 -18.40
CA VAL I 155 -24.76 9.47 -18.15
C VAL I 155 -25.61 8.68 -17.16
N ARG I 156 -25.82 7.40 -17.46
CA ARG I 156 -26.52 6.52 -16.54
C ARG I 156 -25.49 5.87 -15.62
N VAL I 157 -25.72 5.96 -14.31
CA VAL I 157 -24.82 5.38 -13.32
C VAL I 157 -25.61 4.49 -12.37
N LEU I 158 -24.99 3.37 -11.99
CA LEU I 158 -25.59 2.43 -11.05
C LEU I 158 -25.18 2.83 -9.63
N ALA I 159 -26.18 3.10 -8.79
CA ALA I 159 -25.96 3.49 -7.41
C ALA I 159 -26.24 2.34 -6.45
N THR I 160 -25.35 2.13 -5.48
CA THR I 160 -25.49 1.05 -4.50
C THR I 160 -25.40 1.65 -3.10
N ALA I 161 -26.32 1.22 -2.23
CA ALA I 161 -26.39 1.70 -0.85
C ALA I 161 -25.76 0.74 0.15
N VAL I 162 -25.00 1.29 1.09
CA VAL I 162 -24.41 0.55 2.19
C VAL I 162 -25.04 1.09 3.47
N ARG I 163 -25.82 0.25 4.17
CA ARG I 163 -26.61 0.71 5.31
C ARG I 163 -26.25 0.08 6.64
N GLU I 164 -25.41 -0.96 6.66
CA GLU I 164 -25.11 -1.70 7.88
C GLU I 164 -24.65 -0.79 9.02
N LEU I 165 -23.75 0.16 8.73
CA LEU I 165 -23.22 1.06 9.74
C LEU I 165 -24.29 1.99 10.32
N LYS I 166 -25.08 2.60 9.46
CA LYS I 166 -26.15 3.50 9.93
C LYS I 166 -27.16 2.80 10.83
N ASP I 167 -27.54 1.57 10.43
CA ASP I 167 -28.55 0.80 11.21
C ASP I 167 -27.95 0.38 12.55
N PHE I 168 -26.83 -0.35 12.53
CA PHE I 168 -26.24 -0.86 13.79
C PHE I 168 -26.11 0.27 14.81
N VAL I 169 -25.47 1.38 14.42
CA VAL I 169 -25.23 2.49 15.40
C VAL I 169 -26.58 2.96 15.95
N SER I 170 -27.53 3.29 15.07
CA SER I 170 -28.83 3.84 15.52
C SER I 170 -29.61 2.81 16.35
N LYS I 171 -29.57 1.53 15.94
CA LYS I 171 -30.39 0.50 16.63
C LYS I 171 -29.65 -0.09 17.83
N ASN I 172 -28.34 0.14 17.94
CA ASN I 172 -27.56 -0.49 19.05
C ASN I 172 -26.67 0.54 19.74
N LEU I 173 -25.62 1.03 19.06
CA LEU I 173 -24.65 1.93 19.71
C LEU I 173 -25.31 3.22 20.22
N THR I 174 -26.13 3.88 19.39
CA THR I 174 -26.73 5.17 19.80
C THR I 174 -27.50 4.99 21.11
N ARG I 175 -28.34 3.95 21.17
CA ARG I 175 -29.15 3.68 22.40
C ARG I 175 -28.19 3.38 23.56
N ALA I 176 -27.14 2.60 23.30
CA ALA I 176 -26.18 2.22 24.37
C ALA I 176 -25.63 3.49 25.04
N ILE I 177 -25.33 4.53 24.26
CA ILE I 177 -24.73 5.73 24.84
C ILE I 177 -25.88 6.50 25.51
N ASN I 178 -26.02 6.29 26.80
CA ASN I 178 -27.08 6.91 27.60
C ASN I 178 -26.54 8.06 28.42
N LYS I 179 -27.19 9.22 28.30
CA LYS I 179 -26.79 10.44 29.02
C LYS I 179 -25.30 10.73 28.89
N ASN I 180 -24.80 10.61 27.66
CA ASN I 180 -23.40 10.87 27.31
C ASN I 180 -22.41 10.00 28.08
N LYS I 181 -22.85 8.88 28.65
CA LYS I 181 -21.94 7.98 29.35
C LYS I 181 -21.49 6.89 28.38
N CYS I 182 -20.19 6.81 28.14
CA CYS I 182 -19.65 5.85 27.17
C CYS I 182 -18.86 4.70 27.80
N ASP I 183 -18.40 4.83 29.05
CA ASP I 183 -17.68 3.75 29.73
C ASP I 183 -18.66 2.73 30.31
N ILE I 184 -19.45 2.11 29.43
CA ILE I 184 -20.43 1.13 29.87
C ILE I 184 -19.77 -0.24 30.02
N PRO I 185 -20.25 -1.09 30.93
CA PRO I 185 -19.65 -2.41 31.13
C PRO I 185 -19.90 -3.39 29.98
N ASP I 186 -20.81 -3.09 29.06
CA ASP I 186 -21.12 -3.99 27.95
C ASP I 186 -20.03 -3.93 26.89
N LEU I 187 -18.97 -4.73 27.12
CA LEU I 187 -17.84 -4.78 26.19
C LEU I 187 -18.27 -5.29 24.82
N LYS I 188 -19.32 -6.10 24.75
CA LYS I 188 -19.81 -6.61 23.47
C LYS I 188 -20.21 -5.45 22.56
N MET I 189 -20.76 -4.39 23.14
CA MET I 189 -21.15 -3.21 22.32
C MET I 189 -19.89 -2.57 21.72
N ALA I 190 -18.85 -2.36 22.53
CA ALA I 190 -17.63 -1.75 22.05
C ALA I 190 -16.96 -2.59 20.96
N VAL I 191 -16.91 -3.90 21.16
CA VAL I 191 -16.31 -4.80 20.16
C VAL I 191 -17.10 -4.74 18.87
N SER I 192 -18.44 -4.72 18.97
CA SER I 192 -19.28 -4.65 17.78
C SER I 192 -19.01 -3.37 17.01
N PHE I 193 -18.93 -2.24 17.72
CA PHE I 193 -18.69 -0.96 17.06
C PHE I 193 -17.37 -0.97 16.31
N SER I 194 -16.32 -1.47 16.97
CA SER I 194 -15.00 -1.55 16.33
C SER I 194 -15.01 -2.44 15.11
N GLN I 195 -15.88 -3.46 15.09
CA GLN I 195 -15.98 -4.35 13.95
C GLN I 195 -16.69 -3.73 12.75
N PHE I 196 -17.81 -3.03 12.98
CA PHE I 196 -18.54 -2.46 11.84
C PHE I 196 -17.84 -1.26 11.22
N ASN I 197 -17.15 -0.45 12.02
CA ASN I 197 -16.51 0.74 11.49
C ASN I 197 -15.23 0.45 10.72
N ARG I 198 -14.74 -0.78 10.77
CA ARG I 198 -13.49 -1.15 10.10
C ARG I 198 -13.49 -0.81 8.62
N ARG I 199 -14.57 -1.14 7.91
CA ARG I 199 -14.64 -0.82 6.48
C ARG I 199 -14.61 0.69 6.25
N PHE I 200 -15.47 1.44 6.95
CA PHE I 200 -15.52 2.88 6.79
C PHE I 200 -14.17 3.54 7.05
N LEU I 201 -13.51 3.18 8.15
CA LEU I 201 -12.22 3.76 8.47
C LEU I 201 -11.19 3.45 7.40
N ASN I 202 -11.25 2.24 6.83
CA ASN I 202 -10.33 1.88 5.76
C ASN I 202 -10.60 2.69 4.49
N VAL I 203 -11.87 2.88 4.13
CA VAL I 203 -12.21 3.67 2.96
C VAL I 203 -11.68 5.08 3.08
N VAL I 204 -11.93 5.72 4.23
CA VAL I 204 -11.43 7.08 4.46
C VAL I 204 -9.91 7.09 4.45
N ARG I 205 -9.28 6.09 5.07
CA ARG I 205 -7.82 6.01 5.11
C ARG I 205 -7.23 5.95 3.70
N GLN I 206 -7.74 5.07 2.85
CA GLN I 206 -7.22 4.96 1.50
C GLN I 206 -7.37 6.26 0.71
N PHE I 207 -8.53 6.91 0.80
CA PHE I 207 -8.69 8.17 0.08
C PHE I 207 -7.82 9.27 0.68
N SER I 208 -7.74 9.34 2.02
CA SER I 208 -6.88 10.35 2.63
C SER I 208 -5.43 10.14 2.25
N ASP I 209 -4.97 8.90 2.32
CA ASP I 209 -3.58 8.57 1.97
C ASP I 209 -3.31 8.75 0.48
N ASN I 210 -4.35 8.70 -0.35
CA ASN I 210 -4.24 8.85 -1.79
C ASN I 210 -4.79 10.18 -2.29
N ALA I 211 -5.05 11.12 -1.36
CA ALA I 211 -5.57 12.45 -1.68
C ALA I 211 -6.81 12.39 -2.57
N GLY I 212 -7.71 11.47 -2.25
CA GLY I 212 -8.97 11.32 -2.95
C GLY I 212 -8.98 10.46 -4.21
N ILE I 213 -7.83 9.99 -4.68
CA ILE I 213 -7.80 9.12 -5.87
C ILE I 213 -6.94 7.91 -5.55
N THR I 214 -7.57 6.76 -5.33
CA THR I 214 -6.85 5.54 -5.02
C THR I 214 -6.31 4.87 -6.28
N PRO I 215 -5.16 4.19 -6.19
CA PRO I 215 -4.64 3.49 -7.36
C PRO I 215 -5.35 2.18 -7.69
N ALA I 216 -6.09 1.60 -6.75
CA ALA I 216 -6.79 0.35 -7.02
C ALA I 216 -8.01 0.25 -6.12
N ILE I 217 -8.84 -0.76 -6.42
CA ILE I 217 -10.09 -1.00 -5.71
C ILE I 217 -9.82 -2.07 -4.65
N SER I 218 -9.60 -1.64 -3.42
CA SER I 218 -9.41 -2.58 -2.32
C SER I 218 -10.72 -3.28 -2.00
N LYS I 219 -10.63 -4.31 -1.14
CA LYS I 219 -11.84 -4.98 -0.67
C LYS I 219 -12.76 -4.06 0.10
N ASP I 220 -12.24 -2.98 0.66
CA ASP I 220 -13.08 -2.06 1.43
C ASP I 220 -13.89 -1.17 0.51
N LEU I 221 -13.33 -0.78 -0.63
CA LEU I 221 -14.08 0.02 -1.59
C LEU I 221 -15.19 -0.77 -2.23
N MET I 222 -14.91 -2.01 -2.63
CA MET I 222 -15.93 -2.85 -3.24
C MET I 222 -15.64 -4.30 -2.88
N THR I 223 -16.54 -4.92 -2.11
CA THR I 223 -16.38 -6.31 -1.74
C THR I 223 -16.56 -7.22 -2.96
N ASP I 224 -16.17 -8.49 -2.78
CA ASP I 224 -16.35 -9.48 -3.83
C ASP I 224 -17.82 -9.64 -4.21
N ALA I 225 -18.70 -9.61 -3.22
CA ALA I 225 -20.13 -9.71 -3.51
C ALA I 225 -20.63 -8.51 -4.28
N GLU I 226 -20.18 -7.31 -3.92
CA GLU I 226 -20.60 -6.10 -4.61
C GLU I 226 -20.09 -6.09 -6.04
N LEU I 227 -18.83 -6.48 -6.24
CA LEU I 227 -18.24 -6.52 -7.57
C LEU I 227 -18.97 -7.51 -8.47
N ALA I 228 -19.22 -8.73 -7.98
CA ALA I 228 -19.90 -9.73 -8.79
C ALA I 228 -21.27 -9.24 -9.23
N ARG I 229 -22.00 -8.60 -8.32
CA ARG I 229 -23.32 -8.05 -8.66
C ARG I 229 -23.18 -6.93 -9.68
N ALA I 230 -22.23 -6.02 -9.47
CA ALA I 230 -22.01 -4.89 -10.38
C ALA I 230 -21.67 -5.38 -11.78
N ILE I 231 -20.77 -6.37 -11.87
CA ILE I 231 -20.40 -6.94 -13.17
C ILE I 231 -21.62 -7.53 -13.87
N SER I 232 -22.46 -8.24 -13.13
CA SER I 232 -23.64 -8.87 -13.72
C SER I 232 -24.57 -7.88 -14.40
N ASN I 233 -24.52 -6.60 -14.02
CA ASN I 233 -25.38 -5.60 -14.64
C ASN I 233 -24.73 -4.89 -15.80
N MET I 234 -23.52 -5.30 -16.19
CA MET I 234 -22.79 -4.56 -17.21
C MET I 234 -23.44 -4.78 -18.58
N PRO I 235 -23.46 -3.76 -19.43
CA PRO I 235 -24.02 -3.88 -20.80
C PRO I 235 -23.10 -4.61 -21.77
N THR I 236 -22.89 -5.90 -21.53
CA THR I 236 -22.02 -6.71 -22.37
C THR I 236 -22.69 -8.05 -22.65
N SER I 237 -22.13 -8.79 -23.60
CA SER I 237 -22.66 -10.11 -23.94
C SER I 237 -22.42 -11.11 -22.80
N ALA I 238 -23.23 -12.16 -22.80
CA ALA I 238 -23.14 -13.19 -21.76
C ALA I 238 -21.75 -13.83 -21.73
N GLY I 239 -21.12 -14.00 -22.90
CA GLY I 239 -19.77 -14.57 -22.93
C GLY I 239 -18.74 -13.69 -22.24
N GLN I 240 -18.80 -12.38 -22.49
CA GLN I 240 -17.86 -11.46 -21.86
C GLN I 240 -18.05 -11.46 -20.34
N ILE I 241 -19.30 -11.45 -19.90
CA ILE I 241 -19.61 -11.50 -18.47
C ILE I 241 -19.01 -12.74 -17.82
N LYS I 242 -19.17 -13.90 -18.46
CA LYS I 242 -18.63 -15.14 -17.93
C LYS I 242 -17.12 -15.05 -17.75
N LEU I 243 -16.41 -14.61 -18.80
CA LEU I 243 -14.93 -14.47 -18.72
C LEU I 243 -14.59 -13.54 -17.55
N MET I 244 -15.30 -12.42 -17.42
CA MET I 244 -15.02 -11.45 -16.37
C MET I 244 -15.29 -12.02 -14.98
N LEU I 245 -16.35 -12.83 -14.84
CA LEU I 245 -16.66 -13.41 -13.53
C LEU I 245 -15.54 -14.34 -13.08
N GLU I 246 -14.91 -15.05 -14.02
CA GLU I 246 -13.81 -15.93 -13.65
C GLU I 246 -12.54 -15.17 -13.28
N ASN I 247 -12.38 -13.93 -13.74
CA ASN I 247 -11.17 -13.16 -13.49
C ASN I 247 -11.48 -11.90 -12.67
N ARG I 248 -12.38 -12.05 -11.70
CA ARG I 248 -12.83 -10.92 -10.86
C ARG I 248 -11.66 -10.12 -10.30
N CYS I 249 -10.58 -10.82 -9.95
CA CYS I 249 -9.41 -10.18 -9.36
C CYS I 249 -8.70 -9.25 -10.35
N MET I 250 -8.70 -9.57 -11.64
CA MET I 250 -8.07 -8.70 -12.63
C MET I 250 -8.85 -7.39 -12.81
N VAL I 251 -10.18 -7.46 -12.74
CA VAL I 251 -11.03 -6.28 -12.86
C VAL I 251 -10.64 -5.24 -11.81
N ARG I 252 -10.40 -5.66 -10.58
CA ARG I 252 -10.02 -4.74 -9.51
C ARG I 252 -8.75 -3.95 -9.86
N ARG I 253 -7.74 -4.63 -10.41
CA ARG I 253 -6.43 -4.00 -10.59
C ARG I 253 -6.47 -2.86 -11.62
N LYS I 254 -7.34 -2.93 -12.63
CA LYS I 254 -7.40 -1.86 -13.61
C LYS I 254 -8.36 -0.75 -13.24
N GLY I 255 -9.24 -0.94 -12.27
CA GLY I 255 -10.15 0.10 -11.84
C GLY I 255 -9.55 1.00 -10.77
N PHE I 256 -10.34 2.02 -10.41
CA PHE I 256 -9.93 3.00 -9.41
C PHE I 256 -11.17 3.63 -8.78
N GLY I 257 -10.96 4.25 -7.63
CA GLY I 257 -12.03 4.91 -6.90
C GLY I 257 -11.76 6.39 -6.75
N ILE I 258 -12.83 7.20 -6.80
CA ILE I 258 -12.73 8.64 -6.62
C ILE I 258 -13.74 9.10 -5.56
N LEU I 259 -13.26 9.88 -4.60
CA LEU I 259 -14.10 10.46 -3.56
C LEU I 259 -14.94 11.60 -4.11
N ILE I 260 -16.26 11.49 -3.96
CA ILE I 260 -17.15 12.56 -4.42
C ILE I 260 -17.21 13.69 -3.40
N GLY I 261 -17.52 13.37 -2.15
CA GLY I 261 -17.57 14.36 -1.10
C GLY I 261 -18.42 13.86 0.05
N VAL I 262 -18.57 14.74 1.04
CA VAL I 262 -19.35 14.45 2.24
C VAL I 262 -20.60 15.31 2.24
N TYR I 263 -21.76 14.67 2.19
CA TYR I 263 -23.04 15.37 2.18
C TYR I 263 -23.82 14.90 3.40
N GLY I 264 -23.82 15.73 4.44
CA GLY I 264 -24.46 15.41 5.70
C GLY I 264 -23.81 14.24 6.41
N SER I 265 -24.60 13.19 6.67
CA SER I 265 -24.11 11.99 7.34
C SER I 265 -23.80 10.85 6.38
N SER I 266 -23.76 11.11 5.07
CA SER I 266 -23.45 10.09 4.09
C SER I 266 -22.19 10.43 3.31
N VAL I 267 -21.25 9.47 3.27
CA VAL I 267 -20.04 9.59 2.47
C VAL I 267 -20.33 9.02 1.09
N ILE I 268 -20.05 9.80 0.05
CA ILE I 268 -20.28 9.41 -1.33
C ILE I 268 -18.96 9.31 -2.08
N TYR I 269 -18.75 8.19 -2.77
CA TYR I 269 -17.57 7.98 -3.60
C TYR I 269 -18.01 7.23 -4.86
N MET I 270 -17.19 7.34 -5.91
CA MET I 270 -17.47 6.68 -7.18
C MET I 270 -16.35 5.71 -7.54
N VAL I 271 -16.74 4.59 -8.17
CA VAL I 271 -15.83 3.55 -8.63
C VAL I 271 -16.01 3.36 -10.12
N GLN I 272 -14.91 3.45 -10.87
CA GLN I 272 -14.93 3.20 -12.32
C GLN I 272 -14.49 1.76 -12.58
N LEU I 273 -15.43 0.93 -13.03
CA LEU I 273 -15.17 -0.46 -13.39
C LEU I 273 -14.82 -0.59 -14.88
N PRO I 274 -13.78 -1.36 -15.21
CA PRO I 274 -13.42 -1.55 -16.61
C PRO I 274 -14.48 -2.37 -17.37
N ILE I 275 -14.86 -1.88 -18.55
CA ILE I 275 -15.78 -2.58 -19.44
C ILE I 275 -14.95 -3.35 -20.47
N PHE I 276 -15.00 -4.68 -20.42
CA PHE I 276 -14.28 -5.51 -21.39
C PHE I 276 -15.18 -5.85 -22.58
N GLY I 277 -15.28 -4.90 -23.51
CA GLY I 277 -16.13 -5.07 -24.69
C GLY I 277 -15.54 -5.92 -25.80
N VAL I 278 -14.25 -6.22 -25.77
CA VAL I 278 -13.60 -7.07 -26.76
C VAL I 278 -12.80 -8.15 -26.01
N ILE I 279 -13.07 -9.42 -26.33
CA ILE I 279 -12.38 -10.54 -25.62
C ILE I 279 -11.93 -11.61 -26.62
N ASP I 280 -10.88 -12.37 -26.28
CA ASP I 280 -10.41 -13.51 -27.11
C ASP I 280 -10.14 -13.08 -28.57
N THR I 281 -9.19 -12.17 -28.79
CA THR I 281 -8.81 -11.84 -30.19
C THR I 281 -7.32 -12.08 -30.34
N PRO I 282 -6.85 -12.63 -31.48
CA PRO I 282 -5.44 -12.98 -31.63
C PRO I 282 -4.42 -11.94 -31.20
N CYS I 283 -3.69 -12.21 -30.11
CA CYS I 283 -2.59 -11.32 -29.73
C CYS I 283 -1.26 -12.03 -29.80
N TRP I 284 -0.21 -11.25 -30.03
CA TRP I 284 1.16 -11.76 -30.07
C TRP I 284 2.10 -10.71 -29.50
N ILE I 285 3.26 -11.17 -29.07
CA ILE I 285 4.30 -10.33 -28.49
C ILE I 285 5.59 -10.49 -29.28
N VAL I 286 6.26 -9.38 -29.55
CA VAL I 286 7.55 -9.37 -30.23
C VAL I 286 8.63 -8.93 -29.26
N LYS I 287 9.68 -9.73 -29.16
CA LYS I 287 10.87 -9.41 -28.37
C LYS I 287 12.08 -9.50 -29.28
N ALA I 288 13.07 -8.65 -29.00
CA ALA I 288 14.28 -8.61 -29.81
C ALA I 288 15.48 -8.29 -28.95
N ALA I 289 16.64 -8.69 -29.44
CA ALA I 289 17.93 -8.45 -28.81
C ALA I 289 18.85 -7.81 -29.83
N PRO I 290 19.92 -7.08 -29.42
CA PRO I 290 20.75 -6.36 -30.38
C PRO I 290 21.46 -7.31 -31.34
N SER I 291 21.29 -7.10 -32.64
CA SER I 291 22.01 -7.93 -33.65
C SER I 291 23.36 -7.27 -33.98
N CYS I 292 24.33 -7.37 -33.08
CA CYS I 292 25.65 -6.70 -33.29
C CYS I 292 26.44 -7.44 -34.38
N SER I 293 26.73 -6.77 -35.49
CA SER I 293 27.54 -7.39 -36.58
C SER I 293 28.87 -6.65 -36.73
N GLU I 294 29.99 -7.34 -36.49
CA GLU I 294 31.33 -6.69 -36.62
C GLU I 294 31.67 -6.53 -38.11
N LYS I 295 31.71 -5.30 -38.60
CA LYS I 295 32.01 -5.05 -40.04
C LYS I 295 33.16 -4.04 -40.12
N LYS I 296 34.32 -4.47 -40.63
CA LYS I 296 35.50 -3.58 -40.73
C LYS I 296 35.73 -2.88 -39.38
N GLY I 297 35.91 -3.67 -38.31
CA GLY I 297 36.20 -3.08 -36.98
C GLY I 297 35.03 -2.26 -36.47
N ASN I 298 33.82 -2.54 -36.96
CA ASN I 298 32.61 -1.83 -36.44
C ASN I 298 31.57 -2.87 -36.01
N TYR I 299 31.33 -2.97 -34.69
CA TYR I 299 30.34 -3.95 -34.16
C TYR I 299 28.95 -3.33 -34.22
N ALA I 300 28.72 -2.47 -35.22
CA ALA I 300 27.39 -1.81 -35.37
C ALA I 300 26.29 -2.84 -35.11
N CYS I 301 25.35 -2.51 -34.21
CA CYS I 301 24.27 -3.47 -33.86
C CYS I 301 22.93 -2.99 -34.42
N LEU I 302 22.03 -3.92 -34.72
CA LEU I 302 20.67 -3.55 -35.21
C LEU I 302 19.63 -4.04 -34.19
N LEU I 303 18.88 -3.13 -33.57
CA LEU I 303 17.92 -3.56 -32.51
C LEU I 303 16.51 -3.10 -32.85
N ARG I 304 15.57 -4.04 -33.04
CA ARG I 304 14.17 -3.70 -33.32
C ARG I 304 13.55 -3.07 -32.05
N GLU I 305 13.01 -1.85 -32.17
CA GLU I 305 12.40 -1.16 -31.01
C GLU I 305 10.89 -1.38 -31.04
N ASP I 306 10.38 -2.04 -32.09
CA ASP I 306 8.93 -2.31 -32.21
C ASP I 306 8.54 -3.45 -31.27
N GLN I 307 9.12 -3.47 -30.06
CA GLN I 307 8.83 -4.53 -29.10
C GLN I 307 7.62 -4.19 -28.25
N GLY I 308 6.86 -5.22 -27.89
CA GLY I 308 5.68 -5.07 -27.08
C GLY I 308 4.56 -5.94 -27.59
N TRP I 309 3.35 -5.64 -27.14
CA TRP I 309 2.17 -6.39 -27.53
C TRP I 309 1.44 -5.79 -28.72
N TYR I 310 0.97 -6.67 -29.60
CA TYR I 310 0.21 -6.33 -30.79
C TYR I 310 -1.01 -7.23 -30.86
N CYS I 311 -2.17 -6.65 -31.16
CA CYS I 311 -3.36 -7.48 -31.26
C CYS I 311 -4.18 -7.06 -32.48
N GLN I 312 -4.74 -8.04 -33.18
CA GLN I 312 -5.69 -7.76 -34.25
C GLN I 312 -7.07 -7.51 -33.66
N ASN I 313 -7.75 -6.48 -34.18
CA ASN I 313 -9.10 -6.18 -33.73
C ASN I 313 -9.89 -5.62 -34.90
N ALA I 314 -10.96 -6.31 -35.30
CA ALA I 314 -11.78 -5.90 -36.44
C ALA I 314 -10.93 -5.65 -37.67
N GLY I 315 -9.93 -6.49 -37.87
CA GLY I 315 -9.00 -6.39 -38.97
C GLY I 315 -7.93 -5.35 -38.82
N SER I 316 -7.97 -4.52 -37.78
CA SER I 316 -6.94 -3.53 -37.54
C SER I 316 -5.93 -4.09 -36.54
N THR I 317 -4.71 -3.58 -36.60
CA THR I 317 -3.66 -3.97 -35.67
C THR I 317 -3.49 -2.87 -34.63
N VAL I 318 -3.59 -3.23 -33.35
CA VAL I 318 -3.42 -2.29 -32.25
C VAL I 318 -2.10 -2.59 -31.56
N TYR I 319 -1.27 -1.55 -31.41
CA TYR I 319 0.02 -1.67 -30.76
C TYR I 319 0.00 -1.06 -29.36
N TYR I 320 0.52 -1.80 -28.38
CA TYR I 320 0.62 -1.35 -27.00
C TYR I 320 2.09 -1.18 -26.64
N PRO I 321 2.62 0.06 -26.68
CA PRO I 321 4.05 0.25 -26.43
C PRO I 321 4.48 0.35 -24.97
N CYS I 322 3.58 0.51 -24.00
CA CYS I 322 4.00 0.71 -22.62
C CYS I 322 3.86 -0.55 -21.78
N GLU I 323 4.91 -0.82 -21.00
CA GLU I 323 5.08 -2.04 -20.24
C GLU I 323 3.87 -2.34 -19.34
N LYS I 324 3.41 -1.33 -18.60
CA LYS I 324 2.34 -1.49 -17.63
C LYS I 324 0.95 -1.63 -18.23
N ASP I 325 0.79 -1.44 -19.54
CA ASP I 325 -0.53 -1.50 -20.14
C ASP I 325 -0.98 -2.92 -20.52
N CYS I 326 -0.07 -3.88 -20.55
CA CYS I 326 -0.43 -5.26 -20.86
C CYS I 326 0.14 -6.21 -19.81
N GLU I 327 -0.70 -7.10 -19.31
CA GLU I 327 -0.33 -8.07 -18.28
C GLU I 327 -0.87 -9.43 -18.68
N THR I 328 -0.03 -10.46 -18.56
CA THR I 328 -0.40 -11.83 -18.89
C THR I 328 -0.97 -12.62 -17.72
N ARG I 329 -1.93 -13.49 -18.03
CA ARG I 329 -2.49 -14.50 -17.12
C ARG I 329 -2.74 -15.72 -18.02
N GLY I 330 -1.74 -16.59 -18.12
CA GLY I 330 -1.88 -17.72 -19.03
C GLY I 330 -1.79 -17.24 -20.46
N ASP I 331 -2.69 -17.77 -21.30
CA ASP I 331 -2.74 -17.37 -22.70
C ASP I 331 -3.37 -16.00 -22.90
N HIS I 332 -3.92 -15.45 -21.82
CA HIS I 332 -4.66 -14.15 -21.92
C HIS I 332 -3.78 -12.96 -21.55
N VAL I 333 -3.78 -11.92 -22.39
CA VAL I 333 -3.04 -10.69 -22.14
C VAL I 333 -4.08 -9.58 -22.00
N PHE I 334 -4.09 -8.93 -20.84
CA PHE I 334 -5.04 -7.84 -20.55
C PHE I 334 -4.38 -6.53 -20.97
N CYS I 335 -4.92 -5.89 -22.00
CA CYS I 335 -4.42 -4.63 -22.49
C CYS I 335 -5.54 -3.59 -22.50
N ASP I 336 -5.17 -2.33 -22.24
CA ASP I 336 -6.13 -1.23 -22.20
C ASP I 336 -6.20 -0.56 -23.57
N THR I 337 -7.36 -0.66 -24.23
CA THR I 337 -7.51 -0.09 -25.57
C THR I 337 -7.19 1.39 -25.60
N ALA I 338 -7.35 2.09 -24.47
CA ALA I 338 -7.05 3.52 -24.44
C ALA I 338 -5.56 3.78 -24.58
N ALA I 339 -4.74 2.76 -24.37
CA ALA I 339 -3.29 2.84 -24.53
C ALA I 339 -2.83 2.41 -25.91
N GLY I 340 -3.73 1.89 -26.74
CA GLY I 340 -3.36 1.41 -28.05
C GLY I 340 -3.24 2.50 -29.09
N ILE I 341 -2.32 2.26 -30.03
CA ILE I 341 -2.10 3.10 -31.19
C ILE I 341 -2.31 2.23 -32.42
N ASN I 342 -3.23 2.63 -33.28
CA ASN I 342 -3.50 1.83 -34.47
C ASN I 342 -2.34 1.91 -35.44
N VAL I 343 -1.89 0.74 -35.88
CA VAL I 343 -0.81 0.60 -36.85
C VAL I 343 -1.34 -0.16 -38.06
N ALA I 344 -0.75 0.11 -39.21
CA ALA I 344 -1.19 -0.54 -40.43
C ALA I 344 -0.90 -2.05 -40.36
N GLU I 345 -1.74 -2.82 -41.06
CA GLU I 345 -1.59 -4.27 -41.10
C GLU I 345 -0.21 -4.67 -41.60
N GLN I 346 0.35 -3.88 -42.52
CA GLN I 346 1.66 -4.14 -43.08
C GLN I 346 2.76 -4.21 -42.03
N SER I 347 2.53 -3.65 -40.83
CA SER I 347 3.54 -3.72 -39.77
C SER I 347 3.89 -5.17 -39.44
N LYS I 348 2.98 -6.11 -39.67
CA LYS I 348 3.29 -7.51 -39.43
C LYS I 348 4.38 -8.03 -40.37
N GLU I 349 4.55 -7.39 -41.53
CA GLU I 349 5.58 -7.80 -42.49
C GLU I 349 6.99 -7.68 -41.92
N CYS I 350 7.19 -6.83 -40.90
CA CYS I 350 8.49 -6.72 -40.26
C CYS I 350 8.93 -8.04 -39.63
N ASN I 351 7.99 -8.94 -39.39
CA ASN I 351 8.27 -10.27 -38.86
C ASN I 351 8.42 -11.32 -39.95
N ILE I 352 8.19 -10.96 -41.21
CA ILE I 352 8.22 -11.90 -42.32
C ILE I 352 9.38 -11.60 -43.27
N ASN I 353 9.48 -10.37 -43.75
CA ASN I 353 10.51 -10.01 -44.73
C ASN I 353 10.95 -8.57 -44.50
N ILE I 354 11.36 -8.29 -43.25
CA ILE I 354 11.76 -6.90 -42.88
C ILE I 354 12.77 -6.35 -43.88
N SER I 355 13.65 -7.19 -44.43
CA SER I 355 14.69 -6.67 -45.31
C SER I 355 14.17 -6.20 -46.66
N THR I 356 13.01 -6.66 -47.11
CA THR I 356 12.49 -6.28 -48.41
C THR I 356 11.15 -5.57 -48.36
N THR I 357 10.47 -5.55 -47.22
CA THR I 357 9.19 -4.88 -47.11
C THR I 357 9.31 -3.37 -47.31
N ASN I 358 8.29 -2.80 -47.93
CA ASN I 358 8.18 -1.35 -48.12
C ASN I 358 7.69 -0.62 -46.88
N TYR I 359 7.31 -1.34 -45.84
CA TYR I 359 6.82 -0.77 -44.59
C TYR I 359 7.98 -0.19 -43.78
N PRO I 360 7.85 1.00 -43.14
CA PRO I 360 8.92 1.50 -42.29
C PRO I 360 8.92 0.85 -40.89
N CYS I 361 9.80 -0.13 -40.68
CA CYS I 361 9.83 -0.85 -39.37
C CYS I 361 10.64 -0.03 -38.35
N LYS I 362 10.25 -0.08 -37.08
CA LYS I 362 10.95 0.72 -36.03
C LYS I 362 12.14 -0.07 -35.47
N VAL I 363 13.36 0.45 -35.68
CA VAL I 363 14.59 -0.25 -35.21
C VAL I 363 15.60 0.80 -34.70
N SER I 364 16.85 0.38 -34.44
CA SER I 364 17.91 1.33 -33.98
C SER I 364 19.26 0.87 -34.56
N CYS I 365 20.17 1.82 -34.82
CA CYS I 365 21.46 1.46 -35.45
C CYS I 365 22.63 2.09 -34.67
N GLY I 366 23.15 1.36 -33.67
CA GLY I 366 24.26 1.88 -32.85
C GLY I 366 25.45 0.93 -32.89
N ARG I 367 26.65 1.48 -33.10
CA ARG I 367 27.88 0.63 -33.19
C ARG I 367 28.11 -0.08 -31.85
N HIS I 368 27.89 0.62 -30.73
CA HIS I 368 28.15 0.02 -29.40
C HIS I 368 27.59 -1.40 -29.32
N PRO I 369 28.43 -2.44 -29.10
CA PRO I 369 27.94 -3.80 -28.94
C PRO I 369 27.31 -4.00 -27.58
N ILE I 370 26.17 -4.69 -27.53
CA ILE I 370 25.43 -4.89 -26.25
C ILE I 370 25.15 -6.39 -26.05
N SER I 371 25.77 -7.00 -25.04
CA SER I 371 25.49 -8.40 -24.73
C SER I 371 24.40 -8.46 -23.67
N MET I 372 23.36 -9.25 -23.92
CA MET I 372 22.24 -9.31 -22.99
C MET I 372 21.38 -10.54 -23.28
N VAL I 373 20.56 -10.89 -22.30
CA VAL I 373 19.58 -11.96 -22.40
C VAL I 373 18.19 -11.36 -22.41
N ALA I 374 17.40 -11.71 -23.42
CA ALA I 374 16.00 -11.28 -23.51
C ALA I 374 15.13 -12.52 -23.35
N LEU I 375 14.61 -12.71 -22.14
CA LEU I 375 13.76 -13.86 -21.85
C LEU I 375 12.41 -13.72 -22.55
N SER I 376 12.04 -14.75 -23.29
CA SER I 376 10.76 -14.82 -23.97
C SER I 376 9.86 -15.84 -23.27
N PRO I 377 8.57 -15.87 -23.59
CA PRO I 377 7.68 -16.86 -22.97
C PRO I 377 8.11 -18.31 -23.17
N LEU I 378 8.64 -18.65 -24.34
CA LEU I 378 9.03 -20.03 -24.61
C LEU I 378 10.53 -20.22 -24.79
N GLY I 379 11.34 -19.22 -24.46
CA GLY I 379 12.78 -19.36 -24.59
C GLY I 379 13.54 -18.10 -24.22
N ALA I 380 14.70 -17.89 -24.82
CA ALA I 380 15.46 -16.67 -24.57
C ALA I 380 16.37 -16.38 -25.74
N LEU I 381 16.54 -15.09 -26.04
CA LEU I 381 17.52 -14.63 -27.02
C LEU I 381 18.80 -14.34 -26.26
N VAL I 382 19.91 -14.90 -26.72
CA VAL I 382 21.21 -14.71 -26.09
C VAL I 382 22.16 -14.03 -27.05
N ALA I 383 22.42 -12.75 -26.82
CA ALA I 383 23.35 -11.97 -27.63
C ALA I 383 24.73 -12.13 -26.99
N CYS I 384 25.59 -12.91 -27.65
CA CYS I 384 26.95 -13.17 -27.10
C CYS I 384 28.00 -12.65 -28.10
N TYR I 385 29.00 -11.91 -27.61
CA TYR I 385 30.01 -11.30 -28.53
C TYR I 385 31.41 -11.45 -27.92
N LYS I 386 32.44 -11.25 -28.75
CA LYS I 386 33.85 -11.40 -28.28
C LYS I 386 34.05 -10.58 -26.99
N GLY I 387 34.64 -11.18 -25.96
CA GLY I 387 34.90 -10.47 -24.70
C GLY I 387 34.11 -11.07 -23.56
N VAL I 388 32.87 -11.51 -23.82
CA VAL I 388 32.03 -12.08 -22.78
C VAL I 388 31.97 -13.59 -22.96
N SER I 389 31.83 -14.30 -21.85
CA SER I 389 31.71 -15.75 -21.84
C SER I 389 30.24 -16.12 -21.65
N CYS I 390 29.72 -16.94 -22.55
CA CYS I 390 28.32 -17.36 -22.52
C CYS I 390 28.21 -18.87 -22.51
N SER I 391 27.35 -19.41 -21.66
CA SER I 391 27.12 -20.84 -21.62
C SER I 391 25.69 -21.11 -21.19
N ILE I 392 25.20 -22.29 -21.53
CA ILE I 392 23.88 -22.76 -21.14
C ILE I 392 24.06 -23.97 -20.23
N GLY I 393 23.15 -24.14 -19.28
CA GLY I 393 23.27 -25.28 -18.41
C GLY I 393 21.96 -25.77 -17.82
N SER I 394 22.03 -26.97 -17.27
CA SER I 394 20.91 -27.63 -16.62
C SER I 394 21.30 -28.00 -15.20
N ASN I 395 20.28 -28.20 -14.35
CA ASN I 395 20.53 -28.64 -12.99
C ASN I 395 21.17 -30.03 -12.92
N ARG I 396 21.02 -30.82 -13.99
CA ARG I 396 21.51 -32.19 -14.04
C ARG I 396 22.93 -32.30 -14.58
N VAL I 397 23.28 -31.52 -15.60
CA VAL I 397 24.60 -31.57 -16.21
C VAL I 397 25.46 -30.37 -15.85
N GLY I 398 24.89 -29.31 -15.30
CA GLY I 398 25.66 -28.10 -15.05
C GLY I 398 25.92 -27.43 -16.39
N ILE I 399 27.17 -27.08 -16.67
CA ILE I 399 27.48 -26.51 -17.98
C ILE I 399 27.41 -27.61 -19.02
N ILE I 400 26.63 -27.38 -20.07
CA ILE I 400 26.48 -28.37 -21.13
C ILE I 400 27.39 -28.08 -22.31
N LYS I 401 27.32 -26.87 -22.86
CA LYS I 401 28.18 -26.48 -23.96
C LYS I 401 28.33 -24.97 -23.97
N GLN I 402 29.46 -24.50 -24.50
CA GLN I 402 29.63 -23.07 -24.71
C GLN I 402 28.88 -22.67 -25.98
N LEU I 403 28.37 -21.44 -25.99
CA LEU I 403 27.65 -20.93 -27.14
C LEU I 403 28.58 -20.12 -28.04
N ASN I 404 28.36 -20.24 -29.35
CA ASN I 404 29.16 -19.47 -30.29
C ASN I 404 28.79 -18.00 -30.22
N LYS I 405 29.71 -17.15 -30.67
CA LYS I 405 29.47 -15.73 -30.69
C LYS I 405 28.35 -15.38 -31.67
N GLY I 406 27.58 -14.36 -31.33
CA GLY I 406 26.45 -13.92 -32.12
C GLY I 406 25.13 -14.12 -31.40
N CYS I 407 24.05 -14.00 -32.17
CA CYS I 407 22.72 -14.20 -31.61
C CYS I 407 22.37 -15.68 -31.62
N SER I 408 22.04 -16.22 -30.45
CA SER I 408 21.66 -17.61 -30.30
C SER I 408 20.31 -17.71 -29.61
N TYR I 409 19.47 -18.63 -30.10
CA TYR I 409 18.18 -18.90 -29.48
C TYR I 409 18.28 -20.24 -28.75
N ILE I 410 17.90 -20.25 -27.49
CA ILE I 410 17.96 -21.47 -26.67
C ILE I 410 16.56 -21.85 -26.23
N THR I 411 16.15 -23.08 -26.56
CA THR I 411 14.86 -23.59 -26.13
C THR I 411 14.94 -24.03 -24.67
N ASN I 412 13.79 -24.00 -23.99
CA ASN I 412 13.77 -24.41 -22.58
C ASN I 412 13.91 -25.93 -22.42
N GLN I 413 13.94 -26.67 -23.52
CA GLN I 413 14.16 -28.12 -23.49
C GLN I 413 15.62 -28.48 -23.60
N ASP I 414 16.41 -27.67 -24.32
CA ASP I 414 17.83 -27.95 -24.49
C ASP I 414 18.61 -27.70 -23.21
N ALA I 415 18.15 -26.79 -22.36
CA ALA I 415 18.83 -26.46 -21.12
C ALA I 415 17.81 -25.92 -20.13
N ASP I 416 18.17 -25.96 -18.86
CA ASP I 416 17.34 -25.38 -17.82
C ASP I 416 17.73 -23.95 -17.47
N THR I 417 19.01 -23.58 -17.59
CA THR I 417 19.45 -22.25 -17.23
C THR I 417 20.47 -21.76 -18.24
N VAL I 418 20.56 -20.44 -18.39
CA VAL I 418 21.53 -19.77 -19.23
C VAL I 418 22.45 -18.96 -18.34
N THR I 419 23.75 -19.03 -18.61
CA THR I 419 24.73 -18.28 -17.83
C THR I 419 25.56 -17.39 -18.75
N ILE I 420 25.60 -16.10 -18.41
CA ILE I 420 26.41 -15.13 -19.12
C ILE I 420 27.46 -14.67 -18.13
N ASP I 421 28.73 -14.99 -18.41
CA ASP I 421 29.81 -14.71 -17.47
C ASP I 421 29.42 -15.26 -16.11
N ASN I 422 29.21 -14.38 -15.14
CA ASN I 422 28.76 -14.79 -13.82
C ASN I 422 27.25 -14.64 -13.62
N THR I 423 26.53 -14.09 -14.61
CA THR I 423 25.10 -13.82 -14.47
C THR I 423 24.30 -15.03 -14.94
N VAL I 424 23.52 -15.62 -14.04
CA VAL I 424 22.67 -16.77 -14.34
C VAL I 424 21.23 -16.31 -14.54
N TYR I 425 20.64 -16.69 -15.68
CA TYR I 425 19.24 -16.40 -16.00
C TYR I 425 18.43 -17.70 -15.95
N GLN I 426 17.36 -17.70 -15.15
CA GLN I 426 16.50 -18.88 -15.05
C GLN I 426 15.58 -18.94 -16.26
N LEU I 427 15.57 -20.10 -16.94
CA LEU I 427 14.68 -20.28 -18.08
C LEU I 427 13.26 -20.65 -17.68
N SER I 428 12.33 -20.26 -18.55
CA SER I 428 10.91 -20.56 -18.40
C SER I 428 10.64 -22.06 -18.52
N LYS I 429 9.55 -22.51 -17.88
CA LYS I 429 9.12 -23.90 -17.96
C LYS I 429 7.76 -24.03 -18.65
N VAL I 430 7.33 -23.00 -19.39
CA VAL I 430 6.12 -23.08 -20.19
C VAL I 430 6.30 -24.10 -21.31
N GLU I 431 5.22 -24.82 -21.63
CA GLU I 431 5.23 -25.80 -22.72
C GLU I 431 4.68 -25.20 -24.00
N GLY I 432 5.27 -25.58 -25.12
CA GLY I 432 4.84 -25.06 -26.40
C GLY I 432 5.78 -25.47 -27.52
N GLU I 433 5.39 -25.06 -28.73
CA GLU I 433 6.12 -25.39 -29.95
C GLU I 433 7.16 -24.32 -30.27
N GLN I 434 8.33 -24.77 -30.72
CA GLN I 434 9.40 -23.86 -31.10
C GLN I 434 9.76 -24.09 -32.57
N HIS I 435 9.90 -23.00 -33.32
CA HIS I 435 10.25 -23.04 -34.73
C HIS I 435 11.36 -22.03 -35.03
N VAL I 436 12.23 -22.39 -35.97
CA VAL I 436 13.30 -21.51 -36.42
C VAL I 436 13.04 -21.11 -37.87
N ILE I 437 12.91 -19.81 -38.11
CA ILE I 437 12.76 -19.27 -39.45
C ILE I 437 14.14 -18.79 -39.88
N LYS I 438 14.83 -19.61 -40.66
CA LYS I 438 16.19 -19.30 -41.08
C LYS I 438 16.24 -18.09 -42.00
N GLY I 439 17.30 -17.30 -41.85
CA GLY I 439 17.51 -16.12 -42.68
C GLY I 439 18.85 -15.46 -42.39
N ARG I 440 19.45 -14.86 -43.42
CA ARG I 440 20.70 -14.15 -43.23
C ARG I 440 20.47 -12.86 -42.46
N PRO I 441 21.18 -12.58 -41.34
CA PRO I 441 20.89 -11.40 -40.54
C PRO I 441 20.94 -10.12 -41.37
N VAL I 442 19.92 -9.26 -41.24
CA VAL I 442 19.91 -7.96 -41.96
C VAL I 442 21.10 -7.14 -41.44
N SER I 443 21.47 -7.33 -40.17
CA SER I 443 22.58 -6.56 -39.57
C SER I 443 23.87 -6.73 -40.37
N SER I 444 24.03 -7.89 -41.03
CA SER I 444 25.22 -8.13 -41.88
C SER I 444 25.33 -7.02 -42.93
N SER I 445 24.20 -6.49 -43.40
CA SER I 445 24.21 -5.44 -44.45
C SER I 445 23.47 -4.19 -43.98
N PHE I 446 23.04 -4.16 -42.71
CA PHE I 446 22.24 -3.00 -42.21
C PHE I 446 23.12 -1.74 -42.24
N ASP I 447 24.41 -1.89 -41.92
CA ASP I 447 25.35 -0.73 -41.95
C ASP I 447 26.54 -1.06 -42.85
N PRO I 448 26.71 -0.37 -44.00
CA PRO I 448 27.88 -0.59 -44.85
C PRO I 448 29.07 0.14 -44.24
N VAL I 449 29.28 -0.06 -42.93
CA VAL I 449 30.38 0.66 -42.22
C VAL I 449 30.41 2.10 -42.75
N LYS I 450 29.25 2.76 -42.82
CA LYS I 450 29.18 4.13 -43.39
C LYS I 450 28.60 5.08 -42.33
N PHE I 451 29.46 5.75 -41.56
CA PHE I 451 29.01 6.72 -40.52
C PHE I 451 27.68 6.25 -39.90
N PRO I 452 27.67 5.16 -39.10
CA PRO I 452 26.44 4.73 -38.45
C PRO I 452 25.82 5.86 -37.66
N GLN I 453 26.64 6.83 -37.22
CA GLN I 453 26.13 8.00 -36.46
C GLN I 453 25.36 7.52 -35.21
N ASP I 454 25.74 6.34 -34.68
CA ASP I 454 25.05 5.78 -33.48
C ASP I 454 23.57 6.17 -33.53
N GLN I 455 22.93 6.05 -34.71
CA GLN I 455 21.51 6.47 -34.83
C GLN I 455 20.65 5.74 -33.79
N PHE I 456 19.60 6.41 -33.29
CA PHE I 456 18.70 5.80 -32.28
C PHE I 456 17.24 5.98 -32.71
N ASN I 457 16.42 4.95 -32.50
CA ASN I 457 14.98 5.01 -32.88
C ASN I 457 14.88 5.57 -34.30
N VAL I 458 15.51 4.89 -35.27
CA VAL I 458 15.53 5.38 -36.67
C VAL I 458 15.05 4.26 -37.60
N ALA I 459 14.73 4.59 -38.86
CA ALA I 459 14.32 3.55 -39.84
C ALA I 459 15.58 2.90 -40.42
N LEU I 460 15.45 1.65 -40.90
CA LEU I 460 16.64 0.92 -41.43
C LEU I 460 17.21 1.68 -42.64
N ASP I 461 16.34 2.28 -43.45
CA ASP I 461 16.82 2.98 -44.69
C ASP I 461 17.84 4.05 -44.31
N GLN I 462 17.59 4.77 -43.22
CA GLN I 462 18.54 5.82 -42.76
C GLN I 462 19.92 5.17 -42.53
N CYS I 463 19.94 4.02 -41.87
CA CYS I 463 21.21 3.31 -41.58
C CYS I 463 21.80 2.76 -42.89
N PHE I 464 20.97 2.17 -43.74
CA PHE I 464 21.44 1.62 -45.04
C PHE I 464 22.29 2.69 -45.73
#